data_8PX5
# 
_entry.id   8PX5 
# 
_audit_conform.dict_name       mmcif_pdbx.dic 
_audit_conform.dict_version    5.380 
_audit_conform.dict_location   http://mmcif.pdb.org/dictionaries/ascii/mmcif_pdbx.dic 
# 
loop_
_database_2.database_id 
_database_2.database_code 
_database_2.pdbx_database_accession 
_database_2.pdbx_DOI 
PDB   8PX5         pdb_00008px5 10.2210/pdb8px5/pdb 
WWPDB D_1292132132 ?            ?                   
# 
_pdbx_database_status.status_code                     REL 
_pdbx_database_status.status_code_sf                  REL 
_pdbx_database_status.status_code_mr                  ? 
_pdbx_database_status.entry_id                        8PX5 
_pdbx_database_status.recvd_initial_deposition_date   2023-07-22 
_pdbx_database_status.SG_entry                        N 
_pdbx_database_status.deposit_site                    PDBE 
_pdbx_database_status.process_site                    PDBE 
_pdbx_database_status.status_code_cs                  ? 
_pdbx_database_status.status_code_nmr_data            ? 
_pdbx_database_status.methods_development_category    ? 
_pdbx_database_status.pdb_format_compatible           Y 
# 
loop_
_audit_author.name 
_audit_author.pdbx_ordinal 
_audit_author.identifier_ORCID 
'El Omari, K.'  1 0000-0003-3506-6045 
'Duman, R.'     2 0000-0002-3566-8698 
'Mykhaylyk, V.' 3 0000-0003-0106-2724 
'Orr, C.'       4 0000-0002-6137-8969 
'Wittmann, S.'  5 ?                   
'Renner, M.'    6 ?                   
'Grimes, J.M.'  7 ?                   
'Wagner, A.'    8 0000-0001-8995-7324 
# 
_citation.abstract                  ? 
_citation.abstract_id_CAS           ? 
_citation.book_id_ISBN              ? 
_citation.book_publisher            ? 
_citation.book_publisher_city       ? 
_citation.book_title                ? 
_citation.coordinate_linkage        ? 
_citation.country                   UK 
_citation.database_id_Medline       ? 
_citation.details                   ? 
_citation.id                        primary 
_citation.journal_abbrev            'Commun Chem' 
_citation.journal_id_ASTM           ? 
_citation.journal_id_CSD            ? 
_citation.journal_id_ISSN           2399-3669 
_citation.journal_full              ? 
_citation.journal_issue             ? 
_citation.journal_volume            6 
_citation.language                  ? 
_citation.page_first                219 
_citation.page_last                 219 
_citation.title                     
'Experimental phasing opportunities for macromolecular crystallography at very long wavelengths.' 
_citation.year                      2023 
_citation.database_id_CSD           ? 
_citation.pdbx_database_id_DOI      10.1038/s42004-023-01014-0 
_citation.pdbx_database_id_PubMed   37828292 
_citation.pdbx_database_id_patent   ? 
_citation.unpublished_flag          ? 
# 
loop_
_citation_author.citation_id 
_citation_author.name 
_citation_author.ordinal 
_citation_author.identifier_ORCID 
primary 'El Omari, K.'      1  0000-0003-3506-6045 
primary 'Duman, R.'         2  ?                   
primary 'Mykhaylyk, V.'     3  0000-0003-0106-2724 
primary 'Orr, C.M.'         4  0000-0002-6137-8969 
primary 'Latimer-Smith, M.' 5  ?                   
primary 'Winter, G.'        6  ?                   
primary 'Grama, V.'         7  ?                   
primary 'Qu, F.'            8  ?                   
primary 'Bountra, K.'       9  ?                   
primary 'Kwong, H.S.'       10 ?                   
primary 'Romano, M.'        11 0000-0001-8901-3630 
primary 'Reis, R.I.'        12 ?                   
primary 'Vogeley, L.'       13 ?                   
primary 'Vecchia, L.'       14 0000-0003-0531-3180 
primary 'Owen, C.D.'        15 ?                   
primary 'Wittmann, S.'      16 ?                   
primary 'Renner, M.'        17 ?                   
primary 'Senda, M.'         18 0000-0003-3863-4503 
primary 'Matsugaki, N.'     19 ?                   
primary 'Kawano, Y.'        20 0000-0003-3264-3783 
primary 'Bowden, T.A.'      21 0000-0002-8066-8785 
primary 'Moraes, I.'        22 0000-0002-7427-5467 
primary 'Grimes, J.M.'      23 0000-0001-9698-0389 
primary 'Mancini, E.J.'     24 ?                   
primary 'Walsh, M.A.'       25 0000-0001-5683-1151 
primary 'Guzzo, C.R.'       26 0000-0002-5664-8055 
primary 'Owens, R.J.'       27 0000-0002-3705-2993 
primary 'Jones, E.Y.'       28 ?                   
primary 'Brown, D.G.'       29 0000-0003-4605-4779 
primary 'Stuart, D.I.'      30 0000-0002-3426-4210 
primary 'Beis, K.'          31 0000-0001-5727-4721 
primary 'Wagner, A.'        32 0000-0001-8995-7324 
# 
_cell.angle_alpha                  90.00 
_cell.angle_alpha_esd              ? 
_cell.angle_beta                   99.00 
_cell.angle_beta_esd               ? 
_cell.angle_gamma                  90.00 
_cell.angle_gamma_esd              ? 
_cell.entry_id                     8PX5 
_cell.details                      ? 
_cell.formula_units_Z              ? 
_cell.length_a                     111.100 
_cell.length_a_esd                 ? 
_cell.length_b                     46.900 
_cell.length_b_esd                 ? 
_cell.length_c                     32.300 
_cell.length_c_esd                 ? 
_cell.volume                       ? 
_cell.volume_esd                   ? 
_cell.Z_PDB                        4 
_cell.reciprocal_angle_alpha       ? 
_cell.reciprocal_angle_beta        ? 
_cell.reciprocal_angle_gamma       ? 
_cell.reciprocal_angle_alpha_esd   ? 
_cell.reciprocal_angle_beta_esd    ? 
_cell.reciprocal_angle_gamma_esd   ? 
_cell.reciprocal_length_a          ? 
_cell.reciprocal_length_b          ? 
_cell.reciprocal_length_c          ? 
_cell.reciprocal_length_a_esd      ? 
_cell.reciprocal_length_b_esd      ? 
_cell.reciprocal_length_c_esd      ? 
_cell.pdbx_unique_axis             ? 
_cell.pdbx_esd_method              ? 
# 
_symmetry.entry_id                         8PX5 
_symmetry.cell_setting                     ? 
_symmetry.Int_Tables_number                5 
_symmetry.space_group_name_Hall            ? 
_symmetry.space_group_name_H-M             'C 1 2 1' 
_symmetry.pdbx_full_space_group_name_H-M   ? 
# 
loop_
_entity.id 
_entity.type 
_entity.src_method 
_entity.pdbx_description 
_entity.formula_weight 
_entity.pdbx_number_of_molecules 
_entity.pdbx_ec 
_entity.pdbx_mutation 
_entity.pdbx_fragment 
_entity.details 
1 polymer man 'Rpb7-binding protein seb1' 17377.832 1  ? ? ? ? 
2 water   nat water                       18.015    85 ? ? ? ? 
# 
_entity_poly.entity_id                      1 
_entity_poly.type                           'polypeptide(L)' 
_entity_poly.nstd_linkage                   no 
_entity_poly.nstd_monomer                   no 
_entity_poly.pdbx_seq_one_letter_code       
;GPGTRRFERDPTIPPDSIKVYSRTLFLGGITRSVREPVLRSMFERFGSVQSLILNHNYRHGFLKMFRRDAAEKAQVAMEN
VPFADTTIRTKWGVGFGPRECSDFSTGISVIPIRLLTDADRTWLVTAEYGGTGGLPITPGIALDEPDIEIGLGISSK
;
_entity_poly.pdbx_seq_one_letter_code_can   
;GPGTRRFERDPTIPPDSIKVYSRTLFLGGITRSVREPVLRSMFERFGSVQSLILNHNYRHGFLKMFRRDAAEKAQVAMEN
VPFADTTIRTKWGVGFGPRECSDFSTGISVIPIRLLTDADRTWLVTAEYGGTGGLPITPGIALDEPDIEIGLGISSK
;
_entity_poly.pdbx_strand_id                 A 
_entity_poly.pdbx_target_identifier         ? 
# 
loop_
_entity_poly_seq.entity_id 
_entity_poly_seq.num 
_entity_poly_seq.mon_id 
_entity_poly_seq.hetero 
1 1   GLY n 
1 2   PRO n 
1 3   GLY n 
1 4   THR n 
1 5   ARG n 
1 6   ARG n 
1 7   PHE n 
1 8   GLU n 
1 9   ARG n 
1 10  ASP n 
1 11  PRO n 
1 12  THR n 
1 13  ILE n 
1 14  PRO n 
1 15  PRO n 
1 16  ASP n 
1 17  SER n 
1 18  ILE n 
1 19  LYS n 
1 20  VAL n 
1 21  TYR n 
1 22  SER n 
1 23  ARG n 
1 24  THR n 
1 25  LEU n 
1 26  PHE n 
1 27  LEU n 
1 28  GLY n 
1 29  GLY n 
1 30  ILE n 
1 31  THR n 
1 32  ARG n 
1 33  SER n 
1 34  VAL n 
1 35  ARG n 
1 36  GLU n 
1 37  PRO n 
1 38  VAL n 
1 39  LEU n 
1 40  ARG n 
1 41  SER n 
1 42  MET n 
1 43  PHE n 
1 44  GLU n 
1 45  ARG n 
1 46  PHE n 
1 47  GLY n 
1 48  SER n 
1 49  VAL n 
1 50  GLN n 
1 51  SER n 
1 52  LEU n 
1 53  ILE n 
1 54  LEU n 
1 55  ASN n 
1 56  HIS n 
1 57  ASN n 
1 58  TYR n 
1 59  ARG n 
1 60  HIS n 
1 61  GLY n 
1 62  PHE n 
1 63  LEU n 
1 64  LYS n 
1 65  MET n 
1 66  PHE n 
1 67  ARG n 
1 68  ARG n 
1 69  ASP n 
1 70  ALA n 
1 71  ALA n 
1 72  GLU n 
1 73  LYS n 
1 74  ALA n 
1 75  GLN n 
1 76  VAL n 
1 77  ALA n 
1 78  MET n 
1 79  GLU n 
1 80  ASN n 
1 81  VAL n 
1 82  PRO n 
1 83  PHE n 
1 84  ALA n 
1 85  ASP n 
1 86  THR n 
1 87  THR n 
1 88  ILE n 
1 89  ARG n 
1 90  THR n 
1 91  LYS n 
1 92  TRP n 
1 93  GLY n 
1 94  VAL n 
1 95  GLY n 
1 96  PHE n 
1 97  GLY n 
1 98  PRO n 
1 99  ARG n 
1 100 GLU n 
1 101 CYS n 
1 102 SER n 
1 103 ASP n 
1 104 PHE n 
1 105 SER n 
1 106 THR n 
1 107 GLY n 
1 108 ILE n 
1 109 SER n 
1 110 VAL n 
1 111 ILE n 
1 112 PRO n 
1 113 ILE n 
1 114 ARG n 
1 115 LEU n 
1 116 LEU n 
1 117 THR n 
1 118 ASP n 
1 119 ALA n 
1 120 ASP n 
1 121 ARG n 
1 122 THR n 
1 123 TRP n 
1 124 LEU n 
1 125 VAL n 
1 126 THR n 
1 127 ALA n 
1 128 GLU n 
1 129 TYR n 
1 130 GLY n 
1 131 GLY n 
1 132 THR n 
1 133 GLY n 
1 134 GLY n 
1 135 LEU n 
1 136 PRO n 
1 137 ILE n 
1 138 THR n 
1 139 PRO n 
1 140 GLY n 
1 141 ILE n 
1 142 ALA n 
1 143 LEU n 
1 144 ASP n 
1 145 GLU n 
1 146 PRO n 
1 147 ASP n 
1 148 ILE n 
1 149 GLU n 
1 150 ILE n 
1 151 GLY n 
1 152 LEU n 
1 153 GLY n 
1 154 ILE n 
1 155 SER n 
1 156 SER n 
1 157 LYS n 
# 
_entity_src_gen.entity_id                          1 
_entity_src_gen.pdbx_src_id                        1 
_entity_src_gen.pdbx_alt_source_flag               sample 
_entity_src_gen.pdbx_seq_type                      'Biological sequence' 
_entity_src_gen.pdbx_beg_seq_num                   1 
_entity_src_gen.pdbx_end_seq_num                   157 
_entity_src_gen.gene_src_common_name               ? 
_entity_src_gen.gene_src_genus                     ? 
_entity_src_gen.pdbx_gene_src_gene                 'seb1, SPAC222.09' 
_entity_src_gen.gene_src_species                   ? 
_entity_src_gen.gene_src_strain                    ? 
_entity_src_gen.gene_src_tissue                    ? 
_entity_src_gen.gene_src_tissue_fraction           ? 
_entity_src_gen.gene_src_details                   ? 
_entity_src_gen.pdbx_gene_src_fragment             ? 
_entity_src_gen.pdbx_gene_src_scientific_name      'Schizosaccharomyces pombe 972h-' 
_entity_src_gen.pdbx_gene_src_ncbi_taxonomy_id     284812 
_entity_src_gen.pdbx_gene_src_variant              ? 
_entity_src_gen.pdbx_gene_src_cell_line            ? 
_entity_src_gen.pdbx_gene_src_atcc                 ? 
_entity_src_gen.pdbx_gene_src_organ                ? 
_entity_src_gen.pdbx_gene_src_organelle            ? 
_entity_src_gen.pdbx_gene_src_cell                 ? 
_entity_src_gen.pdbx_gene_src_cellular_location    ? 
_entity_src_gen.host_org_common_name               ? 
_entity_src_gen.pdbx_host_org_scientific_name      'Escherichia coli' 
_entity_src_gen.pdbx_host_org_ncbi_taxonomy_id     562 
_entity_src_gen.host_org_genus                     ? 
_entity_src_gen.pdbx_host_org_gene                 ? 
_entity_src_gen.pdbx_host_org_organ                ? 
_entity_src_gen.host_org_species                   ? 
_entity_src_gen.pdbx_host_org_tissue               ? 
_entity_src_gen.pdbx_host_org_tissue_fraction      ? 
_entity_src_gen.pdbx_host_org_strain               ? 
_entity_src_gen.pdbx_host_org_variant              ? 
_entity_src_gen.pdbx_host_org_cell_line            ? 
_entity_src_gen.pdbx_host_org_atcc                 ? 
_entity_src_gen.pdbx_host_org_culture_collection   ? 
_entity_src_gen.pdbx_host_org_cell                 ? 
_entity_src_gen.pdbx_host_org_organelle            ? 
_entity_src_gen.pdbx_host_org_cellular_location    ? 
_entity_src_gen.pdbx_host_org_vector_type          ? 
_entity_src_gen.pdbx_host_org_vector               ? 
_entity_src_gen.host_org_details                   ? 
_entity_src_gen.expression_system_id               ? 
_entity_src_gen.plasmid_name                       ? 
_entity_src_gen.plasmid_details                    ? 
_entity_src_gen.pdbx_description                   ? 
# 
_struct_ref.id                         1 
_struct_ref.db_name                    UNP 
_struct_ref.db_code                    SEB1_SCHPO 
_struct_ref.pdbx_db_accession          Q9UTE3 
_struct_ref.pdbx_db_isoform            ? 
_struct_ref.entity_id                  1 
_struct_ref.pdbx_seq_one_letter_code   
;RRFERDPTIPPDSIKVYSRTLFLGGITRSVREPVLRSMFERFGSVQSLILNHNYRHGFLKMFRRDAAEKAQVAMENVPFA
DTTIRTKWGVGFGPRECSDFSTGISVIPIRLLTDADRTWLVTAEYGGTGGLPITPGIALDEPDIEIGLGISSK
;
_struct_ref.pdbx_align_begin           388 
# 
_struct_ref_seq.align_id                      1 
_struct_ref_seq.ref_id                        1 
_struct_ref_seq.pdbx_PDB_id_code              8PX5 
_struct_ref_seq.pdbx_strand_id                A 
_struct_ref_seq.seq_align_beg                 5 
_struct_ref_seq.pdbx_seq_align_beg_ins_code   ? 
_struct_ref_seq.seq_align_end                 157 
_struct_ref_seq.pdbx_seq_align_end_ins_code   ? 
_struct_ref_seq.pdbx_db_accession             Q9UTE3 
_struct_ref_seq.db_align_beg                  388 
_struct_ref_seq.pdbx_db_align_beg_ins_code    ? 
_struct_ref_seq.db_align_end                  540 
_struct_ref_seq.pdbx_db_align_end_ins_code    ? 
_struct_ref_seq.pdbx_auth_seq_align_beg       388 
_struct_ref_seq.pdbx_auth_seq_align_end       540 
# 
loop_
_struct_ref_seq_dif.align_id 
_struct_ref_seq_dif.pdbx_pdb_id_code 
_struct_ref_seq_dif.mon_id 
_struct_ref_seq_dif.pdbx_pdb_strand_id 
_struct_ref_seq_dif.seq_num 
_struct_ref_seq_dif.pdbx_pdb_ins_code 
_struct_ref_seq_dif.pdbx_seq_db_name 
_struct_ref_seq_dif.pdbx_seq_db_accession_code 
_struct_ref_seq_dif.db_mon_id 
_struct_ref_seq_dif.pdbx_seq_db_seq_num 
_struct_ref_seq_dif.details 
_struct_ref_seq_dif.pdbx_auth_seq_num 
_struct_ref_seq_dif.pdbx_ordinal 
1 8PX5 GLY A 1 ? UNP Q9UTE3 ? ? 'expression tag' 384 1 
1 8PX5 PRO A 2 ? UNP Q9UTE3 ? ? 'expression tag' 385 2 
1 8PX5 GLY A 3 ? UNP Q9UTE3 ? ? 'expression tag' 386 3 
1 8PX5 THR A 4 ? UNP Q9UTE3 ? ? 'expression tag' 387 4 
# 
loop_
_chem_comp.id 
_chem_comp.type 
_chem_comp.mon_nstd_flag 
_chem_comp.name 
_chem_comp.pdbx_synonyms 
_chem_comp.formula 
_chem_comp.formula_weight 
ALA 'L-peptide linking' y ALANINE         ? 'C3 H7 N O2'     89.093  
ARG 'L-peptide linking' y ARGININE        ? 'C6 H15 N4 O2 1' 175.209 
ASN 'L-peptide linking' y ASPARAGINE      ? 'C4 H8 N2 O3'    132.118 
ASP 'L-peptide linking' y 'ASPARTIC ACID' ? 'C4 H7 N O4'     133.103 
CYS 'L-peptide linking' y CYSTEINE        ? 'C3 H7 N O2 S'   121.158 
GLN 'L-peptide linking' y GLUTAMINE       ? 'C5 H10 N2 O3'   146.144 
GLU 'L-peptide linking' y 'GLUTAMIC ACID' ? 'C5 H9 N O4'     147.129 
GLY 'peptide linking'   y GLYCINE         ? 'C2 H5 N O2'     75.067  
HIS 'L-peptide linking' y HISTIDINE       ? 'C6 H10 N3 O2 1' 156.162 
HOH non-polymer         . WATER           ? 'H2 O'           18.015  
ILE 'L-peptide linking' y ISOLEUCINE      ? 'C6 H13 N O2'    131.173 
LEU 'L-peptide linking' y LEUCINE         ? 'C6 H13 N O2'    131.173 
LYS 'L-peptide linking' y LYSINE          ? 'C6 H15 N2 O2 1' 147.195 
MET 'L-peptide linking' y METHIONINE      ? 'C5 H11 N O2 S'  149.211 
PHE 'L-peptide linking' y PHENYLALANINE   ? 'C9 H11 N O2'    165.189 
PRO 'L-peptide linking' y PROLINE         ? 'C5 H9 N O2'     115.130 
SER 'L-peptide linking' y SERINE          ? 'C3 H7 N O3'     105.093 
THR 'L-peptide linking' y THREONINE       ? 'C4 H9 N O3'     119.119 
TRP 'L-peptide linking' y TRYPTOPHAN      ? 'C11 H12 N2 O2'  204.225 
TYR 'L-peptide linking' y TYROSINE        ? 'C9 H11 N O3'    181.189 
VAL 'L-peptide linking' y VALINE          ? 'C5 H11 N O2'    117.146 
# 
_exptl.absorpt_coefficient_mu     ? 
_exptl.absorpt_correction_T_max   ? 
_exptl.absorpt_correction_T_min   ? 
_exptl.absorpt_correction_type    ? 
_exptl.absorpt_process_details    ? 
_exptl.entry_id                   8PX5 
_exptl.crystals_number            1 
_exptl.details                    ? 
_exptl.method                     'X-RAY DIFFRACTION' 
_exptl.method_details             ? 
# 
_exptl_crystal.colour                       ? 
_exptl_crystal.density_diffrn               ? 
_exptl_crystal.density_Matthews             2.39 
_exptl_crystal.density_method               ? 
_exptl_crystal.density_percent_sol          48.57 
_exptl_crystal.description                  ? 
_exptl_crystal.F_000                        ? 
_exptl_crystal.id                           1 
_exptl_crystal.preparation                  ? 
_exptl_crystal.size_max                     ? 
_exptl_crystal.size_mid                     ? 
_exptl_crystal.size_min                     ? 
_exptl_crystal.size_rad                     ? 
_exptl_crystal.colour_lustre                ? 
_exptl_crystal.colour_modifier              ? 
_exptl_crystal.colour_primary               ? 
_exptl_crystal.density_meas                 ? 
_exptl_crystal.density_meas_esd             ? 
_exptl_crystal.density_meas_gt              ? 
_exptl_crystal.density_meas_lt              ? 
_exptl_crystal.density_meas_temp            ? 
_exptl_crystal.density_meas_temp_esd        ? 
_exptl_crystal.density_meas_temp_gt         ? 
_exptl_crystal.density_meas_temp_lt         ? 
_exptl_crystal.pdbx_crystal_image_url       ? 
_exptl_crystal.pdbx_crystal_image_format    ? 
_exptl_crystal.pdbx_mosaicity               ? 
_exptl_crystal.pdbx_mosaicity_esd           ? 
_exptl_crystal.pdbx_mosaic_method           ? 
_exptl_crystal.pdbx_mosaic_block_size       ? 
_exptl_crystal.pdbx_mosaic_block_size_esd   ? 
# 
_exptl_crystal_grow.apparatus       ? 
_exptl_crystal_grow.atmosphere      ? 
_exptl_crystal_grow.crystal_id      1 
_exptl_crystal_grow.details         ? 
_exptl_crystal_grow.method          'VAPOR DIFFUSION, SITTING DROP' 
_exptl_crystal_grow.method_ref      ? 
_exptl_crystal_grow.pH              ? 
_exptl_crystal_grow.pressure        ? 
_exptl_crystal_grow.pressure_esd    ? 
_exptl_crystal_grow.seeding         ? 
_exptl_crystal_grow.seeding_ref     ? 
_exptl_crystal_grow.temp_details    ? 
_exptl_crystal_grow.temp_esd        ? 
_exptl_crystal_grow.time            ? 
_exptl_crystal_grow.pdbx_details    
;1 M ammonium formate, 100 mM sodium cacodylate, 8% (w/v) poly-gamma-glutamic acid polymer (PGA-LM, 200-400 kDa low molecular weight polymer)
;
_exptl_crystal_grow.pdbx_pH_range   ? 
_exptl_crystal_grow.temp            293 
# 
_diffrn.ambient_environment              ? 
_diffrn.ambient_temp                     80 
_diffrn.ambient_temp_details             ? 
_diffrn.ambient_temp_esd                 ? 
_diffrn.crystal_id                       1 
_diffrn.crystal_support                  ? 
_diffrn.crystal_treatment                ? 
_diffrn.details                          ? 
_diffrn.id                               1 
_diffrn.ambient_pressure                 ? 
_diffrn.ambient_pressure_esd             ? 
_diffrn.ambient_pressure_gt              ? 
_diffrn.ambient_pressure_lt              ? 
_diffrn.ambient_temp_gt                  ? 
_diffrn.ambient_temp_lt                  ? 
_diffrn.pdbx_serial_crystal_experiment   N 
# 
_diffrn_detector.details                      ? 
_diffrn_detector.detector                     PIXEL 
_diffrn_detector.diffrn_id                    1 
_diffrn_detector.type                         'DECTRIS PILATUS 12M' 
_diffrn_detector.area_resol_mean              ? 
_diffrn_detector.dtime                        ? 
_diffrn_detector.pdbx_frames_total            ? 
_diffrn_detector.pdbx_collection_time_total   ? 
_diffrn_detector.pdbx_collection_date         2016-07-04 
_diffrn_detector.pdbx_frequency               ? 
_diffrn_detector.id                           ? 
_diffrn_detector.number_of_axes               ? 
# 
_diffrn_radiation.collimation                      ? 
_diffrn_radiation.diffrn_id                        1 
_diffrn_radiation.filter_edge                      ? 
_diffrn_radiation.inhomogeneity                    ? 
_diffrn_radiation.monochromator                    ? 
_diffrn_radiation.polarisn_norm                    ? 
_diffrn_radiation.polarisn_ratio                   ? 
_diffrn_radiation.probe                            ? 
_diffrn_radiation.type                             ? 
_diffrn_radiation.xray_symbol                      ? 
_diffrn_radiation.wavelength_id                    1 
_diffrn_radiation.pdbx_monochromatic_or_laue_m_l   M 
_diffrn_radiation.pdbx_wavelength_list             ? 
_diffrn_radiation.pdbx_wavelength                  ? 
_diffrn_radiation.pdbx_diffrn_protocol             'SINGLE WAVELENGTH' 
_diffrn_radiation.pdbx_analyzer                    ? 
_diffrn_radiation.pdbx_scattering_type             x-ray 
# 
_diffrn_radiation_wavelength.id           1 
_diffrn_radiation_wavelength.wavelength   2.7552 
_diffrn_radiation_wavelength.wt           1.0 
# 
_diffrn_source.current                     ? 
_diffrn_source.details                     ? 
_diffrn_source.diffrn_id                   1 
_diffrn_source.power                       ? 
_diffrn_source.size                        ? 
_diffrn_source.source                      SYNCHROTRON 
_diffrn_source.target                      ? 
_diffrn_source.type                        'DIAMOND BEAMLINE I23' 
_diffrn_source.voltage                     ? 
_diffrn_source.take-off_angle              ? 
_diffrn_source.pdbx_wavelength_list        2.7552 
_diffrn_source.pdbx_wavelength             ? 
_diffrn_source.pdbx_synchrotron_beamline   I23 
_diffrn_source.pdbx_synchrotron_site       Diamond 
# 
_reflns.B_iso_Wilson_estimate                          23.20 
_reflns.entry_id                                       8PX5 
_reflns.data_reduction_details                         ? 
_reflns.data_reduction_method                          ? 
_reflns.d_resolution_high                              1.775 
_reflns.d_resolution_low                               54.87 
_reflns.details                                        ? 
_reflns.limit_h_max                                    ? 
_reflns.limit_h_min                                    ? 
_reflns.limit_k_max                                    ? 
_reflns.limit_k_min                                    ? 
_reflns.limit_l_max                                    ? 
_reflns.limit_l_min                                    ? 
_reflns.number_all                                     ? 
_reflns.number_obs                                     10445 
_reflns.observed_criterion                             ? 
_reflns.observed_criterion_F_max                       ? 
_reflns.observed_criterion_F_min                       ? 
_reflns.observed_criterion_I_max                       ? 
_reflns.observed_criterion_I_min                       ? 
_reflns.observed_criterion_sigma_F                     ? 
_reflns.observed_criterion_sigma_I                     ? 
_reflns.percent_possible_obs                           64.89 
_reflns.R_free_details                                 ? 
_reflns.Rmerge_F_all                                   ? 
_reflns.Rmerge_F_obs                                   ? 
_reflns.Friedel_coverage                               ? 
_reflns.number_gt                                      ? 
_reflns.threshold_expression                           ? 
_reflns.pdbx_redundancy                                6.1 
_reflns.pdbx_netI_over_av_sigmaI                       ? 
_reflns.pdbx_netI_over_sigmaI                          22.91 
_reflns.pdbx_res_netI_over_av_sigmaI_2                 ? 
_reflns.pdbx_res_netI_over_sigmaI_2                    ? 
_reflns.pdbx_chi_squared                               ? 
_reflns.pdbx_scaling_rejects                           ? 
_reflns.pdbx_d_res_high_opt                            ? 
_reflns.pdbx_d_res_low_opt                             ? 
_reflns.pdbx_d_res_opt_method                          ? 
_reflns.phase_calculation_details                      ? 
_reflns.pdbx_Rrim_I_all                                0.04915 
_reflns.pdbx_Rpim_I_all                                0.01897 
_reflns.pdbx_d_opt                                     ? 
_reflns.pdbx_number_measured_all                       ? 
_reflns.pdbx_diffrn_id                                 1 
_reflns.pdbx_ordinal                                   1 
_reflns.pdbx_CC_half                                   0.999 
_reflns.pdbx_CC_star                                   ? 
_reflns.pdbx_R_split                                   ? 
_reflns.pdbx_Rmerge_I_obs                              0.04513 
_reflns.pdbx_Rmerge_I_all                              ? 
_reflns.pdbx_Rsym_value                                ? 
_reflns.pdbx_CC_split_method                           ? 
_reflns.pdbx_aniso_diffraction_limit_axis_1_ortho[1]   ? 
_reflns.pdbx_aniso_diffraction_limit_axis_1_ortho[2]   ? 
_reflns.pdbx_aniso_diffraction_limit_axis_1_ortho[3]   ? 
_reflns.pdbx_aniso_diffraction_limit_axis_2_ortho[1]   ? 
_reflns.pdbx_aniso_diffraction_limit_axis_2_ortho[2]   ? 
_reflns.pdbx_aniso_diffraction_limit_axis_2_ortho[3]   ? 
_reflns.pdbx_aniso_diffraction_limit_axis_3_ortho[1]   ? 
_reflns.pdbx_aniso_diffraction_limit_axis_3_ortho[2]   ? 
_reflns.pdbx_aniso_diffraction_limit_axis_3_ortho[3]   ? 
_reflns.pdbx_aniso_diffraction_limit_1                 ? 
_reflns.pdbx_aniso_diffraction_limit_2                 ? 
_reflns.pdbx_aniso_diffraction_limit_3                 ? 
_reflns.pdbx_aniso_B_tensor_eigenvector_1_ortho[1]     ? 
_reflns.pdbx_aniso_B_tensor_eigenvector_1_ortho[2]     ? 
_reflns.pdbx_aniso_B_tensor_eigenvector_1_ortho[3]     ? 
_reflns.pdbx_aniso_B_tensor_eigenvector_2_ortho[1]     ? 
_reflns.pdbx_aniso_B_tensor_eigenvector_2_ortho[2]     ? 
_reflns.pdbx_aniso_B_tensor_eigenvector_2_ortho[3]     ? 
_reflns.pdbx_aniso_B_tensor_eigenvector_3_ortho[1]     ? 
_reflns.pdbx_aniso_B_tensor_eigenvector_3_ortho[2]     ? 
_reflns.pdbx_aniso_B_tensor_eigenvector_3_ortho[3]     ? 
_reflns.pdbx_aniso_B_tensor_eigenvalue_1               ? 
_reflns.pdbx_aniso_B_tensor_eigenvalue_2               ? 
_reflns.pdbx_aniso_B_tensor_eigenvalue_3               ? 
_reflns.pdbx_orthogonalization_convention              ? 
_reflns.pdbx_percent_possible_ellipsoidal              ? 
_reflns.pdbx_percent_possible_spherical                ? 
_reflns.pdbx_percent_possible_ellipsoidal_anomalous    ? 
_reflns.pdbx_percent_possible_spherical_anomalous      ? 
_reflns.pdbx_redundancy_anomalous                      ? 
_reflns.pdbx_CC_half_anomalous                         ? 
_reflns.pdbx_absDiff_over_sigma_anomalous              ? 
_reflns.pdbx_percent_possible_anomalous                ? 
_reflns.pdbx_observed_signal_threshold                 ? 
_reflns.pdbx_signal_type                               ? 
_reflns.pdbx_signal_details                            ? 
_reflns.pdbx_signal_software_id                        ? 
# 
_reflns_shell.d_res_high                                    1.775 
_reflns_shell.d_res_low                                     1.838 
_reflns_shell.meanI_over_sigI_all                           ? 
_reflns_shell.meanI_over_sigI_obs                           3.26 
_reflns_shell.number_measured_all                           ? 
_reflns_shell.number_measured_obs                           ? 
_reflns_shell.number_possible                               ? 
_reflns_shell.number_unique_all                             ? 
_reflns_shell.number_unique_obs                             653 
_reflns_shell.percent_possible_obs                          ? 
_reflns_shell.Rmerge_F_all                                  ? 
_reflns_shell.Rmerge_F_obs                                  ? 
_reflns_shell.meanI_over_sigI_gt                            ? 
_reflns_shell.meanI_over_uI_all                             ? 
_reflns_shell.meanI_over_uI_gt                              ? 
_reflns_shell.number_measured_gt                            ? 
_reflns_shell.number_unique_gt                              ? 
_reflns_shell.percent_possible_gt                           ? 
_reflns_shell.Rmerge_F_gt                                   ? 
_reflns_shell.Rmerge_I_gt                                   ? 
_reflns_shell.pdbx_redundancy                               ? 
_reflns_shell.pdbx_chi_squared                              ? 
_reflns_shell.pdbx_netI_over_sigmaI_all                     ? 
_reflns_shell.pdbx_netI_over_sigmaI_obs                     ? 
_reflns_shell.pdbx_Rrim_I_all                               ? 
_reflns_shell.pdbx_Rpim_I_all                               ? 
_reflns_shell.pdbx_rejects                                  ? 
_reflns_shell.pdbx_ordinal                                  1 
_reflns_shell.pdbx_diffrn_id                                1 
_reflns_shell.pdbx_CC_half                                  0.919 
_reflns_shell.pdbx_CC_star                                  ? 
_reflns_shell.pdbx_R_split                                  ? 
_reflns_shell.percent_possible_all                          ? 
_reflns_shell.Rmerge_I_all                                  ? 
_reflns_shell.Rmerge_I_obs                                  0.2519 
_reflns_shell.pdbx_Rsym_value                               ? 
_reflns_shell.pdbx_percent_possible_ellipsoidal             ? 
_reflns_shell.pdbx_percent_possible_spherical               ? 
_reflns_shell.pdbx_percent_possible_ellipsoidal_anomalous   ? 
_reflns_shell.pdbx_percent_possible_spherical_anomalous     ? 
_reflns_shell.pdbx_redundancy_anomalous                     ? 
_reflns_shell.pdbx_CC_half_anomalous                        ? 
_reflns_shell.pdbx_absDiff_over_sigma_anomalous             ? 
_reflns_shell.pdbx_percent_possible_anomalous               ? 
# 
_refine.aniso_B[1][1]                            -0.86 
_refine.aniso_B[1][2]                            -0.00 
_refine.aniso_B[1][3]                            0.61 
_refine.aniso_B[2][2]                            1.63 
_refine.aniso_B[2][3]                            -0.00 
_refine.aniso_B[3][3]                            -0.92 
_refine.B_iso_max                                ? 
_refine.B_iso_mean                               22.710 
_refine.B_iso_min                                ? 
_refine.correlation_coeff_Fo_to_Fc               0.968 
_refine.correlation_coeff_Fo_to_Fc_free          0.956 
_refine.details                                  'HYDROGENS HAVE BEEN ADDED IN THE RIDING POSITIONS' 
_refine.diff_density_max                         ? 
_refine.diff_density_max_esd                     ? 
_refine.diff_density_min                         ? 
_refine.diff_density_min_esd                     ? 
_refine.diff_density_rms                         ? 
_refine.diff_density_rms_esd                     ? 
_refine.entry_id                                 8PX5 
_refine.pdbx_refine_id                           'X-RAY DIFFRACTION' 
_refine.ls_abs_structure_details                 ? 
_refine.ls_abs_structure_Flack                   ? 
_refine.ls_abs_structure_Flack_esd               ? 
_refine.ls_abs_structure_Rogers                  ? 
_refine.ls_abs_structure_Rogers_esd              ? 
_refine.ls_d_res_high                            1.77 
_refine.ls_d_res_low                             54.87 
_refine.ls_extinction_coef                       ? 
_refine.ls_extinction_coef_esd                   ? 
_refine.ls_extinction_expression                 ? 
_refine.ls_extinction_method                     ? 
_refine.ls_goodness_of_fit_all                   ? 
_refine.ls_goodness_of_fit_all_esd               ? 
_refine.ls_goodness_of_fit_obs                   ? 
_refine.ls_goodness_of_fit_obs_esd               ? 
_refine.ls_hydrogen_treatment                    ? 
_refine.ls_matrix_type                           ? 
_refine.ls_number_constraints                    ? 
_refine.ls_number_parameters                     ? 
_refine.ls_number_reflns_all                     ? 
_refine.ls_number_reflns_obs                     9850 
_refine.ls_number_reflns_R_free                  545 
_refine.ls_number_reflns_R_work                  ? 
_refine.ls_number_restraints                     ? 
_refine.ls_percent_reflns_obs                    64.94 
_refine.ls_percent_reflns_R_free                 5.2 
_refine.ls_R_factor_all                          ? 
_refine.ls_R_factor_obs                          0.15652 
_refine.ls_R_factor_R_free                       0.18829 
_refine.ls_R_factor_R_free_error                 ? 
_refine.ls_R_factor_R_free_error_details         ? 
_refine.ls_R_factor_R_work                       0.15472 
_refine.ls_R_Fsqd_factor_obs                     ? 
_refine.ls_R_I_factor_obs                        ? 
_refine.ls_redundancy_reflns_all                 ? 
_refine.ls_redundancy_reflns_obs                 ? 
_refine.ls_restrained_S_all                      ? 
_refine.ls_restrained_S_obs                      ? 
_refine.ls_shift_over_esd_max                    ? 
_refine.ls_shift_over_esd_mean                   ? 
_refine.ls_structure_factor_coef                 ? 
_refine.ls_weighting_details                     ? 
_refine.ls_weighting_scheme                      ? 
_refine.ls_wR_factor_all                         ? 
_refine.ls_wR_factor_obs                         ? 
_refine.ls_wR_factor_R_free                      ? 
_refine.ls_wR_factor_R_work                      ? 
_refine.occupancy_max                            ? 
_refine.occupancy_min                            ? 
_refine.solvent_model_details                    MASK 
_refine.solvent_model_param_bsol                 ? 
_refine.solvent_model_param_ksol                 ? 
_refine.pdbx_R_complete                          ? 
_refine.ls_R_factor_gt                           ? 
_refine.ls_goodness_of_fit_gt                    ? 
_refine.ls_goodness_of_fit_ref                   ? 
_refine.ls_shift_over_su_max                     ? 
_refine.ls_shift_over_su_max_lt                  ? 
_refine.ls_shift_over_su_mean                    ? 
_refine.ls_shift_over_su_mean_lt                 ? 
_refine.pdbx_ls_sigma_I                          ? 
_refine.pdbx_ls_sigma_F                          ? 
_refine.pdbx_ls_sigma_Fsqd                       ? 
_refine.pdbx_data_cutoff_high_absF               ? 
_refine.pdbx_data_cutoff_high_rms_absF           ? 
_refine.pdbx_data_cutoff_low_absF                ? 
_refine.pdbx_isotropic_thermal_model             ? 
_refine.pdbx_ls_cross_valid_method               THROUGHOUT 
_refine.pdbx_method_to_determine_struct          SAD 
_refine.pdbx_starting_model                      ? 
_refine.pdbx_stereochemistry_target_values       'MAXIMUM LIKELIHOOD' 
_refine.pdbx_R_Free_selection_details            RANDOM 
_refine.pdbx_stereochem_target_val_spec_case     ? 
_refine.pdbx_overall_ESU_R                       0.168 
_refine.pdbx_overall_ESU_R_Free                  0.141 
_refine.pdbx_solvent_vdw_probe_radii             1.20 
_refine.pdbx_solvent_ion_probe_radii             0.80 
_refine.pdbx_solvent_shrinkage_radii             0.80 
_refine.pdbx_real_space_R                        ? 
_refine.pdbx_density_correlation                 ? 
_refine.pdbx_pd_number_of_powder_patterns        ? 
_refine.pdbx_pd_number_of_points                 ? 
_refine.pdbx_pd_meas_number_of_points            ? 
_refine.pdbx_pd_proc_ls_prof_R_factor            ? 
_refine.pdbx_pd_proc_ls_prof_wR_factor           ? 
_refine.pdbx_pd_Marquardt_correlation_coeff      ? 
_refine.pdbx_pd_Fsqrd_R_factor                   ? 
_refine.pdbx_pd_ls_matrix_band_width             ? 
_refine.pdbx_overall_phase_error                 ? 
_refine.pdbx_overall_SU_R_free_Cruickshank_DPI   ? 
_refine.pdbx_overall_SU_R_free_Blow_DPI          ? 
_refine.pdbx_overall_SU_R_Blow_DPI               ? 
_refine.pdbx_TLS_residual_ADP_flag               ? 
_refine.pdbx_diffrn_id                           1 
_refine.overall_SU_B                             1.928 
_refine.overall_SU_ML                            0.061 
_refine.overall_SU_R_Cruickshank_DPI             ? 
_refine.overall_SU_R_free                        ? 
_refine.overall_FOM_free_R_set                   ? 
_refine.overall_FOM_work_R_set                   ? 
_refine.pdbx_average_fsc_overall                 ? 
_refine.pdbx_average_fsc_work                    ? 
_refine.pdbx_average_fsc_free                    ? 
# 
_refine_hist.pdbx_refine_id                   'X-RAY DIFFRACTION' 
_refine_hist.cycle_id                         1 
_refine_hist.details                          ? 
_refine_hist.d_res_high                       1.77 
_refine_hist.d_res_low                        54.87 
_refine_hist.number_atoms_solvent             85 
_refine_hist.number_atoms_total               1277 
_refine_hist.number_reflns_all                ? 
_refine_hist.number_reflns_obs                ? 
_refine_hist.number_reflns_R_free             ? 
_refine_hist.number_reflns_R_work             ? 
_refine_hist.R_factor_all                     ? 
_refine_hist.R_factor_obs                     ? 
_refine_hist.R_factor_R_free                  ? 
_refine_hist.R_factor_R_work                  ? 
_refine_hist.pdbx_number_residues_total       ? 
_refine_hist.pdbx_B_iso_mean_ligand           ? 
_refine_hist.pdbx_B_iso_mean_solvent          ? 
_refine_hist.pdbx_number_atoms_protein        1192 
_refine_hist.pdbx_number_atoms_nucleic_acid   0 
_refine_hist.pdbx_number_atoms_ligand         0 
_refine_hist.pdbx_number_atoms_lipid          ? 
_refine_hist.pdbx_number_atoms_carb           ? 
_refine_hist.pdbx_pseudo_atom_details         ? 
# 
loop_
_refine_ls_restr.pdbx_refine_id 
_refine_ls_restr.criterion 
_refine_ls_restr.dev_ideal 
_refine_ls_restr.dev_ideal_target 
_refine_ls_restr.number 
_refine_ls_restr.rejects 
_refine_ls_restr.type 
_refine_ls_restr.weight 
_refine_ls_restr.pdbx_restraint_function 
'X-RAY DIFFRACTION' ? 0.010  0.013  1219 ? r_bond_refined_d             ? ? 
'X-RAY DIFFRACTION' ? 0.001  0.017  1158 ? r_bond_other_d               ? ? 
'X-RAY DIFFRACTION' ? 1.094  1.655  1651 ? r_angle_refined_deg          ? ? 
'X-RAY DIFFRACTION' ? 1.086  1.576  2668 ? r_angle_other_deg            ? ? 
'X-RAY DIFFRACTION' ? 8.028  5.000  151  ? r_dihedral_angle_1_deg       ? ? 
'X-RAY DIFFRACTION' ? 24.522 18.986 69   ? r_dihedral_angle_2_deg       ? ? 
'X-RAY DIFFRACTION' ? 11.900 15.000 203  ? r_dihedral_angle_3_deg       ? ? 
'X-RAY DIFFRACTION' ? 16.075 15.000 15   ? r_dihedral_angle_4_deg       ? ? 
'X-RAY DIFFRACTION' ? 0.062  0.200  162  ? r_chiral_restr               ? ? 
'X-RAY DIFFRACTION' ? 0.026  0.020  1368 ? r_gen_planes_refined         ? ? 
'X-RAY DIFFRACTION' ? 0.017  0.020  289  ? r_gen_planes_other           ? ? 
'X-RAY DIFFRACTION' ? ?      ?      ?    ? r_nbd_refined                ? ? 
'X-RAY DIFFRACTION' ? ?      ?      ?    ? r_nbd_other                  ? ? 
'X-RAY DIFFRACTION' ? ?      ?      ?    ? r_nbtor_refined              ? ? 
'X-RAY DIFFRACTION' ? ?      ?      ?    ? r_nbtor_other                ? ? 
'X-RAY DIFFRACTION' ? ?      ?      ?    ? r_xyhbond_nbd_refined        ? ? 
'X-RAY DIFFRACTION' ? ?      ?      ?    ? r_xyhbond_nbd_other          ? ? 
'X-RAY DIFFRACTION' ? ?      ?      ?    ? r_metal_ion_refined          ? ? 
'X-RAY DIFFRACTION' ? ?      ?      ?    ? r_metal_ion_other            ? ? 
'X-RAY DIFFRACTION' ? ?      ?      ?    ? r_symmetry_vdw_refined       ? ? 
'X-RAY DIFFRACTION' ? ?      ?      ?    ? r_symmetry_vdw_other         ? ? 
'X-RAY DIFFRACTION' ? ?      ?      ?    ? r_symmetry_hbond_refined     ? ? 
'X-RAY DIFFRACTION' ? ?      ?      ?    ? r_symmetry_hbond_other       ? ? 
'X-RAY DIFFRACTION' ? ?      ?      ?    ? r_symmetry_metal_ion_refined ? ? 
'X-RAY DIFFRACTION' ? ?      ?      ?    ? r_symmetry_metal_ion_other   ? ? 
'X-RAY DIFFRACTION' ? 2.435  2.161  607  ? r_mcbond_it                  ? ? 
'X-RAY DIFFRACTION' ? 2.416  2.155  606  ? r_mcbond_other               ? ? 
'X-RAY DIFFRACTION' ? 3.254  3.230  757  ? r_mcangle_it                 ? ? 
'X-RAY DIFFRACTION' ? 3.252  3.236  758  ? r_mcangle_other              ? ? 
'X-RAY DIFFRACTION' ? 3.308  2.524  612  ? r_scbond_it                  ? ? 
'X-RAY DIFFRACTION' ? 3.258  2.525  612  ? r_scbond_other               ? ? 
'X-RAY DIFFRACTION' ? ?      ?      ?    ? r_scangle_it                 ? ? 
'X-RAY DIFFRACTION' ? 4.667  3.657  895  ? r_scangle_other              ? ? 
'X-RAY DIFFRACTION' ? 5.637  25.797 1333 ? r_long_range_B_refined       ? ? 
'X-RAY DIFFRACTION' ? 5.598  25.703 1324 ? r_long_range_B_other         ? ? 
'X-RAY DIFFRACTION' ? ?      ?      ?    ? r_rigid_bond_restr           ? ? 
'X-RAY DIFFRACTION' ? ?      ?      ?    ? r_sphericity_free            ? ? 
'X-RAY DIFFRACTION' ? ?      ?      ?    ? r_sphericity_bonded          ? ? 
# 
_refine_ls_shell.pdbx_refine_id                   'X-RAY DIFFRACTION' 
_refine_ls_shell.d_res_high                       1.775 
_refine_ls_shell.d_res_low                        1.821 
_refine_ls_shell.number_reflns_all                ? 
_refine_ls_shell.number_reflns_obs                ? 
_refine_ls_shell.number_reflns_R_free             16 
_refine_ls_shell.number_reflns_R_work             434 
_refine_ls_shell.percent_reflns_obs               38.66 
_refine_ls_shell.percent_reflns_R_free            ? 
_refine_ls_shell.R_factor_all                     ? 
_refine_ls_shell.R_factor_obs                     ? 
_refine_ls_shell.R_factor_R_free_error            ? 
_refine_ls_shell.R_factor_R_work                  0.225 
_refine_ls_shell.redundancy_reflns_all            ? 
_refine_ls_shell.redundancy_reflns_obs            ? 
_refine_ls_shell.wR_factor_all                    ? 
_refine_ls_shell.wR_factor_obs                    ? 
_refine_ls_shell.wR_factor_R_free                 ? 
_refine_ls_shell.wR_factor_R_work                 ? 
_refine_ls_shell.pdbx_R_complete                  ? 
_refine_ls_shell.pdbx_total_number_of_bins_used   20 
_refine_ls_shell.pdbx_phase_error                 ? 
_refine_ls_shell.pdbx_fsc_work                    ? 
_refine_ls_shell.pdbx_fsc_free                    ? 
_refine_ls_shell.R_factor_R_free                  0.310 
# 
_struct.entry_id                     8PX5 
_struct.title                        
'Structure of the RNA recognition motif (RRM) of Seb1 from S. pombe., solved at wavelength 2.75 A' 
_struct.pdbx_model_details           ? 
_struct.pdbx_formula_weight          ? 
_struct.pdbx_formula_weight_method   ? 
_struct.pdbx_model_type_details      ? 
_struct.pdbx_CASP_flag               N 
# 
_struct_keywords.entry_id        8PX5 
_struct_keywords.text            'RRM, RNA binding protein, TRANSCRIPTION' 
_struct_keywords.pdbx_keywords   TRANSCRIPTION 
# 
loop_
_struct_asym.id 
_struct_asym.pdbx_blank_PDB_chainid_flag 
_struct_asym.pdbx_modified 
_struct_asym.entity_id 
_struct_asym.details 
A N N 1 ? 
B N N 2 ? 
# 
loop_
_struct_conf.conf_type_id 
_struct_conf.id 
_struct_conf.pdbx_PDB_helix_id 
_struct_conf.beg_label_comp_id 
_struct_conf.beg_label_asym_id 
_struct_conf.beg_label_seq_id 
_struct_conf.pdbx_beg_PDB_ins_code 
_struct_conf.end_label_comp_id 
_struct_conf.end_label_asym_id 
_struct_conf.end_label_seq_id 
_struct_conf.pdbx_end_PDB_ins_code 
_struct_conf.beg_auth_comp_id 
_struct_conf.beg_auth_asym_id 
_struct_conf.beg_auth_seq_id 
_struct_conf.end_auth_comp_id 
_struct_conf.end_auth_asym_id 
_struct_conf.end_auth_seq_id 
_struct_conf.pdbx_PDB_helix_class 
_struct_conf.details 
_struct_conf.pdbx_PDB_helix_length 
HELX_P HELX_P1 AA1 ARG A 35  ? ARG A 45  ? ARG A 418 ARG A 428 1 ? 11 
HELX_P HELX_P2 AA2 ARG A 67  ? MET A 78  ? ARG A 450 MET A 461 1 ? 12 
HELX_P HELX_P3 AA3 PRO A 98  ? SER A 102 ? PRO A 481 SER A 485 5 ? 5  
HELX_P HELX_P4 AA4 ARG A 114 ? LEU A 116 ? ARG A 497 LEU A 499 5 ? 3  
HELX_P HELX_P5 AA5 THR A 117 ? ALA A 127 ? THR A 500 ALA A 510 1 ? 11 
# 
_struct_conf_type.id          HELX_P 
_struct_conf_type.criteria    ? 
_struct_conf_type.reference   ? 
# 
loop_
_struct_sheet.id 
_struct_sheet.type 
_struct_sheet.number_strands 
_struct_sheet.details 
AA1 ? 4 ? 
AA2 ? 5 ? 
# 
loop_
_struct_sheet_order.sheet_id 
_struct_sheet_order.range_id_1 
_struct_sheet_order.range_id_2 
_struct_sheet_order.offset 
_struct_sheet_order.sense 
AA1 1 2 ? anti-parallel 
AA1 2 3 ? parallel      
AA1 3 4 ? anti-parallel 
AA2 1 2 ? anti-parallel 
AA2 2 3 ? anti-parallel 
AA2 3 4 ? anti-parallel 
AA2 4 5 ? anti-parallel 
# 
loop_
_struct_sheet_range.sheet_id 
_struct_sheet_range.id 
_struct_sheet_range.beg_label_comp_id 
_struct_sheet_range.beg_label_asym_id 
_struct_sheet_range.beg_label_seq_id 
_struct_sheet_range.pdbx_beg_PDB_ins_code 
_struct_sheet_range.end_label_comp_id 
_struct_sheet_range.end_label_asym_id 
_struct_sheet_range.end_label_seq_id 
_struct_sheet_range.pdbx_end_PDB_ins_code 
_struct_sheet_range.beg_auth_comp_id 
_struct_sheet_range.beg_auth_asym_id 
_struct_sheet_range.beg_auth_seq_id 
_struct_sheet_range.end_auth_comp_id 
_struct_sheet_range.end_auth_asym_id 
_struct_sheet_range.end_auth_seq_id 
AA1 1 PHE A 7   ? ARG A 9   ? PHE A 390 ARG A 392 
AA1 2 ILE A 141 ? ASP A 144 ? ILE A 524 ASP A 527 
AA1 3 SER A 17  ? TYR A 21  ? SER A 400 TYR A 404 
AA1 4 ILE A 108 ? PRO A 112 ? ILE A 491 PRO A 495 
AA2 1 VAL A 49  ? ASN A 55  ? VAL A 432 ASN A 438 
AA2 2 HIS A 60  ? MET A 65  ? HIS A 443 MET A 448 
AA2 3 THR A 24  ? GLY A 28  ? THR A 407 GLY A 411 
AA2 4 THR A 86  ? TRP A 92  ? THR A 469 TRP A 475 
AA2 5 VAL A 81  ? PHE A 83  ? VAL A 464 PHE A 466 
# 
loop_
_pdbx_struct_sheet_hbond.sheet_id 
_pdbx_struct_sheet_hbond.range_id_1 
_pdbx_struct_sheet_hbond.range_id_2 
_pdbx_struct_sheet_hbond.range_1_label_atom_id 
_pdbx_struct_sheet_hbond.range_1_label_comp_id 
_pdbx_struct_sheet_hbond.range_1_label_asym_id 
_pdbx_struct_sheet_hbond.range_1_label_seq_id 
_pdbx_struct_sheet_hbond.range_1_PDB_ins_code 
_pdbx_struct_sheet_hbond.range_1_auth_atom_id 
_pdbx_struct_sheet_hbond.range_1_auth_comp_id 
_pdbx_struct_sheet_hbond.range_1_auth_asym_id 
_pdbx_struct_sheet_hbond.range_1_auth_seq_id 
_pdbx_struct_sheet_hbond.range_2_label_atom_id 
_pdbx_struct_sheet_hbond.range_2_label_comp_id 
_pdbx_struct_sheet_hbond.range_2_label_asym_id 
_pdbx_struct_sheet_hbond.range_2_label_seq_id 
_pdbx_struct_sheet_hbond.range_2_PDB_ins_code 
_pdbx_struct_sheet_hbond.range_2_auth_atom_id 
_pdbx_struct_sheet_hbond.range_2_auth_comp_id 
_pdbx_struct_sheet_hbond.range_2_auth_asym_id 
_pdbx_struct_sheet_hbond.range_2_auth_seq_id 
AA1 1 2 N GLU A 8   ? N GLU A 391 O ALA A 142 ? O ALA A 525 
AA1 2 3 O LEU A 143 ? O LEU A 526 N TYR A 21  ? N TYR A 404 
AA1 3 4 N VAL A 20  ? N VAL A 403 O SER A 109 ? O SER A 492 
AA2 1 2 N ASN A 55  ? N ASN A 438 O HIS A 60  ? O HIS A 443 
AA2 2 3 O LEU A 63  ? O LEU A 446 N LEU A 25  ? N LEU A 408 
AA2 3 4 N GLY A 28  ? N GLY A 411 O ARG A 89  ? O ARG A 472 
AA2 4 5 O ILE A 88  ? O ILE A 471 N VAL A 81  ? N VAL A 464 
# 
_atom_sites.entry_id                    8PX5 
_atom_sites.Cartn_transf_matrix[1][1]   ? 
_atom_sites.Cartn_transf_matrix[1][2]   ? 
_atom_sites.Cartn_transf_matrix[1][3]   ? 
_atom_sites.Cartn_transf_matrix[2][1]   ? 
_atom_sites.Cartn_transf_matrix[2][2]   ? 
_atom_sites.Cartn_transf_matrix[2][3]   ? 
_atom_sites.Cartn_transf_matrix[3][1]   ? 
_atom_sites.Cartn_transf_matrix[3][2]   ? 
_atom_sites.Cartn_transf_matrix[3][3]   ? 
_atom_sites.Cartn_transf_vector[1]      ? 
_atom_sites.Cartn_transf_vector[2]      ? 
_atom_sites.Cartn_transf_vector[3]      ? 
_atom_sites.fract_transf_matrix[1][1]   -0.00874808 
_atom_sites.fract_transf_matrix[1][2]   -0.00180301 
_atom_sites.fract_transf_matrix[1][3]   -0.00180880 
_atom_sites.fract_transf_matrix[2][1]   0.00423000 
_atom_sites.fract_transf_matrix[2][2]   -0.02089492 
_atom_sites.fract_transf_matrix[2][3]   0.00037012 
_atom_sites.fract_transf_matrix[3][1]   -0.01083649 
_atom_sites.fract_transf_matrix[3][2]   -0.00167359 
_atom_sites.fract_transf_matrix[3][3]   0.02936565 
_atom_sites.fract_transf_vector[1]      0.819473 
_atom_sites.fract_transf_vector[2]      0.526301 
_atom_sites.fract_transf_vector[3]      0.188729 
_atom_sites.solution_primary            ? 
_atom_sites.solution_secondary          ? 
_atom_sites.solution_hydrogens          ? 
_atom_sites.special_details             ? 
# 
loop_
_atom_type.symbol 
C 
N 
O 
S 
# 
loop_
_atom_site.group_PDB 
_atom_site.id 
_atom_site.type_symbol 
_atom_site.label_atom_id 
_atom_site.label_alt_id 
_atom_site.label_comp_id 
_atom_site.label_asym_id 
_atom_site.label_entity_id 
_atom_site.label_seq_id 
_atom_site.pdbx_PDB_ins_code 
_atom_site.Cartn_x 
_atom_site.Cartn_y 
_atom_site.Cartn_z 
_atom_site.occupancy 
_atom_site.B_iso_or_equiv 
_atom_site.pdbx_formal_charge 
_atom_site.auth_seq_id 
_atom_site.auth_comp_id 
_atom_site.auth_asym_id 
_atom_site.auth_atom_id 
_atom_site.pdbx_PDB_model_num 
ATOM   1    N N   . ARG A 1 5   ? -6.954  8.691   10.572  1.00 55.96 ? 388 ARG A N   1 
ATOM   2    C CA  . ARG A 1 5   ? -5.531  8.352   10.186  1.00 54.26 ? 388 ARG A CA  1 
ATOM   3    C C   . ARG A 1 5   ? -4.843  7.590   11.328  1.00 48.64 ? 388 ARG A C   1 
ATOM   4    O O   . ARG A 1 5   ? -4.796  8.141   12.460  1.00 44.38 ? 388 ARG A O   1 
ATOM   5    C CB  . ARG A 1 5   ? -4.724  9.618   9.867   1.00 55.79 ? 388 ARG A CB  1 
ATOM   6    C CG  . ARG A 1 5   ? -3.225  9.468   10.107  1.00 47.07 ? 388 ARG A CG  1 
ATOM   7    C CD  . ARG A 1 5   ? -2.460  10.708  9.740   1.00 39.04 ? 388 ARG A CD  1 
ATOM   8    N NE  . ARG A 1 5   ? -2.295  10.875  8.302   1.00 34.48 ? 388 ARG A NE  1 
ATOM   9    C CZ  . ARG A 1 5   ? -2.956  11.760  7.558   1.00 31.24 ? 388 ARG A CZ  1 
ATOM   10   N NH1 . ARG A 1 5   ? -3.919  12.491  8.085   1.00 36.71 ? 388 ARG A NH1 1 
ATOM   11   N NH2 . ARG A 1 5   ? -2.597  11.958  6.303   1.00 29.39 ? 388 ARG A NH2 1 
ATOM   12   N N   . ARG A 1 6   ? -4.103  6.532   10.974  1.00 42.14 ? 389 ARG A N   1 
ATOM   13   C CA  . ARG A 1 6   ? -3.203  5.783   11.887  1.00 39.05 ? 389 ARG A CA  1 
ATOM   14   C C   . ARG A 1 6   ? -1.931  6.614   12.153  1.00 36.81 ? 389 ARG A C   1 
ATOM   15   O O   . ARG A 1 6   ? -1.266  7.025   11.180  1.00 31.04 ? 389 ARG A O   1 
ATOM   16   C CB  . ARG A 1 6   ? -2.853  4.418   11.301  1.00 37.25 ? 389 ARG A CB  1 
ATOM   17   C CG  . ARG A 1 6   ? -2.164  3.488   12.285  1.00 36.92 ? 389 ARG A CG  1 
ATOM   18   C CD  . ARG A 1 6   ? -1.657  2.254   11.594  1.00 35.21 ? 389 ARG A CD  1 
ATOM   19   N NE  . ARG A 1 6   ? -2.701  1.627   10.807  1.00 39.25 ? 389 ARG A NE  1 
ATOM   20   C CZ  . ARG A 1 6   ? -3.460  0.620   11.223  1.00 39.21 ? 389 ARG A CZ  1 
ATOM   21   N NH1 . ARG A 1 6   ? -3.295  0.117   12.437  1.00 38.72 ? 389 ARG A NH1 1 
ATOM   22   N NH2 . ARG A 1 6   ? -4.367  0.104   10.414  1.00 36.54 ? 389 ARG A NH2 1 
ATOM   23   N N   . PHE A 1 7   ? -1.814  7.089   13.381  1.00 35.59 ? 390 PHE A N   1 
ATOM   24   C CA  . PHE A 1 7   ? -0.559  7.508   14.030  1.00 39.67 ? 390 PHE A CA  1 
ATOM   25   C C   . PHE A 1 7   ? -0.561  6.928   15.444  1.00 35.92 ? 390 PHE A C   1 
ATOM   26   O O   . PHE A 1 7   ? -1.178  7.528   16.336  1.00 36.73 ? 390 PHE A O   1 
ATOM   27   C CB  . PHE A 1 7   ? -0.445  9.034   14.007  1.00 41.74 ? 390 PHE A CB  1 
ATOM   28   C CG  . PHE A 1 7   ? 0.899   9.576   14.431  1.00 43.40 ? 390 PHE A CG  1 
ATOM   29   C CD1 . PHE A 1 7   ? 1.222   9.708   15.773  1.00 53.18 ? 390 PHE A CD1 1 
ATOM   30   C CD2 . PHE A 1 7   ? 1.821   10.003  13.491  1.00 40.87 ? 390 PHE A CD2 1 
ATOM   31   C CE1 . PHE A 1 7   ? 2.451   10.217  16.161  1.00 43.74 ? 390 PHE A CE1 1 
ATOM   32   C CE2 . PHE A 1 7   ? 3.043   10.524  13.884  1.00 46.99 ? 390 PHE A CE2 1 
ATOM   33   C CZ  . PHE A 1 7   ? 3.355   10.627  15.217  1.00 45.55 ? 390 PHE A CZ  1 
ATOM   34   N N   . GLU A 1 8   ? -0.153  5.677   15.548  1.00 25.40 ? 391 GLU A N   1 
ATOM   35   C CA  . GLU A 1 8   ? -0.209  4.849   16.770  1.00 29.04 ? 391 GLU A CA  1 
ATOM   36   C C   . GLU A 1 8   ? 1.188   4.808   17.374  1.00 27.55 ? 391 GLU A C   1 
ATOM   37   O O   . GLU A 1 8   ? 2.139   4.576   16.606  1.00 26.83 ? 391 GLU A O   1 
ATOM   38   C CB  . GLU A 1 8   ? -0.625  3.409   16.433  1.00 28.88 ? 391 GLU A CB  1 
ATOM   39   C CG  . GLU A 1 8   ? -2.074  3.227   16.093  1.00 33.14 ? 391 GLU A CG  1 
ATOM   40   C CD  . GLU A 1 8   ? -2.425  1.794   15.715  0.52 35.93 ? 391 GLU A CD  1 
ATOM   41   O OE1 . GLU A 1 8   ? -1.501  1.032   15.324  0.87 36.70 ? 391 GLU A OE1 1 
ATOM   42   O OE2 . GLU A 1 8   ? -3.590  1.421   15.876  0.49 31.47 ? 391 GLU A OE2 1 
ATOM   43   N N   . ARG A 1 9   ? 1.292   4.944   18.699  1.00 28.90 ? 392 ARG A N   1 
ATOM   44   C CA  . ARG A 1 9   ? 2.506   4.615   19.481  1.00 31.24 ? 392 ARG A CA  1 
ATOM   45   C C   . ARG A 1 9   ? 2.640   3.098   19.530  1.00 27.91 ? 392 ARG A C   1 
ATOM   46   O O   . ARG A 1 9   ? 1.658   2.460   19.862  1.00 30.93 ? 392 ARG A O   1 
ATOM   47   C CB  . ARG A 1 9   ? 2.411   5.168   20.902  1.00 35.38 ? 392 ARG A CB  1 
ATOM   48   C CG  . ARG A 1 9   ? 2.111   6.653   20.970  1.00 34.26 ? 392 ARG A CG  1 
ATOM   49   C CD  . ARG A 1 9   ? 3.350   7.482   20.746  1.00 39.14 ? 392 ARG A CD  1 
ATOM   50   N NE  . ARG A 1 9   ? 3.022   8.898   20.628  0.56 30.85 ? 392 ARG A NE  1 
ATOM   51   C CZ  . ARG A 1 9   ? 3.865   9.826   20.196  0.61 32.80 ? 392 ARG A CZ  1 
ATOM   52   N NH1 . ARG A 1 9   ? 5.086   9.483   19.814  0.67 32.77 ? 392 ARG A NH1 1 
ATOM   53   N NH2 . ARG A 1 9   ? 3.472   11.088  20.113  0.62 30.86 ? 392 ARG A NH2 1 
ATOM   54   N N   . ASP A 1 10  ? 3.734   2.566   19.008  1.00 25.83 ? 393 ASP A N   1 
ATOM   55   C CA  . ASP A 1 10  ? 3.944   1.098   18.846  1.00 25.73 ? 393 ASP A CA  1 
ATOM   56   C C   . ASP A 1 10  ? 5.275   0.733   19.491  1.00 26.23 ? 393 ASP A C   1 
ATOM   57   O O   . ASP A 1 10  ? 6.259   0.469   18.802  1.00 33.76 ? 393 ASP A O   1 
ATOM   58   C CB  . ASP A 1 10  ? 3.872   0.699   17.369  1.00 25.82 ? 393 ASP A CB  1 
ATOM   59   C CG  . ASP A 1 10  ? 3.317   -0.705  17.143  0.93 30.47 ? 393 ASP A CG  1 
ATOM   60   O OD1 . ASP A 1 10  ? 3.514   -1.553  18.023  0.75 37.07 ? 393 ASP A OD1 1 
ATOM   61   O OD2 . ASP A 1 10  ? 2.686   -0.925  16.101  0.82 29.91 ? 393 ASP A OD2 1 
ATOM   62   N N   . PRO A 1 11  ? 5.407   0.887   20.823  1.00 38.36 ? 394 PRO A N   1 
ATOM   63   C CA  . PRO A 1 11  ? 6.728   0.921   21.447  1.00 40.00 ? 394 PRO A CA  1 
ATOM   64   C C   . PRO A 1 11  ? 7.359   -0.473  21.557  1.00 43.14 ? 394 PRO A C   1 
ATOM   65   O O   . PRO A 1 11  ? 8.484   -0.550  21.974  1.00 45.82 ? 394 PRO A O   1 
ATOM   66   C CB  . PRO A 1 11  ? 6.471   1.523   22.845  1.00 43.37 ? 394 PRO A CB  1 
ATOM   67   C CG  . PRO A 1 11  ? 5.006   1.207   23.122  1.00 39.74 ? 394 PRO A CG  1 
ATOM   68   C CD  . PRO A 1 11  ? 4.331   1.238   21.760  1.00 38.36 ? 394 PRO A CD  1 
ATOM   69   N N   . THR A 1 12  ? 6.676   -1.498  21.044  1.00 40.71 ? 395 THR A N   1 
ATOM   70   C CA  . THR A 1 12  ? 7.142   -2.905  21.049  1.00 36.88 ? 395 THR A CA  1 
ATOM   71   C C   . THR A 1 12  ? 7.597   -3.347  19.644  1.00 44.34 ? 395 THR A C   1 
ATOM   72   O O   . THR A 1 12  ? 7.683   -4.576  19.411  1.00 46.78 ? 395 THR A O   1 
ATOM   73   C CB  . THR A 1 12  ? 6.017   -3.853  21.488  1.00 38.19 ? 395 THR A CB  1 
ATOM   74   O OG1 . THR A 1 12  ? 5.095   -3.923  20.392  1.00 38.50 ? 395 THR A OG1 1 
ATOM   75   C CG2 . THR A 1 12  ? 5.317   -3.412  22.757  1.00 40.04 ? 395 THR A CG2 1 
ATOM   76   N N   . ILE A 1 13  ? 7.769   -2.421  18.704  1.00 33.36 ? 396 ILE A N   1 
ATOM   77   C CA  . ILE A 1 13  ? 8.623   -2.707  17.513  1.00 29.60 ? 396 ILE A CA  1 
ATOM   78   C C   . ILE A 1 13  ? 10.070  -2.419  17.877  1.00 27.24 ? 396 ILE A C   1 
ATOM   79   O O   . ILE A 1 13  ? 10.346  -1.721  18.849  1.00 27.55 ? 396 ILE A O   1 
ATOM   80   C CB  . ILE A 1 13  ? 8.174   -1.922  16.271  1.00 27.30 ? 396 ILE A CB  1 
ATOM   81   C CG1 . ILE A 1 13  ? 8.444   -0.426  16.400  1.00 22.56 ? 396 ILE A CG1 1 
ATOM   82   C CG2 . ILE A 1 13  ? 6.714   -2.215  15.967  1.00 30.72 ? 396 ILE A CG2 1 
ATOM   83   C CD1 . ILE A 1 13  ? 8.126   0.361   15.132  1.00 21.65 ? 396 ILE A CD1 1 
ATOM   84   N N   . PRO A 1 14  ? 11.025  -2.950  17.100  1.00 30.50 ? 397 PRO A N   1 
ATOM   85   C CA  . PRO A 1 14  ? 12.431  -2.788  17.401  1.00 27.49 ? 397 PRO A CA  1 
ATOM   86   C C   . PRO A 1 14  ? 12.819  -1.318  17.484  1.00 23.22 ? 397 PRO A C   1 
ATOM   87   O O   . PRO A 1 14  ? 12.126  -0.439  16.956  1.00 22.30 ? 397 PRO A O   1 
ATOM   88   C CB  . PRO A 1 14  ? 13.169  -3.468  16.243  1.00 29.39 ? 397 PRO A CB  1 
ATOM   89   C CG  . PRO A 1 14  ? 12.128  -4.362  15.594  1.00 32.29 ? 397 PRO A CG  1 
ATOM   90   C CD  . PRO A 1 14  ? 10.792  -3.710  15.871  1.00 32.54 ? 397 PRO A CD  1 
ATOM   91   N N   . PRO A 1 15  ? 13.904  -1.017  18.219  1.00 28.99 ? 398 PRO A N   1 
ATOM   92   C CA  . PRO A 1 15  ? 14.445  0.328   18.291  1.00 25.77 ? 398 PRO A CA  1 
ATOM   93   C C   . PRO A 1 15  ? 14.610  1.012   16.923  1.00 27.11 ? 398 PRO A C   1 
ATOM   94   O O   . PRO A 1 15  ? 15.080  0.355   15.978  1.00 24.60 ? 398 PRO A O   1 
ATOM   95   C CB  . PRO A 1 15  ? 15.829  0.100   18.936  1.00 29.57 ? 398 PRO A CB  1 
ATOM   96   C CG  . PRO A 1 15  ? 15.643  -1.129  19.777  1.00 28.65 ? 398 PRO A CG  1 
ATOM   97   C CD  . PRO A 1 15  ? 14.698  -1.992  18.982  1.00 28.68 ? 398 PRO A CD  1 
ATOM   98   N N   . ASP A 1 16  ? 14.461  2.338   16.919  1.00 25.33 ? 399 ASP A N   1 
ATOM   99   C CA  . ASP A 1 16  ? 14.850  3.232   15.804  1.00 27.18 ? 399 ASP A CA  1 
ATOM   100  C C   . ASP A 1 16  ? 14.178  2.740   14.525  1.00 19.63 ? 399 ASP A C   1 
ATOM   101  O O   . ASP A 1 16  ? 14.769  2.906   13.454  1.00 19.79 ? 399 ASP A O   1 
ATOM   102  C CB  . ASP A 1 16  ? 16.368  3.323   15.680  1.00 28.68 ? 399 ASP A CB  1 
ATOM   103  C CG  . ASP A 1 16  ? 17.013  3.852   16.950  1.00 37.16 ? 399 ASP A CG  1 
ATOM   104  O OD1 . ASP A 1 16  ? 16.601  4.954   17.396  1.00 41.74 ? 399 ASP A OD1 1 
ATOM   105  O OD2 . ASP A 1 16  ? 17.790  3.095   17.569  1.00 44.04 ? 399 ASP A OD2 1 
ATOM   106  N N   . SER A 1 17  ? 12.914  2.341   14.629  1.00 19.11 ? 400 SER A N   1 
ATOM   107  C CA  . SER A 1 17  ? 12.108  1.822   13.493  1.00 19.08 ? 400 SER A CA  1 
ATOM   108  C C   . SER A 1 17  ? 10.745  2.493   13.461  1.00 18.94 ? 400 SER A C   1 
ATOM   109  O O   . SER A 1 17  ? 10.278  2.989   14.513  1.00 20.24 ? 400 SER A O   1 
ATOM   110  C CB  . SER A 1 17  ? 11.971  0.317   13.550  1.00 19.10 ? 400 SER A CB  1 
ATOM   111  O OG  . SER A 1 17  ? 13.261  -0.295  13.531  1.00 23.35 ? 400 SER A OG  1 
ATOM   112  N N   . ILE A 1 18  ? 10.059  2.339   12.334  1.00 18.94 ? 401 ILE A N   1 
ATOM   113  C CA  . ILE A 1 18  ? 8.615   2.610   12.201  1.00 15.97 ? 401 ILE A CA  1 
ATOM   114  C C   . ILE A 1 18  ? 7.930   1.356   11.647  1.00 15.08 ? 401 ILE A C   1 
ATOM   115  O O   . ILE A 1 18  ? 8.608   0.482   11.065  1.00 17.81 ? 401 ILE A O   1 
ATOM   116  C CB  . ILE A 1 18  ? 8.351   3.842   11.314  1.00 16.21 ? 401 ILE A CB  1 
ATOM   117  C CG1 . ILE A 1 18  ? 8.820   3.620   9.877   1.00 18.14 ? 401 ILE A CG1 1 
ATOM   118  C CG2 . ILE A 1 18  ? 8.973   5.091   11.914  1.00 20.29 ? 401 ILE A CG2 1 
ATOM   119  C CD1 . ILE A 1 18  ? 8.412   4.704   8.917   1.00 19.23 ? 401 ILE A CD1 1 
ATOM   120  N N   . LYS A 1 19  ? 6.627   1.299   11.787  1.00 13.87 ? 402 LYS A N   1 
ATOM   121  C CA  . LYS A 1 19  ? 5.802   0.243   11.193  1.00 15.98 ? 402 LYS A CA  1 
ATOM   122  C C   . LYS A 1 19  ? 4.838   0.877   10.197  1.00 14.82 ? 402 LYS A C   1 
ATOM   123  O O   . LYS A 1 19  ? 4.336   1.940   10.488  1.00 16.17 ? 402 LYS A O   1 
ATOM   124  C CB  . LYS A 1 19  ? 5.010   -0.479  12.264  1.00 17.10 ? 402 LYS A CB  1 
ATOM   125  C CG  . LYS A 1 19  ? 4.056   -1.543  11.714  1.00 19.26 ? 402 LYS A CG  1 
ATOM   126  C CD  . LYS A 1 19  ? 3.247   -2.185  12.765  1.00 19.40 ? 402 LYS A CD  1 
ATOM   127  C CE  . LYS A 1 19  ? 4.059   -3.138  13.592  1.00 20.31 ? 402 LYS A CE  1 
ATOM   128  N NZ  . LYS A 1 19  ? 3.325   -3.547  14.813  1.00 26.04 ? 402 LYS A NZ  1 
ATOM   129  N N   . VAL A 1 20  ? 4.843   0.377   8.971   1.00 17.65 ? 403 VAL A N   1 
ATOM   130  C CA  . VAL A 1 20  ? 4.033   0.938   7.860   1.00 15.79 ? 403 VAL A CA  1 
ATOM   131  C C   . VAL A 1 20  ? 3.087   -0.135  7.352   1.00 13.94 ? 403 VAL A C   1 
ATOM   132  O O   . VAL A 1 20  ? 3.565   -1.239  6.983   1.00 17.37 ? 403 VAL A O   1 
ATOM   133  C CB  . VAL A 1 20  ? 4.916   1.500   6.742   1.00 19.63 ? 403 VAL A CB  1 
ATOM   134  C CG1 . VAL A 1 20  ? 4.079   2.108   5.633   1.00 20.71 ? 403 VAL A CG1 1 
ATOM   135  C CG2 . VAL A 1 20  ? 5.915   2.537   7.290   1.00 18.90 ? 403 VAL A CG2 1 
ATOM   136  N N   . TYR A 1 21  ? 1.789   0.142   7.422   1.00 15.37 ? 404 TYR A N   1 
ATOM   137  C CA  . TYR A 1 21  ? 0.709   -0.719  6.877   1.00 15.18 ? 404 TYR A CA  1 
ATOM   138  C C   . TYR A 1 21  ? 0.486   -0.351  5.409   1.00 15.94 ? 404 TYR A C   1 
ATOM   139  O O   . TYR A 1 21  ? 0.097   0.781   5.126   1.00 16.58 ? 404 TYR A O   1 
ATOM   140  C CB  . TYR A 1 21  ? -0.567  -0.570  7.691   1.00 14.09 ? 404 TYR A CB  1 
ATOM   141  C CG  . TYR A 1 21  ? -0.495  -1.134  9.074   1.00 15.97 ? 404 TYR A CG  1 
ATOM   142  C CD1 . TYR A 1 21  ? 0.144   -0.460  10.105  1.00 17.50 ? 404 TYR A CD1 1 
ATOM   143  C CD2 . TYR A 1 21  ? -1.040  -2.365  9.352   1.00 16.30 ? 404 TYR A CD2 1 
ATOM   144  C CE1 . TYR A 1 21  ? 0.140   -0.961  11.397  1.00 17.44 ? 404 TYR A CE1 1 
ATOM   145  C CE2 . TYR A 1 21  ? -1.031  -2.896  10.627  1.00 16.71 ? 404 TYR A CE2 1 
ATOM   146  C CZ  . TYR A 1 21  ? -0.412  -2.206  11.647  1.00 20.86 ? 404 TYR A CZ  1 
ATOM   147  O OH  . TYR A 1 21  ? -0.473  -2.720  12.900  1.00 20.70 ? 404 TYR A OH  1 
ATOM   148  N N   . SER A 1 22  ? 0.757   -1.294  4.503   1.00 16.43 ? 405 SER A N   1 
ATOM   149  C CA  . SER A 1 22  ? 0.568   -1.096  3.049   1.00 16.74 ? 405 SER A CA  1 
ATOM   150  C C   . SER A 1 22  ? -0.883  -0.728  2.796   1.00 16.02 ? 405 SER A C   1 
ATOM   151  O O   . SER A 1 22  ? -1.756  -1.384  3.385   1.00 16.06 ? 405 SER A O   1 
ATOM   152  C CB  . SER A 1 22  ? 0.958   -2.336  2.283   1.00 18.44 ? 405 SER A CB  1 
ATOM   153  O OG  . SER A 1 22  ? 0.959   -2.092  0.883   1.00 18.38 ? 405 SER A OG  1 
ATOM   154  N N   . ARG A 1 23  ? -1.136  0.124   1.808   1.00 15.12 ? 406 ARG A N   1 
ATOM   155  C CA  . ARG A 1 23  ? -2.480  0.277   1.202   1.00 16.45 ? 406 ARG A CA  1 
ATOM   156  C C   . ARG A 1 23  ? -2.480  -0.264  -0.222  1.00 16.36 ? 406 ARG A C   1 
ATOM   157  O O   . ARG A 1 23  ? -3.483  -0.033  -0.949  1.00 14.34 ? 406 ARG A O   1 
ATOM   158  C CB  . ARG A 1 23  ? -2.887  1.756   1.222   1.00 16.30 ? 406 ARG A CB  1 
ATOM   159  C CG  . ARG A 1 23  ? -3.106  2.305   2.619   1.00 16.90 ? 406 ARG A CG  1 
ATOM   160  C CD  . ARG A 1 23  ? -3.538  3.768   2.606   1.00 16.37 ? 406 ARG A CD  1 
ATOM   161  N NE  . ARG A 1 23  ? -2.507  4.710   2.189   1.00 16.41 ? 406 ARG A NE  1 
ATOM   162  C CZ  . ARG A 1 23  ? -2.590  5.509   1.109   1.00 17.42 ? 406 ARG A CZ  1 
ATOM   163  N NH1 . ARG A 1 23  ? -3.592  5.377   0.267   1.00 16.09 ? 406 ARG A NH1 1 
ATOM   164  N NH2 . ARG A 1 23  ? -1.639  6.397   0.853   1.00 20.59 ? 406 ARG A NH2 1 
ATOM   165  N N   . THR A 1 24  ? -1.443  -1.005  -0.591  1.00 17.95 ? 407 THR A N   1 
ATOM   166  C CA  . THR A 1 24  ? -1.169  -1.413  -1.992  1.00 17.09 ? 407 THR A CA  1 
ATOM   167  C C   . THR A 1 24  ? -1.377  -2.926  -2.114  1.00 17.93 ? 407 THR A C   1 
ATOM   168  O O   . THR A 1 24  ? -0.794  -3.683  -1.302  1.00 17.84 ? 407 THR A O   1 
ATOM   169  C CB  . THR A 1 24  ? 0.252   -1.025  -2.422  1.00 20.13 ? 407 THR A CB  1 
ATOM   170  O OG1 . THR A 1 24  ? 0.397   0.405   -2.413  1.00 21.75 ? 407 THR A OG1 1 
ATOM   171  C CG2 . THR A 1 24  ? 0.603   -1.555  -3.795  1.00 20.36 ? 407 THR A CG2 1 
ATOM   172  N N   . LEU A 1 25  ? -2.204  -3.349  -3.053  1.00 16.16 ? 408 LEU A N   1 
ATOM   173  C CA  . LEU A 1 25  ? -2.431  -4.780  -3.317  1.00 16.75 ? 408 LEU A CA  1 
ATOM   174  C C   . LEU A 1 25  ? -1.784  -5.144  -4.648  1.00 16.45 ? 408 LEU A C   1 
ATOM   175  O O   . LEU A 1 25  ? -1.921  -4.393  -5.612  1.00 17.81 ? 408 LEU A O   1 
ATOM   176  C CB  . LEU A 1 25  ? -3.931  -5.060  -3.294  1.00 17.11 ? 408 LEU A CB  1 
ATOM   177  C CG  . LEU A 1 25  ? -4.608  -4.788  -1.957  1.00 18.26 ? 408 LEU A CG  1 
ATOM   178  C CD1 . LEU A 1 25  ? -6.113  -4.913  -2.072  1.00 24.32 ? 408 LEU A CD1 1 
ATOM   179  C CD2 . LEU A 1 25  ? -4.069  -5.726  -0.886  1.00 22.12 ? 408 LEU A CD2 1 
ATOM   180  N N   . PHE A 1 26  ? -1.096  -6.263  -4.676  1.00 16.20 ? 409 PHE A N   1 
ATOM   181  C CA  . PHE A 1 26  ? -0.654  -6.929  -5.903  1.00 15.82 ? 409 PHE A CA  1 
ATOM   182  C C   . PHE A 1 26  ? -1.828  -7.745  -6.455  1.00 17.59 ? 409 PHE A C   1 
ATOM   183  O O   . PHE A 1 26  ? -2.407  -8.508  -5.695  1.00 14.91 ? 409 PHE A O   1 
ATOM   184  C CB  . PHE A 1 26  ? 0.546   -7.833  -5.611  1.00 17.23 ? 409 PHE A CB  1 
ATOM   185  C CG  . PHE A 1 26  ? 0.953   -8.703  -6.770  1.00 19.64 ? 409 PHE A CG  1 
ATOM   186  C CD1 . PHE A 1 26  ? 1.782   -8.211  -7.766  1.00 20.35 ? 409 PHE A CD1 1 
ATOM   187  C CD2 . PHE A 1 26  ? 0.413   -9.969  -6.931  1.00 19.73 ? 409 PHE A CD2 1 
ATOM   188  C CE1 . PHE A 1 26  ? 2.190   -9.033  -8.810  1.00 19.10 ? 409 PHE A CE1 1 
ATOM   189  C CE2 . PHE A 1 26  ? 0.793   -10.771 -7.999  1.00 17.99 ? 409 PHE A CE2 1 
ATOM   190  C CZ  . PHE A 1 26  ? 1.623   -10.272 -8.971  1.00 17.32 ? 409 PHE A CZ  1 
ATOM   191  N N   . LEU A 1 27  ? -2.023  -7.685  -7.761  1.00 17.25 ? 410 LEU A N   1 
ATOM   192  C CA  . LEU A 1 27  ? -3.053  -8.430  -8.500  1.00 17.92 ? 410 LEU A CA  1 
ATOM   193  C C   . LEU A 1 27  ? -2.354  -9.380  -9.453  1.00 16.55 ? 410 LEU A C   1 
ATOM   194  O O   . LEU A 1 27  ? -1.665  -8.912  -10.317 1.00 16.14 ? 410 LEU A O   1 
ATOM   195  C CB  . LEU A 1 27  ? -3.946  -7.456  -9.265  1.00 19.36 ? 410 LEU A CB  1 
ATOM   196  C CG  . LEU A 1 27  ? -4.509  -6.309  -8.438  1.00 21.36 ? 410 LEU A CG  1 
ATOM   197  C CD1 . LEU A 1 27  ? -5.475  -5.476  -9.260  1.00 24.48 ? 410 LEU A CD1 1 
ATOM   198  C CD2 . LEU A 1 27  ? -5.174  -6.831  -7.170  1.00 22.01 ? 410 LEU A CD2 1 
ATOM   199  N N   . GLY A 1 28  ? -2.535  -10.674 -9.259  1.00 14.81 ? 411 GLY A N   1 
ATOM   200  C CA  . GLY A 1 28  ? -1.949  -11.703 -10.109 1.00 17.11 ? 411 GLY A CA  1 
ATOM   201  C C   . GLY A 1 28  ? -3.002  -12.370 -10.968 1.00 16.33 ? 411 GLY A C   1 
ATOM   202  O O   . GLY A 1 28  ? -4.211  -12.268 -10.630 1.00 17.36 ? 411 GLY A O   1 
ATOM   203  N N   . GLY A 1 29  ? -2.577  -13.050 -12.027 1.00 19.34 ? 412 GLY A N   1 
ATOM   204  C CA  . GLY A 1 29  ? -3.482  -13.786 -12.921 1.00 18.25 ? 412 GLY A CA  1 
ATOM   205  C C   . GLY A 1 29  ? -4.266  -12.861 -13.804 1.00 17.21 ? 412 GLY A C   1 
ATOM   206  O O   . GLY A 1 29  ? -5.382  -13.232 -14.200 1.00 19.47 ? 412 GLY A O   1 
ATOM   207  N N   . ILE A 1 30  ? -3.720  -11.672 -14.095 1.00 16.82 ? 413 ILE A N   1 
ATOM   208  C CA  . ILE A 1 30  ? -4.404  -10.633 -14.920 1.00 19.05 ? 413 ILE A CA  1 
ATOM   209  C C   . ILE A 1 30  ? -4.143  -10.930 -16.397 1.00 20.29 ? 413 ILE A C   1 
ATOM   210  O O   . ILE A 1 30  ? -3.253  -10.317 -16.978 1.00 22.00 ? 413 ILE A O   1 
ATOM   211  C CB  . ILE A 1 30  ? -3.961  -9.219  -14.518 1.00 17.38 ? 413 ILE A CB  1 
ATOM   212  C CG1 . ILE A 1 30  ? -4.003  -9.041  -13.006 1.00 17.03 ? 413 ILE A CG1 1 
ATOM   213  C CG2 . ILE A 1 30  ? -4.815  -8.163  -15.217 1.00 17.04 ? 413 ILE A CG2 1 
ATOM   214  C CD1 . ILE A 1 30  ? -5.314  -9.416  -12.380 1.00 18.55 ? 413 ILE A CD1 1 
ATOM   215  N N   . THR A 1 31  ? -4.947  -11.814 -16.975 1.00 21.35 ? 414 THR A N   1 
ATOM   216  C CA  . THR A 1 31  ? -5.001  -12.066 -18.433 1.00 17.33 ? 414 THR A CA  1 
ATOM   217  C C   . THR A 1 31  ? -5.676  -10.879 -19.118 1.00 16.39 ? 414 THR A C   1 
ATOM   218  O O   . THR A 1 31  ? -6.288  -10.027 -18.404 1.00 16.66 ? 414 THR A O   1 
ATOM   219  C CB  . THR A 1 31  ? -5.719  -13.390 -18.708 1.00 17.58 ? 414 THR A CB  1 
ATOM   220  O OG1 . THR A 1 31  ? -7.077  -13.250 -18.260 1.00 16.34 ? 414 THR A OG1 1 
ATOM   221  C CG2 . THR A 1 31  ? -5.032  -14.555 -18.029 1.00 18.48 ? 414 THR A CG2 1 
ATOM   222  N N   . ARG A 1 32  ? -5.729  -10.888 -20.443 1.00 16.98 ? 415 ARG A N   1 
ATOM   223  C CA  . ARG A 1 32  ? -6.274  -9.742  -21.197 1.00 19.34 ? 415 ARG A CA  1 
ATOM   224  C C   . ARG A 1 32  ? -7.821  -9.772  -21.169 1.00 21.02 ? 415 ARG A C   1 
ATOM   225  O O   . ARG A 1 32  ? -8.392  -8.718  -21.433 1.00 21.97 ? 415 ARG A O   1 
ATOM   226  C CB  . ARG A 1 32  ? -5.673  -9.711  -22.602 1.00 21.57 ? 415 ARG A CB  1 
ATOM   227  C CG  . ARG A 1 32  ? -4.251  -9.159  -22.626 1.00 22.60 ? 415 ARG A CG  1 
ATOM   228  C CD  . ARG A 1 32  ? -3.524  -9.353  -23.935 1.00 22.07 ? 415 ARG A CD  1 
ATOM   229  N NE  . ARG A 1 32  ? -2.120  -9.060  -23.764 1.00 21.39 ? 415 ARG A NE  1 
ATOM   230  C CZ  . ARG A 1 32  ? -1.647  -7.829  -23.605 1.00 19.99 ? 415 ARG A CZ  1 
ATOM   231  N NH1 . ARG A 1 32  ? -2.462  -6.799  -23.714 1.00 21.36 ? 415 ARG A NH1 1 
ATOM   232  N NH2 . ARG A 1 32  ? -0.363  -7.642  -23.329 1.00 19.46 ? 415 ARG A NH2 1 
ATOM   233  N N   . SER A 1 33  ? -8.427  -10.804 -20.556 1.00 19.57 ? 416 SER A N   1 
ATOM   234  C CA  . SER A 1 33  ? -9.901  -10.856 -20.294 1.00 17.41 ? 416 SER A CA  1 
ATOM   235  C C   . SER A 1 33  ? -10.249 -10.060 -19.027 1.00 18.59 ? 416 SER A C   1 
ATOM   236  O O   . SER A 1 33  ? -11.437 -9.744  -18.825 1.00 19.66 ? 416 SER A O   1 
ATOM   237  C CB  . SER A 1 33  ? -10.414 -12.276 -20.202 1.00 18.81 ? 416 SER A CB  1 
ATOM   238  O OG  . SER A 1 33  ? -10.139 -12.996 -21.394 1.00 22.64 ? 416 SER A OG  1 
ATOM   239  N N   . VAL A 1 34  ? -9.252  -9.657  -18.251 1.00 16.61 ? 417 VAL A N   1 
ATOM   240  C CA  . VAL A 1 34  ? -9.459  -8.932  -16.969 1.00 18.00 ? 417 VAL A CA  1 
ATOM   241  C C   . VAL A 1 34  ? -9.138  -7.452  -17.192 1.00 19.67 ? 417 VAL A C   1 
ATOM   242  O O   . VAL A 1 34  ? -7.977  -7.142  -17.486 1.00 16.35 ? 417 VAL A O   1 
ATOM   243  C CB  . VAL A 1 34  ? -8.607  -9.517  -15.830 1.00 20.98 ? 417 VAL A CB  1 
ATOM   244  C CG1 . VAL A 1 34  ? -8.910  -8.848  -14.487 1.00 22.62 ? 417 VAL A CG1 1 
ATOM   245  C CG2 . VAL A 1 34  ? -8.743  -11.026 -15.725 1.00 21.58 ? 417 VAL A CG2 1 
ATOM   246  N N   . ARG A 1 35  ? -10.153 -6.595  -17.213 1.00 17.94 ? 418 ARG A N   1 
ATOM   247  C CA  . ARG A 1 35  ? -9.979  -5.184  -17.654 1.00 21.29 ? 418 ARG A CA  1 
ATOM   248  C C   . ARG A 1 35  ? -10.216 -4.237  -16.479 1.00 18.05 ? 418 ARG A C   1 
ATOM   249  O O   . ARG A 1 35  ? -10.930 -4.605  -15.526 1.00 18.39 ? 418 ARG A O   1 
ATOM   250  C CB  . ARG A 1 35  ? -10.890 -4.878  -18.849 1.00 25.55 ? 418 ARG A CB  1 
ATOM   251  C CG  . ARG A 1 35  ? -10.516 -5.671  -20.095 1.00 29.93 ? 418 ARG A CG  1 
ATOM   252  C CD  . ARG A 1 35  ? -11.393 -5.369  -21.287 1.00 30.59 ? 418 ARG A CD  1 
ATOM   253  N NE  . ARG A 1 35  ? -11.129 -6.281  -22.400 1.00 34.47 ? 418 ARG A NE  1 
ATOM   254  C CZ  . ARG A 1 35  ? -11.632 -7.519  -22.508 1.00 38.50 ? 418 ARG A CZ  1 
ATOM   255  N NH1 . ARG A 1 35  ? -12.409 -8.011  -21.553 1.00 37.67 ? 418 ARG A NH1 1 
ATOM   256  N NH2 . ARG A 1 35  ? -11.337 -8.266  -23.558 1.00 38.59 ? 418 ARG A NH2 1 
ATOM   257  N N   . GLU A 1 36  ? -9.647  -3.051  -16.562 1.00 19.06 ? 419 GLU A N   1 
ATOM   258  C CA  . GLU A 1 36  ? -9.545  -2.117  -15.421 1.00 21.95 ? 419 GLU A CA  1 
ATOM   259  C C   . GLU A 1 36  ? -10.950 -1.729  -14.941 1.00 18.37 ? 419 GLU A C   1 
ATOM   260  O O   . GLU A 1 36  ? -11.190 -1.693  -13.743 1.00 19.13 ? 419 GLU A O   1 
ATOM   261  C CB  . GLU A 1 36  ? -8.673  -0.914  -15.804 1.00 28.33 ? 419 GLU A CB  1 
ATOM   262  C CG  . GLU A 1 36  ? -8.524  0.110   -14.689 1.00 29.29 ? 419 GLU A CG  1 
ATOM   263  C CD  . GLU A 1 36  ? -9.682  1.083   -14.551 0.61 31.03 ? 419 GLU A CD  1 
ATOM   264  O OE1 . GLU A 1 36  ? -9.801  1.710   -13.479 0.68 29.12 ? 419 GLU A OE1 1 
ATOM   265  O OE2 . GLU A 1 36  ? -10.475 1.194   -15.506 0.75 32.67 ? 419 GLU A OE2 1 
ATOM   266  N N   . PRO A 1 37  ? -11.938 -1.440  -15.837 1.00 19.13 ? 420 PRO A N   1 
ATOM   267  C CA  . PRO A 1 37  ? -13.269 -1.020  -15.388 1.00 19.37 ? 420 PRO A CA  1 
ATOM   268  C C   . PRO A 1 37  ? -13.952 -2.082  -14.510 1.00 19.90 ? 420 PRO A C   1 
ATOM   269  O O   . PRO A 1 37  ? -14.571 -1.725  -13.532 1.00 17.16 ? 420 PRO A O   1 
ATOM   270  C CB  . PRO A 1 37  ? -14.029 -0.749  -16.709 1.00 19.22 ? 420 PRO A CB  1 
ATOM   271  C CG  . PRO A 1 37  ? -12.904 -0.395  -17.691 1.00 19.89 ? 420 PRO A CG  1 
ATOM   272  C CD  . PRO A 1 37  ? -11.765 -1.303  -17.287 1.00 19.16 ? 420 PRO A CD  1 
ATOM   273  N N   . VAL A 1 38  ? -13.748 -3.365  -14.829 1.00 16.73 ? 421 VAL A N   1 
ATOM   274  C CA  . VAL A 1 38  ? -14.364 -4.490  -14.098 1.00 18.11 ? 421 VAL A CA  1 
ATOM   275  C C   . VAL A 1 38  ? -13.672 -4.641  -12.737 1.00 17.20 ? 421 VAL A C   1 
ATOM   276  O O   . VAL A 1 38  ? -14.379 -4.720  -11.729 1.00 17.78 ? 421 VAL A O   1 
ATOM   277  C CB  . VAL A 1 38  ? -14.346 -5.782  -14.941 1.00 18.64 ? 421 VAL A CB  1 
ATOM   278  C CG1 . VAL A 1 38  ? -14.860 -6.946  -14.146 1.00 18.57 ? 421 VAL A CG1 1 
ATOM   279  C CG2 . VAL A 1 38  ? -15.147 -5.593  -16.236 1.00 20.16 ? 421 VAL A CG2 1 
ATOM   280  N N   . LEU A 1 39  ? -12.341 -4.569  -12.688 1.00 20.12 ? 422 LEU A N   1 
ATOM   281  C CA  . LEU A 1 39  ? -11.609 -4.690  -11.397 1.00 20.67 ? 422 LEU A CA  1 
ATOM   282  C C   . LEU A 1 39  ? -11.963 -3.518  -10.491 1.00 18.29 ? 422 LEU A C   1 
ATOM   283  O O   . LEU A 1 39  ? -12.244 -3.756  -9.302  1.00 18.88 ? 422 LEU A O   1 
ATOM   284  C CB  . LEU A 1 39  ? -10.104 -4.755  -11.658 1.00 25.60 ? 422 LEU A CB  1 
ATOM   285  C CG  . LEU A 1 39  ? -9.581  -6.104  -12.113 1.00 27.75 ? 422 LEU A CG  1 
ATOM   286  C CD1 . LEU A 1 39  ? -8.089  -6.035  -12.372 1.00 28.28 ? 422 LEU A CD1 1 
ATOM   287  C CD2 . LEU A 1 39  ? -9.896  -7.200  -11.088 1.00 29.46 ? 422 LEU A CD2 1 
ATOM   288  N N   . ARG A 1 40  ? -12.049 -2.312  -11.051 1.00 18.98 ? 423 ARG A N   1 
ATOM   289  C CA  . ARG A 1 40  ? -12.388 -1.098  -10.276 1.00 20.49 ? 423 ARG A CA  1 
ATOM   290  C C   . ARG A 1 40  ? -13.756 -1.307  -9.634  1.00 19.39 ? 423 ARG A C   1 
ATOM   291  O O   . ARG A 1 40  ? -13.836 -1.220  -8.423  1.00 20.92 ? 423 ARG A O   1 
ATOM   292  C CB  . ARG A 1 40  ? -12.372 0.150   -11.156 1.00 24.80 ? 423 ARG A CB  1 
ATOM   293  C CG  . ARG A 1 40  ? -12.762 1.425   -10.422 1.00 25.85 ? 423 ARG A CG  1 
ATOM   294  C CD  . ARG A 1 40  ? -12.540 2.661   -11.281 1.00 27.35 ? 423 ARG A CD  1 
ATOM   295  N NE  . ARG A 1 40  ? -11.123 2.884   -11.608 1.00 31.92 ? 423 ARG A NE  1 
ATOM   296  C CZ  . ARG A 1 40  ? -10.264 3.569   -10.848 1.00 30.60 ? 423 ARG A CZ  1 
ATOM   297  N NH1 . ARG A 1 40  ? -10.645 4.057   -9.682  1.00 27.98 ? 423 ARG A NH1 1 
ATOM   298  N NH2 . ARG A 1 40  ? -9.026  3.768   -11.258 1.00 32.01 ? 423 ARG A NH2 1 
ATOM   299  N N   . SER A 1 41  ? -14.713 -1.835  -10.385 1.00 19.76 ? 424 SER A N   1 
ATOM   300  C CA  . SER A 1 41  ? -16.064 -2.108  -9.853  1.00 19.73 ? 424 SER A CA  1 
ATOM   301  C C   . SER A 1 41  ? -15.994 -3.146  -8.739  1.00 17.64 ? 424 SER A C   1 
ATOM   302  O O   . SER A 1 41  ? -16.728 -3.000  -7.753  1.00 24.33 ? 424 SER A O   1 
ATOM   303  C CB  . SER A 1 41  ? -16.999 -2.512  -10.951 1.00 23.77 ? 424 SER A CB  1 
ATOM   304  O OG  . SER A 1 41  ? -17.289 -1.384  -11.751 1.00 19.79 ? 424 SER A OG  1 
ATOM   305  N N   . MET A 1 42  ? -15.168 -4.173  -8.897  1.00 16.56 ? 425 MET A N   1 
ATOM   306  C CA  . MET A 1 42  ? -15.039 -5.257  -7.888  1.00 17.78 ? 425 MET A CA  1 
ATOM   307  C C   . MET A 1 42  ? -14.454 -4.688  -6.587  1.00 19.04 ? 425 MET A C   1 
ATOM   308  O O   . MET A 1 42  ? -15.040 -4.927  -5.517  1.00 18.96 ? 425 MET A O   1 
ATOM   309  C CB  . MET A 1 42  ? -14.163 -6.378  -8.415  1.00 19.74 ? 425 MET A CB  1 
ATOM   310  C CG  . MET A 1 42  ? -14.789 -7.092  -9.587  1.00 23.86 ? 425 MET A CG  1 
ATOM   311  S SD  . MET A 1 42  ? -13.692 -8.367  -10.249 1.00 26.86 ? 425 MET A SD  1 
ATOM   312  C CE  . MET A 1 42  ? -14.041 -9.700  -9.106  1.00 34.17 ? 425 MET A CE  1 
ATOM   313  N N   . PHE A 1 43  ? -13.427 -3.867  -6.685  1.00 18.62 ? 426 PHE A N   1 
ATOM   314  C CA  . PHE A 1 43  ? -12.706 -3.361  -5.492  1.00 20.51 ? 426 PHE A CA  1 
ATOM   315  C C   . PHE A 1 43  ? -13.439 -2.172  -4.864  1.00 21.59 ? 426 PHE A C   1 
ATOM   316  O O   . PHE A 1 43  ? -13.322 -2.029  -3.646  1.00 22.98 ? 426 PHE A O   1 
ATOM   317  C CB  . PHE A 1 43  ? -11.256 -3.032  -5.844  1.00 22.04 ? 426 PHE A CB  1 
ATOM   318  C CG  . PHE A 1 43  ? -10.381 -4.256  -5.914  1.00 21.93 ? 426 PHE A CG  1 
ATOM   319  C CD1 . PHE A 1 43  ? -9.855  -4.817  -4.759  1.00 21.01 ? 426 PHE A CD1 1 
ATOM   320  C CD2 . PHE A 1 43  ? -10.176 -4.907  -7.114  1.00 25.33 ? 426 PHE A CD2 1 
ATOM   321  C CE1 . PHE A 1 43  ? -9.131  -6.003  -4.810  1.00 24.86 ? 426 PHE A CE1 1 
ATOM   322  C CE2 . PHE A 1 43  ? -9.425  -6.077  -7.166  1.00 27.43 ? 426 PHE A CE2 1 
ATOM   323  C CZ  . PHE A 1 43  ? -8.911  -6.621  -6.012  1.00 22.24 ? 426 PHE A CZ  1 
ATOM   324  N N   . GLU A 1 44  ? -14.297 -1.458  -5.618  1.00 20.24 ? 427 GLU A N   1 
ATOM   325  C CA  . GLU A 1 44  ? -15.073 -0.299  -5.091  1.00 24.67 ? 427 GLU A CA  1 
ATOM   326  C C   . GLU A 1 44  ? -16.157 -0.815  -4.128  1.00 23.03 ? 427 GLU A C   1 
ATOM   327  O O   . GLU A 1 44  ? -16.619 -0.050  -3.331  1.00 23.80 ? 427 GLU A O   1 
ATOM   328  C CB  . GLU A 1 44  ? -15.688 0.538   -6.226  1.00 24.59 ? 427 GLU A CB  1 
ATOM   329  C CG  . GLU A 1 44  ? -14.713 1.553   -6.830  1.00 29.73 ? 427 GLU A CG  1 
ATOM   330  C CD  . GLU A 1 44  ? -14.611 2.889   -6.099  0.59 34.51 ? 427 GLU A CD  1 
ATOM   331  O OE1 . GLU A 1 44  ? -15.604 3.298   -5.462  0.50 34.01 ? 427 GLU A OE1 1 
ATOM   332  O OE2 . GLU A 1 44  ? -13.539 3.535   -6.192  0.55 41.94 ? 427 GLU A OE2 1 
ATOM   333  N N   . ARG A 1 45  ? -16.412 -2.110  -4.101  1.00 21.69 ? 428 ARG A N   1 
ATOM   334  C CA  . ARG A 1 45  ? -17.317 -2.680  -3.065  1.00 24.30 ? 428 ARG A CA  1 
ATOM   335  C C   . ARG A 1 45  ? -16.702 -2.478  -1.655  1.00 25.18 ? 428 ARG A C   1 
ATOM   336  O O   . ARG A 1 45  ? -17.465 -2.365  -0.688  1.00 26.01 ? 428 ARG A O   1 
ATOM   337  C CB  . ARG A 1 45  ? -17.597 -4.148  -3.363  1.00 27.07 ? 428 ARG A CB  1 
ATOM   338  C CG  . ARG A 1 45  ? -18.338 -4.868  -2.254  1.00 34.46 ? 428 ARG A CG  1 
ATOM   339  C CD  . ARG A 1 45  ? -19.004 -6.121  -2.777  1.00 38.49 ? 428 ARG A CD  1 
ATOM   340  N NE  . ARG A 1 45  ? -18.167 -7.284  -2.581  1.00 43.63 ? 428 ARG A NE  1 
ATOM   341  C CZ  . ARG A 1 45  ? -18.144 -8.017  -1.474  1.00 45.34 ? 428 ARG A CZ  1 
ATOM   342  N NH1 . ARG A 1 45  ? -17.334 -9.061  -1.390  1.00 44.66 ? 428 ARG A NH1 1 
ATOM   343  N NH2 . ARG A 1 45  ? -18.920 -7.697  -0.452  1.00 38.24 ? 428 ARG A NH2 1 
ATOM   344  N N   . PHE A 1 46  ? -15.377 -2.403  -1.541  1.00 24.99 ? 429 PHE A N   1 
ATOM   345  C CA  . PHE A 1 46  ? -14.680 -2.491  -0.228  1.00 23.19 ? 429 PHE A CA  1 
ATOM   346  C C   . PHE A 1 46  ? -14.289 -1.107  0.261   1.00 23.64 ? 429 PHE A C   1 
ATOM   347  O O   . PHE A 1 46  ? -14.156 -0.912  1.484   1.00 29.02 ? 429 PHE A O   1 
ATOM   348  C CB  . PHE A 1 46  ? -13.474 -3.403  -0.338  1.00 23.88 ? 429 PHE A CB  1 
ATOM   349  C CG  . PHE A 1 46  ? -13.820 -4.771  -0.832  1.00 20.89 ? 429 PHE A CG  1 
ATOM   350  C CD1 . PHE A 1 46  ? -14.545 -5.642  -0.036  1.00 21.02 ? 429 PHE A CD1 1 
ATOM   351  C CD2 . PHE A 1 46  ? -13.494 -5.165  -2.120  1.00 22.26 ? 429 PHE A CD2 1 
ATOM   352  C CE1 . PHE A 1 46  ? -14.949 -6.869  -0.522  1.00 24.28 ? 429 PHE A CE1 1 
ATOM   353  C CE2 . PHE A 1 46  ? -13.857 -6.418  -2.585  1.00 23.46 ? 429 PHE A CE2 1 
ATOM   354  C CZ  . PHE A 1 46  ? -14.587 -7.263  -1.788  1.00 27.23 ? 429 PHE A CZ  1 
ATOM   355  N N   . GLY A 1 47  ? -14.232 -0.158  -0.656  1.00 25.56 ? 430 GLY A N   1 
ATOM   356  C CA  . GLY A 1 47  ? -13.907 1.236   -0.359  1.00 24.04 ? 430 GLY A CA  1 
ATOM   357  C C   . GLY A 1 47  ? -13.448 1.958   -1.601  1.00 24.24 ? 430 GLY A C   1 
ATOM   358  O O   . GLY A 1 47  ? -13.513 1.355   -2.703  1.00 25.46 ? 430 GLY A O   1 
ATOM   359  N N   . SER A 1 48  ? -13.009 3.201   -1.444  1.00 24.46 ? 431 SER A N   1 
ATOM   360  C CA  . SER A 1 48  ? -12.576 4.052   -2.559  1.00 24.04 ? 431 SER A CA  1 
ATOM   361  C C   . SER A 1 48  ? -11.214 3.580   -3.062  1.00 22.75 ? 431 SER A C   1 
ATOM   362  O O   . SER A 1 48  ? -10.312 3.321   -2.215  1.00 23.72 ? 431 SER A O   1 
ATOM   363  C CB  . SER A 1 48  ? -12.568 5.469   -2.165  1.00 23.71 ? 431 SER A CB  1 
ATOM   364  O OG  . SER A 1 48  ? -13.883 5.967   -2.128  1.00 30.92 ? 431 SER A OG  1 
ATOM   365  N N   . VAL A 1 49  ? -11.095 3.420   -4.385  1.00 22.32 ? 432 VAL A N   1 
ATOM   366  C CA  . VAL A 1 49  ? -9.839  3.063   -5.091  1.00 22.63 ? 432 VAL A CA  1 
ATOM   367  C C   . VAL A 1 49  ? -9.064  4.336   -5.405  1.00 22.42 ? 432 VAL A C   1 
ATOM   368  O O   . VAL A 1 49  ? -9.570  5.158   -6.171  1.00 22.44 ? 432 VAL A O   1 
ATOM   369  C CB  . VAL A 1 49  ? -10.122 2.255   -6.365  1.00 22.01 ? 432 VAL A CB  1 
ATOM   370  C CG1 . VAL A 1 49  ? -8.841  1.947   -7.132  1.00 23.10 ? 432 VAL A CG1 1 
ATOM   371  C CG2 . VAL A 1 49  ? -10.885 0.989   -6.047  1.00 21.40 ? 432 VAL A CG2 1 
ATOM   372  N N   . GLN A 1 50  ? -7.869  4.465   -4.865  1.00 19.53 ? 433 GLN A N   1 
ATOM   373  C CA  . GLN A 1 50  ? -6.998  5.617   -5.120  1.00 18.51 ? 433 GLN A CA  1 
ATOM   374  C C   . GLN A 1 50  ? -6.288  5.449   -6.458  1.00 22.09 ? 433 GLN A C   1 
ATOM   375  O O   . GLN A 1 50  ? -6.200  6.422   -7.198  1.00 19.12 ? 433 GLN A O   1 
ATOM   376  C CB  . GLN A 1 50  ? -6.001  5.808   -4.001  1.00 19.56 ? 433 GLN A CB  1 
ATOM   377  C CG  . GLN A 1 50  ? -5.195  7.083   -4.167  1.00 21.84 ? 433 GLN A CG  1 
ATOM   378  C CD  . GLN A 1 50  ? -4.255  7.301   -3.013  1.00 25.50 ? 433 GLN A CD  1 
ATOM   379  O OE1 . GLN A 1 50  ? -3.962  6.382   -2.259  1.00 24.81 ? 433 GLN A OE1 1 
ATOM   380  N NE2 . GLN A 1 50  ? -3.919  8.559   -2.770  1.00 23.84 ? 433 GLN A NE2 1 
ATOM   381  N N   . SER A 1 51  ? -5.850  4.236   -6.774  1.00 20.93 ? 434 SER A N   1 
ATOM   382  C CA  . SER A 1 51  ? -5.043  3.965   -7.980  1.00 20.22 ? 434 SER A CA  1 
ATOM   383  C C   . SER A 1 51  ? -5.239  2.505   -8.368  1.00 21.15 ? 434 SER A C   1 
ATOM   384  O O   . SER A 1 51  ? -5.350  1.671   -7.451  1.00 20.55 ? 434 SER A O   1 
ATOM   385  C CB  . SER A 1 51  ? -3.601  4.284   -7.747  1.00 23.19 ? 434 SER A CB  1 
ATOM   386  O OG  . SER A 1 51  ? -2.799  3.884   -8.850  1.00 30.01 ? 434 SER A OG  1 
ATOM   387  N N   . LEU A 1 52  ? -5.304  2.230   -9.663  1.00 21.05 ? 435 LEU A N   1 
ATOM   388  C CA  . LEU A 1 52  ? -5.395  0.856   -10.223 1.00 20.40 ? 435 LEU A CA  1 
ATOM   389  C C   . LEU A 1 52  ? -4.722  0.855   -11.583 1.00 21.14 ? 435 LEU A C   1 
ATOM   390  O O   . LEU A 1 52  ? -5.252  1.493   -12.509 1.00 23.76 ? 435 LEU A O   1 
ATOM   391  C CB  . LEU A 1 52  ? -6.864  0.429   -10.332 1.00 20.44 ? 435 LEU A CB  1 
ATOM   392  C CG  . LEU A 1 52  ? -7.118  -0.889  -11.078 1.00 21.52 ? 435 LEU A CG  1 
ATOM   393  C CD1 . LEU A 1 52  ? -6.234  -1.990  -10.562 1.00 27.13 ? 435 LEU A CD1 1 
ATOM   394  C CD2 . LEU A 1 52  ? -8.593  -1.303  -10.981 1.00 25.28 ? 435 LEU A CD2 1 
ATOM   395  N N   . ILE A 1 53  ? -3.616  0.150   -11.694 1.00 18.45 ? 436 ILE A N   1 
ATOM   396  C CA  . ILE A 1 53  ? -2.787  0.088   -12.922 1.00 22.28 ? 436 ILE A CA  1 
ATOM   397  C C   . ILE A 1 53  ? -2.515  -1.379  -13.242 1.00 20.47 ? 436 ILE A C   1 
ATOM   398  O O   . ILE A 1 53  ? -1.970  -2.075  -12.381 1.00 20.13 ? 436 ILE A O   1 
ATOM   399  C CB  . ILE A 1 53  ? -1.503  0.912   -12.748 1.00 25.42 ? 436 ILE A CB  1 
ATOM   400  C CG1 . ILE A 1 53  ? -1.835  2.372   -12.400 1.00 28.02 ? 436 ILE A CG1 1 
ATOM   401  C CG2 . ILE A 1 53  ? -0.628  0.813   -13.985 1.00 26.37 ? 436 ILE A CG2 1 
ATOM   402  C CD1 . ILE A 1 53  ? -0.683  3.140   -11.811 1.00 31.63 ? 436 ILE A CD1 1 
ATOM   403  N N   . LEU A 1 54  ? -3.076  -1.858  -14.357 1.00 19.29 ? 437 LEU A N   1 
ATOM   404  C CA  . LEU A 1 54  ? -2.813  -3.202  -14.922 1.00 19.67 ? 437 LEU A CA  1 
ATOM   405  C C   . LEU A 1 54  ? -1.670  -3.125  -15.915 1.00 20.64 ? 437 LEU A C   1 
ATOM   406  O O   . LEU A 1 54  ? -1.522  -2.103  -16.552 1.00 21.90 ? 437 LEU A O   1 
ATOM   407  C CB  . LEU A 1 54  ? -4.068  -3.725  -15.602 1.00 21.51 ? 437 LEU A CB  1 
ATOM   408  C CG  . LEU A 1 54  ? -5.325  -3.712  -14.752 1.00 26.79 ? 437 LEU A CG  1 
ATOM   409  C CD1 . LEU A 1 54  ? -6.429  -4.518  -15.427 1.00 25.18 ? 437 LEU A CD1 1 
ATOM   410  C CD2 . LEU A 1 54  ? -5.048  -4.248  -13.363 1.00 25.48 ? 437 LEU A CD2 1 
ATOM   411  N N   . ASN A 1 55  ? -0.800  -4.128  -15.915 1.00 16.35 ? 438 ASN A N   1 
ATOM   412  C CA  . ASN A 1 55  ? 0.212   -4.310  -16.979 1.00 17.04 ? 438 ASN A CA  1 
ATOM   413  C C   . ASN A 1 55  ? 0.096   -5.717  -17.529 1.00 16.63 ? 438 ASN A C   1 
ATOM   414  O O   . ASN A 1 55  ? 0.705   -6.619  -16.976 1.00 15.49 ? 438 ASN A O   1 
ATOM   415  C CB  . ASN A 1 55  ? 1.628   -4.013  -16.490 1.00 18.62 ? 438 ASN A CB  1 
ATOM   416  C CG  . ASN A 1 55  ? 2.569   -3.790  -17.647 1.00 20.66 ? 438 ASN A CG  1 
ATOM   417  O OD1 . ASN A 1 55  ? 2.454   -4.457  -18.690 1.00 18.29 ? 438 ASN A OD1 1 
ATOM   418  N ND2 . ASN A 1 55  ? 3.514   -2.897  -17.465 1.00 19.70 ? 438 ASN A ND2 1 
ATOM   419  N N   . HIS A 1 56  ? -0.787  -5.893  -18.512 1.00 16.12 ? 439 HIS A N   1 
ATOM   420  C CA  . HIS A 1 56  ? -1.110  -7.192  -19.117 1.00 15.82 ? 439 HIS A CA  1 
ATOM   421  C C   . HIS A 1 56  ? 0.151   -7.880  -19.671 1.00 16.47 ? 439 HIS A C   1 
ATOM   422  O O   . HIS A 1 56  ? 0.126   -9.078  -19.794 1.00 16.89 ? 439 HIS A O   1 
ATOM   423  C CB  . HIS A 1 56  ? -2.216  -6.975  -20.148 1.00 16.25 ? 439 HIS A CB  1 
ATOM   424  C CG  . HIS A 1 56  ? -3.521  -6.668  -19.516 1.00 16.47 ? 439 HIS A CG  1 
ATOM   425  N ND1 . HIS A 1 56  ? -4.107  -5.429  -19.595 1.00 15.94 ? 439 HIS A ND1 1 
ATOM   426  C CD2 . HIS A 1 56  ? -4.402  -7.468  -18.879 1.00 18.15 ? 439 HIS A CD2 1 
ATOM   427  C CE1 . HIS A 1 56  ? -5.298  -5.479  -19.035 1.00 18.24 ? 439 HIS A CE1 1 
ATOM   428  N NE2 . HIS A 1 56  ? -5.530  -6.739  -18.659 1.00 16.70 ? 439 HIS A NE2 1 
ATOM   429  N N   . ASN A 1 57  ? 1.227   -7.133  -19.937 1.00 16.02 ? 440 ASN A N   1 
ATOM   430  C CA  . ASN A 1 57  ? 2.516   -7.683  -20.432 1.00 19.55 ? 440 ASN A CA  1 
ATOM   431  C C   . ASN A 1 57  ? 3.126   -8.595  -19.344 1.00 16.35 ? 440 ASN A C   1 
ATOM   432  O O   . ASN A 1 57  ? 3.818   -9.503  -19.685 1.00 17.96 ? 440 ASN A O   1 
ATOM   433  C CB  . ASN A 1 57  ? 3.478   -6.563  -20.844 1.00 16.98 ? 440 ASN A CB  1 
ATOM   434  C CG  . ASN A 1 57  ? 2.871   -5.631  -21.877 1.00 17.53 ? 440 ASN A CG  1 
ATOM   435  O OD1 . ASN A 1 57  ? 2.738   -5.998  -23.044 1.00 18.84 ? 440 ASN A OD1 1 
ATOM   436  N ND2 . ASN A 1 57  ? 2.445   -4.451  -21.443 1.00 17.18 ? 440 ASN A ND2 1 
ATOM   437  N N   . TYR A 1 58  ? 2.820   -8.333  -18.077 1.00 17.24 ? 441 TYR A N   1 
ATOM   438  C CA  . TYR A 1 58  ? 3.400   -9.052  -16.923 1.00 15.99 ? 441 TYR A CA  1 
ATOM   439  C C   . TYR A 1 58  ? 2.319   -9.867  -16.214 1.00 16.26 ? 441 TYR A C   1 
ATOM   440  O O   . TYR A 1 58  ? 2.663   -10.634 -15.290 1.00 16.69 ? 441 TYR A O   1 
ATOM   441  C CB  . TYR A 1 58  ? 4.081   -8.064  -15.973 1.00 15.45 ? 441 TYR A CB  1 
ATOM   442  C CG  . TYR A 1 58  ? 5.232   -7.316  -16.579 1.00 17.22 ? 441 TYR A CG  1 
ATOM   443  C CD1 . TYR A 1 58  ? 5.031   -6.130  -17.252 1.00 17.78 ? 441 TYR A CD1 1 
ATOM   444  C CD2 . TYR A 1 58  ? 6.538   -7.747  -16.413 1.00 16.84 ? 441 TYR A CD2 1 
ATOM   445  C CE1 . TYR A 1 58  ? 6.090   -5.408  -17.774 1.00 16.30 ? 441 TYR A CE1 1 
ATOM   446  C CE2 . TYR A 1 58  ? 7.605   -7.044  -16.938 1.00 16.84 ? 441 TYR A CE2 1 
ATOM   447  C CZ  . TYR A 1 58  ? 7.384   -5.853  -17.597 1.00 15.57 ? 441 TYR A CZ  1 
ATOM   448  O OH  . TYR A 1 58  ? 8.435   -5.154  -18.122 1.00 18.75 ? 441 TYR A OH  1 
ATOM   449  N N   . ARG A 1 59  ? 1.110   -9.891  -16.782 1.00 15.26 ? 442 ARG A N   1 
ATOM   450  C CA  . ARG A 1 59  ? -0.051  -10.602 -16.207 1.00 17.55 ? 442 ARG A CA  1 
ATOM   451  C C   . ARG A 1 59  ? -0.235  -10.154 -14.763 1.00 17.26 ? 442 ARG A C   1 
ATOM   452  O O   . ARG A 1 59  ? -0.762  -10.953 -13.971 1.00 18.02 ? 442 ARG A O   1 
ATOM   453  C CB  . ARG A 1 59  ? 0.154   -12.119 -16.260 1.00 21.34 ? 442 ARG A CB  1 
ATOM   454  C CG  . ARG A 1 59  ? 0.230   -12.689 -17.666 1.00 28.79 ? 442 ARG A CG  1 
ATOM   455  C CD  . ARG A 1 59  ? 0.462   -14.188 -17.645 1.00 34.99 ? 442 ARG A CD  1 
ATOM   456  N NE  . ARG A 1 59  ? -0.602  -14.898 -16.931 1.00 36.75 ? 442 ARG A NE  1 
ATOM   457  C CZ  . ARG A 1 59  ? -1.493  -15.700 -17.516 1.00 46.34 ? 442 ARG A CZ  1 
ATOM   458  N NH1 . ARG A 1 59  ? -1.444  -15.900 -18.825 1.00 43.74 ? 442 ARG A NH1 1 
ATOM   459  N NH2 . ARG A 1 59  ? -2.422  -16.304 -16.790 1.00 43.51 ? 442 ARG A NH2 1 
ATOM   460  N N   . HIS A 1 60  ? -0.028  -8.855  -14.476 1.00 17.92 ? 443 HIS A N   1 
ATOM   461  C CA  . HIS A 1 60  ? -0.241  -8.373  -13.099 1.00 16.59 ? 443 HIS A CA  1 
ATOM   462  C C   . HIS A 1 60  ? -0.803  -6.954  -13.093 1.00 17.45 ? 443 HIS A C   1 
ATOM   463  O O   . HIS A 1 60  ? -0.886  -6.315  -14.168 1.00 18.09 ? 443 HIS A O   1 
ATOM   464  C CB  . HIS A 1 60  ? 1.026   -8.560  -12.260 1.00 18.22 ? 443 HIS A CB  1 
ATOM   465  C CG  . HIS A 1 60  ? 2.157   -7.636  -12.593 1.00 19.93 ? 443 HIS A CG  1 
ATOM   466  N ND1 . HIS A 1 60  ? 3.493   -8.032  -12.456 1.00 18.44 ? 443 HIS A ND1 1 
ATOM   467  C CD2 . HIS A 1 60  ? 2.178   -6.349  -13.035 1.00 20.00 ? 443 HIS A CD2 1 
ATOM   468  C CE1 . HIS A 1 60  ? 4.286   -7.009  -12.754 1.00 19.95 ? 443 HIS A CE1 1 
ATOM   469  N NE2 . HIS A 1 60  ? 3.506   -5.958  -13.120 1.00 19.80 ? 443 HIS A NE2 1 
ATOM   470  N N   . GLY A 1 61  ? -1.192  -6.493  -11.916 1.00 15.91 ? 444 GLY A N   1 
ATOM   471  C CA  . GLY A 1 61  ? -1.557  -5.099  -11.680 1.00 17.29 ? 444 GLY A CA  1 
ATOM   472  C C   . GLY A 1 61  ? -1.389  -4.742  -10.227 1.00 15.89 ? 444 GLY A C   1 
ATOM   473  O O   . GLY A 1 61  ? -0.934  -5.596  -9.459  1.00 16.33 ? 444 GLY A O   1 
ATOM   474  N N   . PHE A 1 62  ? -1.486  -3.469  -9.940  1.00 17.23 ? 445 PHE A N   1 
ATOM   475  C CA  . PHE A 1 62  ? -1.316  -2.916  -8.587  1.00 19.45 ? 445 PHE A CA  1 
ATOM   476  C C   . PHE A 1 62  ? -2.501  -2.012  -8.280  1.00 19.53 ? 445 PHE A C   1 
ATOM   477  O O   . PHE A 1 62  ? -2.860  -1.164  -9.120  1.00 19.91 ? 445 PHE A O   1 
ATOM   478  C CB  . PHE A 1 62  ? 0.038   -2.211  -8.477  1.00 20.62 ? 445 PHE A CB  1 
ATOM   479  C CG  . PHE A 1 62  ? 1.207   -3.157  -8.416  1.00 22.71 ? 445 PHE A CG  1 
ATOM   480  C CD1 . PHE A 1 62  ? 1.641   -3.667  -7.203  1.00 22.96 ? 445 PHE A CD1 1 
ATOM   481  C CD2 . PHE A 1 62  ? 1.840   -3.587  -9.578  1.00 25.40 ? 445 PHE A CD2 1 
ATOM   482  C CE1 . PHE A 1 62  ? 2.720   -4.540  -7.153  1.00 26.12 ? 445 PHE A CE1 1 
ATOM   483  C CE2 . PHE A 1 62  ? 2.901   -4.475  -9.525  1.00 25.81 ? 445 PHE A CE2 1 
ATOM   484  C CZ  . PHE A 1 62  ? 3.346   -4.942  -8.312  1.00 24.48 ? 445 PHE A CZ  1 
ATOM   485  N N   . LEU A 1 63  ? -3.116  -2.220  -7.123  1.00 19.38 ? 446 LEU A N   1 
ATOM   486  C CA  . LEU A 1 63  ? -4.247  -1.397  -6.640  1.00 23.19 ? 446 LEU A CA  1 
ATOM   487  C C   . LEU A 1 63  ? -3.842  -0.706  -5.350  1.00 20.36 ? 446 LEU A C   1 
ATOM   488  O O   . LEU A 1 63  ? -3.195  -1.340  -4.509  1.00 22.84 ? 446 LEU A O   1 
ATOM   489  C CB  . LEU A 1 63  ? -5.476  -2.278  -6.423  1.00 24.18 ? 446 LEU A CB  1 
ATOM   490  C CG  . LEU A 1 63  ? -6.758  -1.513  -6.105  1.00 31.57 ? 446 LEU A CG  1 
ATOM   491  C CD1 . LEU A 1 63  ? -7.948  -2.117  -6.827  1.00 41.50 ? 446 LEU A CD1 1 
ATOM   492  C CD2 . LEU A 1 63  ? -6.994  -1.485  -4.610  1.00 39.95 ? 446 LEU A CD2 1 
ATOM   493  N N   . LYS A 1 64  ? -4.173  0.569   -5.214  1.00 18.54 ? 447 LYS A N   1 
ATOM   494  C CA  . LYS A 1 64  ? -3.968  1.305   -3.956  1.00 18.35 ? 447 LYS A CA  1 
ATOM   495  C C   . LYS A 1 64  ? -5.303  1.850   -3.478  1.00 16.93 ? 447 LYS A C   1 
ATOM   496  O O   . LYS A 1 64  ? -6.044  2.446   -4.298  1.00 17.78 ? 447 LYS A O   1 
ATOM   497  C CB  . LYS A 1 64  ? -2.892  2.390   -4.127  1.00 20.37 ? 447 LYS A CB  1 
ATOM   498  C CG  . LYS A 1 64  ? -2.396  3.018   -2.825  1.00 26.53 ? 447 LYS A CG  1 
ATOM   499  C CD  . LYS A 1 64  ? -1.227  3.974   -3.022  1.00 24.72 ? 447 LYS A CD  1 
ATOM   500  C CE  . LYS A 1 64  ? -0.607  4.460   -1.724  1.00 29.91 ? 447 LYS A CE  1 
ATOM   501  N NZ  . LYS A 1 64  ? 0.811   4.931   -1.908  1.00 27.20 ? 447 LYS A NZ  1 
ATOM   502  N N   . MET A 1 65  ? -5.705  1.439   -2.290  1.00 18.22 ? 448 MET A N   1 
ATOM   503  C CA  . MET A 1 65  ? -6.955  1.910   -1.641  1.00 17.94 ? 448 MET A CA  1 
ATOM   504  C C   . MET A 1 65  ? -6.624  3.135   -0.778  1.00 16.82 ? 448 MET A C   1 
ATOM   505  O O   . MET A 1 65  ? -5.455  3.271   -0.337  1.00 16.37 ? 448 MET A O   1 
ATOM   506  C CB  . MET A 1 65  ? -7.576  0.804   -0.773  1.00 17.71 ? 448 MET A CB  1 
ATOM   507  C CG  . MET A 1 65  ? -7.822  -0.480  -1.511  1.00 20.84 ? 448 MET A CG  1 
ATOM   508  S SD  . MET A 1 65  ? -9.159  -0.315  -2.735  1.00 24.28 ? 448 MET A SD  1 
ATOM   509  C CE  . MET A 1 65  ? -10.599 -0.331  -1.666  1.00 26.48 ? 448 MET A CE  1 
ATOM   510  N N   . PHE A 1 66  ? -7.558  4.076   -0.672  1.00 16.97 ? 449 PHE A N   1 
ATOM   511  C CA  . PHE A 1 66  ? -7.364  5.272   0.175   1.00 19.21 ? 449 PHE A CA  1 
ATOM   512  C C   . PHE A 1 66  ? -7.163  4.841   1.635   1.00 17.74 ? 449 PHE A C   1 
ATOM   513  O O   . PHE A 1 66  ? -6.387  5.513   2.335   1.00 17.80 ? 449 PHE A O   1 
ATOM   514  C CB  . PHE A 1 66  ? -8.543  6.235   0.006   1.00 20.16 ? 449 PHE A CB  1 
ATOM   515  C CG  . PHE A 1 66  ? -8.504  7.031   -1.267  1.00 21.64 ? 449 PHE A CG  1 
ATOM   516  C CD1 . PHE A 1 66  ? -7.611  8.087   -1.413  1.00 21.48 ? 449 PHE A CD1 1 
ATOM   517  C CD2 . PHE A 1 66  ? -9.425  6.801   -2.274  1.00 21.66 ? 449 PHE A CD2 1 
ATOM   518  C CE1 . PHE A 1 66  ? -7.578  8.828   -2.582  1.00 21.63 ? 449 PHE A CE1 1 
ATOM   519  C CE2 . PHE A 1 66  ? -9.427  7.582   -3.419  1.00 26.54 ? 449 PHE A CE2 1 
ATOM   520  C CZ  . PHE A 1 66  ? -8.498  8.589   -3.572  1.00 23.22 ? 449 PHE A CZ  1 
ATOM   521  N N   . ARG A 1 67  ? -7.794  3.738   2.059   1.00 19.25 ? 450 ARG A N   1 
ATOM   522  C CA  . ARG A 1 67  ? -7.806  3.286   3.478   1.00 18.70 ? 450 ARG A CA  1 
ATOM   523  C C   . ARG A 1 67  ? -7.194  1.887   3.591   1.00 18.30 ? 450 ARG A C   1 
ATOM   524  O O   . ARG A 1 67  ? -7.639  0.989   2.881   1.00 16.02 ? 450 ARG A O   1 
ATOM   525  C CB  . ARG A 1 67  ? -9.217  3.259   4.049   1.00 21.84 ? 450 ARG A CB  1 
ATOM   526  C CG  . ARG A 1 67  ? -9.888  4.621   4.153   1.00 25.02 ? 450 ARG A CG  1 
ATOM   527  C CD  . ARG A 1 67  ? -11.301 4.473   4.677   1.00 31.94 ? 450 ARG A CD  1 
ATOM   528  N NE  . ARG A 1 67  ? -11.344 3.858   5.992   0.66 29.46 ? 450 ARG A NE  1 
ATOM   529  C CZ  . ARG A 1 67  ? -11.242 4.521   7.134   0.43 32.07 ? 450 ARG A CZ  1 
ATOM   530  N NH1 . ARG A 1 67  ? -11.060 5.828   7.126   0.48 34.49 ? 450 ARG A NH1 1 
ATOM   531  N NH2 . ARG A 1 67  ? -11.316 3.873   8.280   0.56 32.56 ? 450 ARG A NH2 1 
ATOM   532  N N   . ARG A 1 68  ? -6.354  1.693   4.597   1.00 16.86 ? 451 ARG A N   1 
ATOM   533  C CA  . ARG A 1 68  ? -5.786  0.357   4.938   1.00 16.78 ? 451 ARG A CA  1 
ATOM   534  C C   . ARG A 1 68  ? -6.925  -0.654  5.189   1.00 20.69 ? 451 ARG A C   1 
ATOM   535  O O   . ARG A 1 68  ? -6.790  -1.793  4.757   1.00 19.63 ? 451 ARG A O   1 
ATOM   536  C CB  . ARG A 1 68  ? -4.853  0.475   6.141   1.00 15.27 ? 451 ARG A CB  1 
ATOM   537  C CG  . ARG A 1 68  ? -4.464  -0.861  6.761   1.00 17.01 ? 451 ARG A CG  1 
ATOM   538  C CD  . ARG A 1 68  ? -3.688  -1.764  5.829   1.00 17.54 ? 451 ARG A CD  1 
ATOM   539  N NE  . ARG A 1 68  ? -3.368  -3.042  6.470   1.00 17.14 ? 451 ARG A NE  1 
ATOM   540  C CZ  . ARG A 1 68  ? -2.354  -3.828  6.142   1.00 15.68 ? 451 ARG A CZ  1 
ATOM   541  N NH1 . ARG A 1 68  ? -1.539  -3.480  5.166   1.00 18.81 ? 451 ARG A NH1 1 
ATOM   542  N NH2 . ARG A 1 68  ? -2.203  -4.996  6.740   1.00 17.71 ? 451 ARG A NH2 1 
ATOM   543  N N   . ASP A 1 69  ? -7.969  -0.283  5.936   1.00 19.91 ? 452 ASP A N   1 
ATOM   544  C CA  . ASP A 1 69  ? -9.010  -1.259  6.367   1.00 24.97 ? 452 ASP A CA  1 
ATOM   545  C C   . ASP A 1 69  ? -9.815  -1.723  5.139   1.00 22.05 ? 452 ASP A C   1 
ATOM   546  O O   . ASP A 1 69  ? -10.028 -2.920  5.045   1.00 20.28 ? 452 ASP A O   1 
ATOM   547  C CB  . ASP A 1 69  ? -9.889  -0.736  7.512   1.00 24.67 ? 452 ASP A CB  1 
ATOM   548  C CG  . ASP A 1 69  ? -10.648 0.537   7.222   0.67 25.04 ? 452 ASP A CG  1 
ATOM   549  O OD1 . ASP A 1 69  ? -10.572 1.024   6.078   0.74 27.29 ? 452 ASP A OD1 1 
ATOM   550  O OD2 . ASP A 1 69  ? -11.255 1.070   8.168   0.58 27.58 ? 452 ASP A OD2 1 
ATOM   551  N N   . ALA A 1 70  ? -9.927  -0.883  4.098   1.00 20.54 ? 453 ALA A N   1 
ATOM   552  C CA  . ALA A 1 70  ? -10.565 -1.287  2.812   1.00 22.64 ? 453 ALA A CA  1 
ATOM   553  C C   . ALA A 1 70  ? -9.631  -2.215  2.015   1.00 19.35 ? 453 ALA A C   1 
ATOM   554  O O   . ALA A 1 70  ? -10.129 -3.224  1.442   1.00 16.55 ? 453 ALA A O   1 
ATOM   555  C CB  . ALA A 1 70  ? -10.955 -0.077  2.010   1.00 21.79 ? 453 ALA A CB  1 
ATOM   556  N N   . ALA A 1 71  ? -8.312  -1.984  2.069   1.00 19.83 ? 454 ALA A N   1 
ATOM   557  C CA  . ALA A 1 71  ? -7.329  -2.886  1.425   1.00 17.64 ? 454 ALA A CA  1 
ATOM   558  C C   . ALA A 1 71  ? -7.387  -4.258  2.093   1.00 18.31 ? 454 ALA A C   1 
ATOM   559  O O   . ALA A 1 71  ? -7.338  -5.284  1.357   1.00 18.53 ? 454 ALA A O   1 
ATOM   560  C CB  . ALA A 1 71  ? -5.942  -2.292  1.492   1.00 17.74 ? 454 ALA A CB  1 
ATOM   561  N N   . GLU A 1 72  ? -7.576  -4.301  3.417   1.00 17.28 ? 455 GLU A N   1 
ATOM   562  C CA  . GLU A 1 72  ? -7.631  -5.576  4.184   1.00 18.03 ? 455 GLU A CA  1 
ATOM   563  C C   . GLU A 1 72  ? -8.881  -6.345  3.734   1.00 17.42 ? 455 GLU A C   1 
ATOM   564  O O   . GLU A 1 72  ? -8.790  -7.547  3.449   1.00 18.17 ? 455 GLU A O   1 
ATOM   565  C CB  . GLU A 1 72  ? -7.653  -5.294  5.688   1.00 19.19 ? 455 GLU A CB  1 
ATOM   566  C CG  . GLU A 1 72  ? -6.320  -4.800  6.236   1.00 18.13 ? 455 GLU A CG  1 
ATOM   567  C CD  . GLU A 1 72  ? -6.270  -4.607  7.740   1.00 21.73 ? 455 GLU A CD  1 
ATOM   568  O OE1 . GLU A 1 72  ? -5.372  -3.868  8.219   1.00 18.59 ? 455 GLU A OE1 1 
ATOM   569  O OE2 . GLU A 1 72  ? -7.073  -5.250  8.439   1.00 22.64 ? 455 GLU A OE2 1 
ATOM   570  N N   . LYS A 1 73  ? -10.015 -5.671  3.708   1.00 15.70 ? 456 LYS A N   1 
ATOM   571  C CA  . LYS A 1 73  ? -11.300 -6.276  3.297   1.00 19.19 ? 456 LYS A CA  1 
ATOM   572  C C   . LYS A 1 73  ? -11.194 -6.802  1.857   1.00 18.91 ? 456 LYS A C   1 
ATOM   573  O O   . LYS A 1 73  ? -11.664 -7.913  1.622   1.00 19.82 ? 456 LYS A O   1 
ATOM   574  C CB  . LYS A 1 73  ? -12.429 -5.270  3.486   1.00 22.31 ? 456 LYS A CB  1 
ATOM   575  C CG  . LYS A 1 73  ? -12.766 -5.008  4.943   1.00 27.70 ? 456 LYS A CG  1 
ATOM   576  C CD  . LYS A 1 73  ? -13.993 -4.156  5.119   1.00 31.43 ? 456 LYS A CD  1 
ATOM   577  C CE  . LYS A 1 73  ? -13.706 -2.689  5.131   1.00 38.46 ? 456 LYS A CE  1 
ATOM   578  N NZ  . LYS A 1 73  ? -14.960 -1.912  5.146   1.00 47.26 ? 456 LYS A NZ  1 
ATOM   579  N N   . ALA A 1 74  ? -10.588 -6.037  0.946   1.00 18.33 ? 457 ALA A N   1 
ATOM   580  C CA  . ALA A 1 74  ? -10.405 -6.414  -0.476  1.00 18.79 ? 457 ALA A CA  1 
ATOM   581  C C   . ALA A 1 74  ? -9.502  -7.644  -0.588  1.00 21.94 ? 457 ALA A C   1 
ATOM   582  O O   . ALA A 1 74  ? -9.753  -8.489  -1.502  1.00 18.27 ? 457 ALA A O   1 
ATOM   583  C CB  . ALA A 1 74  ? -9.853  -5.260  -1.254  1.00 22.37 ? 457 ALA A CB  1 
ATOM   584  N N   . GLN A 1 75  ? -8.363  -7.634  0.109   1.00 18.59 ? 458 GLN A N   1 
ATOM   585  C CA  . GLN A 1 75  ? -7.385  -8.728  -0.033  1.00 18.86 ? 458 GLN A CA  1 
ATOM   586  C C   . GLN A 1 75  ? -8.058  -10.050 0.381   1.00 20.90 ? 458 GLN A C   1 
ATOM   587  O O   . GLN A 1 75  ? -7.852  -11.095 -0.328  1.00 17.82 ? 458 GLN A O   1 
ATOM   588  C CB  . GLN A 1 75  ? -6.124  -8.438  0.768   1.00 16.85 ? 458 GLN A CB  1 
ATOM   589  C CG  . GLN A 1 75  ? -4.977  -9.377  0.416   1.00 17.35 ? 458 GLN A CG  1 
ATOM   590  C CD  . GLN A 1 75  ? -5.125  -10.730 1.071   1.00 19.91 ? 458 GLN A CD  1 
ATOM   591  O OE1 . GLN A 1 75  ? -5.472  -10.835 2.247   1.00 23.94 ? 458 GLN A OE1 1 
ATOM   592  N NE2 . GLN A 1 75  ? -4.766  -11.776 0.341   1.00 19.52 ? 458 GLN A NE2 1 
ATOM   593  N N   . VAL A 1 76  ? -8.840  -10.039 1.462   1.00 18.19 ? 459 VAL A N   1 
ATOM   594  C CA  . VAL A 1 76  ? -9.456  -11.281 2.032   1.00 22.84 ? 459 VAL A CA  1 
ATOM   595  C C   . VAL A 1 76  ? -10.549 -11.788 1.073   1.00 22.20 ? 459 VAL A C   1 
ATOM   596  O O   . VAL A 1 76  ? -10.559 -12.996 0.770   1.00 24.18 ? 459 VAL A O   1 
ATOM   597  C CB  . VAL A 1 76  ? -10.007 -11.029 3.450   1.00 28.91 ? 459 VAL A CB  1 
ATOM   598  C CG1 . VAL A 1 76  ? -10.913 -12.159 3.917   1.00 34.76 ? 459 VAL A CG1 1 
ATOM   599  C CG2 . VAL A 1 76  ? -8.871  -10.808 4.446   1.00 27.80 ? 459 VAL A CG2 1 
ATOM   600  N N   . ALA A 1 77  ? -11.391 -10.893 0.577   1.00 23.25 ? 460 ALA A N   1 
ATOM   601  C CA  . ALA A 1 77  ? -12.537 -11.229 -0.307  1.00 22.46 ? 460 ALA A CA  1 
ATOM   602  C C   . ALA A 1 77  ? -12.024 -11.688 -1.683  1.00 23.64 ? 460 ALA A C   1 
ATOM   603  O O   . ALA A 1 77  ? -12.610 -12.632 -2.238  1.00 23.42 ? 460 ALA A O   1 
ATOM   604  C CB  . ALA A 1 77  ? -13.460 -10.046 -0.419  1.00 21.69 ? 460 ALA A CB  1 
ATOM   605  N N   . MET A 1 78  ? -10.982 -11.038 -2.213  1.00 22.49 ? 461 MET A N   1 
ATOM   606  C CA  . MET A 1 78  ? -10.534 -11.170 -3.630  1.00 23.70 ? 461 MET A CA  1 
ATOM   607  C C   . MET A 1 78  ? -9.247  -12.014 -3.706  1.00 21.20 ? 461 MET A C   1 
ATOM   608  O O   . MET A 1 78  ? -8.580  -11.999 -4.749  1.00 18.19 ? 461 MET A O   1 
ATOM   609  C CB  . MET A 1 78  ? -10.275 -9.791  -4.238  1.00 24.87 ? 461 MET A CB  1 
ATOM   610  C CG  . MET A 1 78  ? -11.469 -8.867  -4.188  1.00 31.54 ? 461 MET A CG  1 
ATOM   611  S SD  . MET A 1 78  ? -12.714 -9.322  -5.400  1.00 33.66 ? 461 MET A SD  1 
ATOM   612  C CE  . MET A 1 78  ? -11.772 -9.113  -6.910  1.00 34.83 ? 461 MET A CE  1 
ATOM   613  N N   . GLU A 1 79  ? -8.910  -12.733 -2.643  1.00 20.69 ? 462 GLU A N   1 
ATOM   614  C CA  . GLU A 1 79  ? -7.658  -13.504 -2.551  1.00 23.23 ? 462 GLU A CA  1 
ATOM   615  C C   . GLU A 1 79  ? -7.571  -14.493 -3.727  1.00 22.62 ? 462 GLU A C   1 
ATOM   616  O O   . GLU A 1 79  ? -6.475  -14.668 -4.293  1.00 23.01 ? 462 GLU A O   1 
ATOM   617  C CB  . GLU A 1 79  ? -7.608  -14.210 -1.203  1.00 27.30 ? 462 GLU A CB  1 
ATOM   618  C CG  . GLU A 1 79  ? -6.366  -15.034 -0.993  1.00 27.69 ? 462 GLU A CG  1 
ATOM   619  C CD  . GLU A 1 79  ? -6.109  -15.351 0.473   1.00 35.41 ? 462 GLU A CD  1 
ATOM   620  O OE1 . GLU A 1 79  ? -5.163  -14.762 1.056   1.00 31.57 ? 462 GLU A OE1 1 
ATOM   621  O OE2 . GLU A 1 79  ? -6.904  -16.118 1.049   1.00 49.29 ? 462 GLU A OE2 1 
ATOM   622  N N   . ASN A 1 80  ? -8.680  -15.152 -4.058  1.00 19.37 ? 463 ASN A N   1 
ATOM   623  C CA  . ASN A 1 80  ? -8.704  -16.160 -5.142  1.00 19.54 ? 463 ASN A CA  1 
ATOM   624  C C   . ASN A 1 80  ? -10.095 -16.149 -5.789  1.00 18.08 ? 463 ASN A C   1 
ATOM   625  O O   . ASN A 1 80  ? -10.995 -16.810 -5.270  1.00 24.42 ? 463 ASN A O   1 
ATOM   626  C CB  . ASN A 1 80  ? -8.279  -17.538 -4.633  1.00 24.64 ? 463 ASN A CB  1 
ATOM   627  C CG  . ASN A 1 80  ? -7.898  -18.473 -5.753  1.00 26.08 ? 463 ASN A CG  1 
ATOM   628  O OD1 . ASN A 1 80  ? -6.735  -18.550 -6.130  1.00 36.12 ? 463 ASN A OD1 1 
ATOM   629  N ND2 . ASN A 1 80  ? -8.892  -19.020 -6.419  1.00 29.73 ? 463 ASN A ND2 1 
ATOM   630  N N   . VAL A 1 81  ? -10.218 -15.502 -6.932  1.00 19.40 ? 464 VAL A N   1 
ATOM   631  C CA  . VAL A 1 81  ? -11.518 -15.320 -7.618  1.00 15.71 ? 464 VAL A CA  1 
ATOM   632  C C   . VAL A 1 81  ? -11.402 -15.860 -9.033  1.00 16.22 ? 464 VAL A C   1 
ATOM   633  O O   . VAL A 1 81  ? -10.827 -15.226 -9.905  1.00 16.31 ? 464 VAL A O   1 
ATOM   634  C CB  . VAL A 1 81  ? -11.971 -13.854 -7.612  1.00 19.98 ? 464 VAL A CB  1 
ATOM   635  C CG1 . VAL A 1 81  ? -13.358 -13.733 -8.199  1.00 17.63 ? 464 VAL A CG1 1 
ATOM   636  C CG2 . VAL A 1 81  ? -11.917 -13.245 -6.220  1.00 21.81 ? 464 VAL A CG2 1 
ATOM   637  N N   . PRO A 1 82  ? -12.006 -17.023 -9.329  1.00 19.50 ? 465 PRO A N   1 
ATOM   638  C CA  . PRO A 1 82  ? -12.153 -17.465 -10.711 1.00 20.22 ? 465 PRO A CA  1 
ATOM   639  C C   . PRO A 1 82  ? -12.783 -16.344 -11.546 1.00 16.75 ? 465 PRO A C   1 
ATOM   640  O O   . PRO A 1 82  ? -13.702 -15.707 -11.072 1.00 16.57 ? 465 PRO A O   1 
ATOM   641  C CB  . PRO A 1 82  ? -13.078 -18.689 -10.597 1.00 18.73 ? 465 PRO A CB  1 
ATOM   642  C CG  . PRO A 1 82  ? -12.774 -19.225 -9.201  1.00 19.41 ? 465 PRO A CG  1 
ATOM   643  C CD  . PRO A 1 82  ? -12.581 -17.975 -8.363  1.00 20.08 ? 465 PRO A CD  1 
ATOM   644  N N   . PHE A 1 83  ? -12.297 -16.157 -12.767 1.00 15.89 ? 466 PHE A N   1 
ATOM   645  C CA  . PHE A 1 83  ? -12.747 -15.088 -13.665 1.00 17.60 ? 466 PHE A CA  1 
ATOM   646  C C   . PHE A 1 83  ? -12.352 -15.405 -15.106 1.00 19.31 ? 466 PHE A C   1 
ATOM   647  O O   . PHE A 1 83  ? -11.162 -15.443 -15.392 1.00 17.14 ? 466 PHE A O   1 
ATOM   648  C CB  . PHE A 1 83  ? -12.146 -13.759 -13.214 1.00 18.65 ? 466 PHE A CB  1 
ATOM   649  C CG  . PHE A 1 83  ? -12.619 -12.576 -14.011 1.00 23.82 ? 466 PHE A CG  1 
ATOM   650  C CD1 . PHE A 1 83  ? -12.056 -12.279 -15.239 1.00 24.90 ? 466 PHE A CD1 1 
ATOM   651  C CD2 . PHE A 1 83  ? -13.718 -11.846 -13.596 1.00 31.45 ? 466 PHE A CD2 1 
ATOM   652  C CE1 . PHE A 1 83  ? -12.526 -11.217 -15.991 1.00 25.41 ? 466 PHE A CE1 1 
ATOM   653  C CE2 . PHE A 1 83  ? -14.191 -10.787 -14.352 1.00 33.83 ? 466 PHE A CE2 1 
ATOM   654  C CZ  . PHE A 1 83  ? -13.591 -10.473 -15.547 1.00 30.36 ? 466 PHE A CZ  1 
ATOM   655  N N   . ALA A 1 84  ? -13.344 -15.615 -15.990 1.00 19.46 ? 467 ALA A N   1 
ATOM   656  C CA  . ALA A 1 84  ? -13.107 -15.868 -17.429 1.00 19.31 ? 467 ALA A CA  1 
ATOM   657  C C   . ALA A 1 84  ? -12.128 -17.041 -17.585 1.00 20.45 ? 467 ALA A C   1 
ATOM   658  O O   . ALA A 1 84  ? -12.417 -18.135 -17.029 1.00 17.73 ? 467 ALA A O   1 
ATOM   659  C CB  . ALA A 1 84  ? -12.600 -14.597 -18.078 1.00 20.81 ? 467 ALA A CB  1 
ATOM   660  N N   . ASP A 1 85  ? -10.945 -16.790 -18.157 1.00 22.38 ? 468 ASP A N   1 
ATOM   661  C CA  . ASP A 1 85  ? -9.940  -17.828 -18.501 1.00 20.83 ? 468 ASP A CA  1 
ATOM   662  C C   . ASP A 1 85  ? -8.884  -17.935 -17.389 1.00 21.01 ? 468 ASP A C   1 
ATOM   663  O O   . ASP A 1 85  ? -7.827  -18.539 -17.642 1.00 21.30 ? 468 ASP A O   1 
ATOM   664  C CB  . ASP A 1 85  ? -9.295  -17.519 -19.853 1.00 24.32 ? 468 ASP A CB  1 
ATOM   665  C CG  . ASP A 1 85  ? -8.463  -16.249 -19.859 1.00 25.17 ? 468 ASP A CG  1 
ATOM   666  O OD1 . ASP A 1 85  ? -8.701  -15.383 -18.988 1.00 22.33 ? 468 ASP A OD1 1 
ATOM   667  O OD2 . ASP A 1 85  ? -7.642  -16.104 -20.767 1.00 24.41 ? 468 ASP A OD2 1 
ATOM   668  N N   . THR A 1 86  ? -9.092  -17.271 -16.250 1.00 18.14 ? 469 THR A N   1 
ATOM   669  C CA  . THR A 1 86  ? -8.021  -17.139 -15.235 1.00 19.50 ? 469 THR A CA  1 
ATOM   670  C C   . THR A 1 86  ? -8.614  -17.170 -13.826 1.00 17.56 ? 469 THR A C   1 
ATOM   671  O O   . THR A 1 86  ? -9.778  -17.504 -13.674 1.00 15.38 ? 469 THR A O   1 
ATOM   672  C CB  . THR A 1 86  ? -7.238  -15.833 -15.447 1.00 19.03 ? 469 THR A CB  1 
ATOM   673  O OG1 . THR A 1 86  ? -6.097  -15.787 -14.571 1.00 20.18 ? 469 THR A OG1 1 
ATOM   674  C CG2 . THR A 1 86  ? -8.118  -14.632 -15.219 1.00 17.11 ? 469 THR A CG2 1 
ATOM   675  N N   . THR A 1 87  ? -7.789  -16.846 -12.849 1.00 17.42 ? 470 THR A N   1 
ATOM   676  C CA  . THR A 1 87  ? -8.160  -16.664 -11.438 1.00 17.09 ? 470 THR A CA  1 
ATOM   677  C C   . THR A 1 87  ? -7.471  -15.394 -10.958 1.00 17.20 ? 470 THR A C   1 
ATOM   678  O O   . THR A 1 87  ? -6.255  -15.313 -11.109 1.00 18.56 ? 470 THR A O   1 
ATOM   679  C CB  . THR A 1 87  ? -7.737  -17.868 -10.600 1.00 19.50 ? 470 THR A CB  1 
ATOM   680  O OG1 . THR A 1 87  ? -8.358  -19.034 -11.136 1.00 23.15 ? 470 THR A OG1 1 
ATOM   681  C CG2 . THR A 1 87  ? -8.094  -17.735 -9.138  1.00 24.66 ? 470 THR A CG2 1 
ATOM   682  N N   . ILE A 1 88  ? -8.232  -14.405 -10.531 1.00 16.16 ? 471 ILE A N   1 
ATOM   683  C CA  . ILE A 1 88  ? -7.655  -13.158 -9.965  1.00 18.96 ? 471 ILE A CA  1 
ATOM   684  C C   . ILE A 1 88  ? -7.133  -13.465 -8.557  1.00 19.35 ? 471 ILE A C   1 
ATOM   685  O O   . ILE A 1 88  ? -7.915  -13.956 -7.721  1.00 17.85 ? 471 ILE A O   1 
ATOM   686  C CB  . ILE A 1 88  ? -8.689  -12.036 -9.967  1.00 19.30 ? 471 ILE A CB  1 
ATOM   687  C CG1 . ILE A 1 88  ? -9.148  -11.701 -11.384 1.00 20.70 ? 471 ILE A CG1 1 
ATOM   688  C CG2 . ILE A 1 88  ? -8.137  -10.819 -9.256  1.00 17.30 ? 471 ILE A CG2 1 
ATOM   689  C CD1 . ILE A 1 88  ? -10.466 -10.945 -11.440 1.00 26.08 ? 471 ILE A CD1 1 
ATOM   690  N N   . ARG A 1 89  ? -5.860  -13.202 -8.296  1.00 20.43 ? 472 ARG A N   1 
ATOM   691  C CA  . ARG A 1 89  ? -5.293  -13.486 -6.964  1.00 19.90 ? 472 ARG A CA  1 
ATOM   692  C C   . ARG A 1 89  ? -4.781  -12.176 -6.377  1.00 24.71 ? 472 ARG A C   1 
ATOM   693  O O   . ARG A 1 89  ? -3.968  -11.523 -7.030  1.00 27.04 ? 472 ARG A O   1 
ATOM   694  C CB  . ARG A 1 89  ? -4.196  -14.539 -7.057  1.00 25.17 ? 472 ARG A CB  1 
ATOM   695  C CG  . ARG A 1 89  ? -4.695  -15.862 -7.602  1.00 25.58 ? 472 ARG A CG  1 
ATOM   696  C CD  . ARG A 1 89  ? -3.589  -16.784 -7.979  1.00 26.59 ? 472 ARG A CD  1 
ATOM   697  N NE  . ARG A 1 89  ? -2.701  -16.284 -9.014  1.00 27.93 ? 472 ARG A NE  1 
ATOM   698  C CZ  . ARG A 1 89  ? -2.795  -16.579 -10.311 1.00 26.03 ? 472 ARG A CZ  1 
ATOM   699  N NH1 . ARG A 1 89  ? -3.848  -17.231 -10.774 1.00 33.79 ? 472 ARG A NH1 1 
ATOM   700  N NH2 . ARG A 1 89  ? -1.808  -16.253 -11.131 1.00 27.23 ? 472 ARG A NH2 1 
ATOM   701  N N   . THR A 1 90  ? -5.368  -11.756 -5.269  1.00 19.04 ? 473 THR A N   1 
ATOM   702  C CA  . THR A 1 90  ? -5.031  -10.475 -4.595  1.00 19.19 ? 473 THR A CA  1 
ATOM   703  C C   . THR A 1 90  ? -4.132  -10.770 -3.403  1.00 16.74 ? 473 THR A C   1 
ATOM   704  O O   . THR A 1 90  ? -4.526  -11.581 -2.527  1.00 18.94 ? 473 THR A O   1 
ATOM   705  C CB  . THR A 1 90  ? -6.298  -9.726  -4.191  1.00 19.11 ? 473 THR A CB  1 
ATOM   706  O OG1 . THR A 1 90  ? -7.138  -9.655  -5.346  1.00 17.13 ? 473 THR A OG1 1 
ATOM   707  C CG2 . THR A 1 90  ? -6.012  -8.346  -3.646  1.00 17.69 ? 473 THR A CG2 1 
ATOM   708  N N   . LYS A 1 91  ? -2.957  -10.187 -3.404  1.00 17.61 ? 474 LYS A N   1 
ATOM   709  C CA  . LYS A 1 91  ? -1.954  -10.373 -2.343  1.00 16.76 ? 474 LYS A CA  1 
ATOM   710  C C   . LYS A 1 91  ? -1.453  -9.016  -1.906  1.00 17.01 ? 474 LYS A C   1 
ATOM   711  O O   . LYS A 1 91  ? -1.683  -8.029  -2.617  1.00 19.26 ? 474 LYS A O   1 
ATOM   712  C CB  . LYS A 1 91  ? -0.809  -11.252 -2.855  1.00 20.78 ? 474 LYS A CB  1 
ATOM   713  C CG  . LYS A 1 91  ? -1.242  -12.622 -3.359  1.00 20.02 ? 474 LYS A CG  1 
ATOM   714  C CD  . LYS A 1 91  ? -0.102  -13.435 -3.873  1.00 25.73 ? 474 LYS A CD  1 
ATOM   715  C CE  . LYS A 1 91  ? -0.423  -14.910 -3.937  1.00 30.68 ? 474 LYS A CE  1 
ATOM   716  N NZ  . LYS A 1 91  ? -1.205  -15.241 -5.143  1.00 32.40 ? 474 LYS A NZ  1 
ATOM   717  N N   . TRP A 1 92  ? -0.853  -8.952  -0.737  1.00 17.73 ? 475 TRP A N   1 
ATOM   718  C CA  . TRP A 1 92  ? -0.247  -7.698  -0.252  1.00 14.82 ? 475 TRP A CA  1 
ATOM   719  C C   . TRP A 1 92  ? 0.888   -7.306  -1.186  1.00 17.41 ? 475 TRP A C   1 
ATOM   720  O O   . TRP A 1 92  ? 1.755   -8.161  -1.464  1.00 18.52 ? 475 TRP A O   1 
ATOM   721  C CB  . TRP A 1 92  ? 0.183   -7.835  1.198   1.00 18.09 ? 475 TRP A CB  1 
ATOM   722  C CG  . TRP A 1 92  ? -0.982  -7.790  2.121   1.00 18.48 ? 475 TRP A CG  1 
ATOM   723  C CD1 . TRP A 1 92  ? -1.532  -8.833  2.791   1.00 17.15 ? 475 TRP A CD1 1 
ATOM   724  C CD2 . TRP A 1 92  ? -1.856  -6.671  2.333   1.00 17.31 ? 475 TRP A CD2 1 
ATOM   725  N NE1 . TRP A 1 92  ? -2.642  -8.425  3.467   1.00 18.65 ? 475 TRP A NE1 1 
ATOM   726  C CE2 . TRP A 1 92  ? -2.871  -7.105  3.206   1.00 17.19 ? 475 TRP A CE2 1 
ATOM   727  C CE3 . TRP A 1 92  ? -1.866  -5.341  1.893   1.00 17.45 ? 475 TRP A CE3 1 
ATOM   728  C CZ2 . TRP A 1 92  ? -3.877  -6.253  3.660   1.00 19.49 ? 475 TRP A CZ2 1 
ATOM   729  C CZ3 . TRP A 1 92  ? -2.837  -4.495  2.362   1.00 17.32 ? 475 TRP A CZ3 1 
ATOM   730  C CH2 . TRP A 1 92  ? -3.847  -4.952  3.214   1.00 20.03 ? 475 TRP A CH2 1 
ATOM   731  N N   . GLY A 1 93  ? 0.916   -6.038  -1.587  1.00 17.06 ? 476 GLY A N   1 
ATOM   732  C CA  . GLY A 1 93  ? 2.024   -5.416  -2.321  1.00 18.40 ? 476 GLY A CA  1 
ATOM   733  C C   . GLY A 1 93  ? 2.756   -4.402  -1.455  1.00 19.56 ? 476 GLY A C   1 
ATOM   734  O O   . GLY A 1 93  ? 2.379   -4.235  -0.260  1.00 19.63 ? 476 GLY A O   1 
ATOM   735  N N   . VAL A 1 94  ? 3.832   -3.833  -1.981  1.00 21.89 ? 477 VAL A N   1 
ATOM   736  C CA  . VAL A 1 94  ? 4.581   -2.746  -1.297  1.00 22.60 ? 477 VAL A CA  1 
ATOM   737  C C   . VAL A 1 94  ? 4.669   -1.545  -2.245  1.00 23.62 ? 477 VAL A C   1 
ATOM   738  O O   . VAL A 1 94  ? 4.989   -1.736  -3.452  1.00 22.63 ? 477 VAL A O   1 
ATOM   739  C CB  . VAL A 1 94  ? 5.963   -3.220  -0.795  1.00 25.79 ? 477 VAL A CB  1 
ATOM   740  C CG1 . VAL A 1 94  ? 6.790   -3.891  -1.892  1.00 27.48 ? 477 VAL A CG1 1 
ATOM   741  C CG2 . VAL A 1 94  ? 6.743   -2.074  -0.139  1.00 25.03 ? 477 VAL A CG2 1 
ATOM   742  N N   . GLY A 1 95  ? 4.220   -0.390  -1.766  1.00 25.08 ? 478 GLY A N   1 
ATOM   743  C CA  . GLY A 1 95  ? 4.256   0.866   -2.521  1.00 25.16 ? 478 GLY A CA  1 
ATOM   744  C C   . GLY A 1 95  ? 5.171   1.885   -1.868  1.00 25.73 ? 478 GLY A C   1 
ATOM   745  O O   . GLY A 1 95  ? 5.182   3.023   -2.338  1.00 35.31 ? 478 GLY A O   1 
ATOM   746  N N   . PHE A 1 96  ? 5.731   1.551   -0.710  1.00 22.51 ? 479 PHE A N   1 
ATOM   747  C CA  . PHE A 1 96  ? 6.579   2.461   0.097   1.00 25.51 ? 479 PHE A CA  1 
ATOM   748  C C   . PHE A 1 96  ? 7.722   1.681   0.753   1.00 22.76 ? 479 PHE A C   1 
ATOM   749  O O   . PHE A 1 96  ? 7.482   0.695   1.463   1.00 23.85 ? 479 PHE A O   1 
ATOM   750  C CB  . PHE A 1 96  ? 5.753   3.213   1.152   1.00 23.21 ? 479 PHE A CB  1 
ATOM   751  C CG  . PHE A 1 96  ? 6.574   4.115   2.043   1.00 19.40 ? 479 PHE A CG  1 
ATOM   752  C CD1 . PHE A 1 96  ? 6.968   5.369   1.611   1.00 22.20 ? 479 PHE A CD1 1 
ATOM   753  C CD2 . PHE A 1 96  ? 6.978   3.701   3.308   1.00 19.15 ? 479 PHE A CD2 1 
ATOM   754  C CE1 . PHE A 1 96  ? 7.746   6.182   2.422   1.00 19.30 ? 479 PHE A CE1 1 
ATOM   755  C CE2 . PHE A 1 96  ? 7.822   4.476   4.079   1.00 19.37 ? 479 PHE A CE2 1 
ATOM   756  C CZ  . PHE A 1 96  ? 8.178   5.733   3.655   1.00 21.06 ? 479 PHE A CZ  1 
ATOM   757  N N   . GLY A 1 97  ? 8.907   2.267   0.694   1.00 23.92 ? 480 GLY A N   1 
ATOM   758  C CA  . GLY A 1 97  ? 10.055  1.872   1.514   1.00 24.04 ? 480 GLY A CA  1 
ATOM   759  C C   . GLY A 1 97  ? 10.739  0.654   0.927   1.00 25.93 ? 480 GLY A C   1 
ATOM   760  O O   . GLY A 1 97  ? 10.355  0.176   -0.140  1.00 20.68 ? 480 GLY A O   1 
ATOM   761  N N   . PRO A 1 98  ? 11.810  0.158   1.573   1.00 27.07 ? 481 PRO A N   1 
ATOM   762  C CA  . PRO A 1 98  ? 12.552  -0.984  1.056   1.00 26.58 ? 481 PRO A CA  1 
ATOM   763  C C   . PRO A 1 98  ? 11.655  -2.217  0.941   1.00 23.32 ? 481 PRO A C   1 
ATOM   764  O O   . PRO A 1 98  ? 11.002  -2.584  1.903   1.00 23.08 ? 481 PRO A O   1 
ATOM   765  C CB  . PRO A 1 98  ? 13.679  -1.202  2.078   1.00 27.41 ? 481 PRO A CB  1 
ATOM   766  C CG  . PRO A 1 98  ? 13.827  0.147   2.772   1.00 26.90 ? 481 PRO A CG  1 
ATOM   767  C CD  . PRO A 1 98  ? 12.426  0.741   2.771   1.00 28.80 ? 481 PRO A CD  1 
ATOM   768  N N   . ARG A 1 99  ? 11.656  -2.840  -0.221  1.00 25.77 ? 482 ARG A N   1 
ATOM   769  C CA  . ARG A 1 99  ? 10.875  -4.075  -0.489  1.00 25.97 ? 482 ARG A CA  1 
ATOM   770  C C   . ARG A 1 99  ? 11.307  -5.172  0.489   1.00 26.36 ? 482 ARG A C   1 
ATOM   771  O O   . ARG A 1 99  ? 10.429  -5.879  1.009   1.00 23.42 ? 482 ARG A O   1 
ATOM   772  C CB  . ARG A 1 99  ? 11.032  -4.469  -1.955  1.00 28.27 ? 482 ARG A CB  1 
ATOM   773  C CG  . ARG A 1 99  ? 10.331  -3.507  -2.902  1.00 33.92 ? 482 ARG A CG  1 
ATOM   774  C CD  . ARG A 1 99  ? 10.175  -4.066  -4.299  1.00 41.13 ? 482 ARG A CD  1 
ATOM   775  N NE  . ARG A 1 99  ? 11.475  -4.305  -4.899  1.00 39.57 ? 482 ARG A NE  1 
ATOM   776  C CZ  . ARG A 1 99  ? 11.685  -5.082  -5.947  0.76 33.52 ? 482 ARG A CZ  1 
ATOM   777  N NH1 . ARG A 1 99  ? 10.670  -5.697  -6.532  0.63 30.29 ? 482 ARG A NH1 1 
ATOM   778  N NH2 . ARG A 1 99  ? 12.905  -5.224  -6.420  0.66 28.94 ? 482 ARG A NH2 1 
ATOM   779  N N   . GLU A 1 100 ? 12.579  -5.193  0.862   1.00 23.85 ? 483 GLU A N   1 
ATOM   780  C CA  . GLU A 1 100 ? 13.148  -6.251  1.730   1.00 27.02 ? 483 GLU A CA  1 
ATOM   781  C C   . GLU A 1 100 ? 12.564  -6.116  3.145   1.00 28.04 ? 483 GLU A C   1 
ATOM   782  O O   . GLU A 1 100 ? 12.755  -7.033  3.917   1.00 27.97 ? 483 GLU A O   1 
ATOM   783  C CB  . GLU A 1 100 ? 14.681  -6.174  1.760   1.00 30.29 ? 483 GLU A CB  1 
ATOM   784  C CG  . GLU A 1 100 ? 15.202  -4.883  2.356   1.00 31.94 ? 483 GLU A CG  1 
ATOM   785  C CD  . GLU A 1 100 ? 16.610  -4.491  1.945   0.34 35.60 ? 483 GLU A CD  1 
ATOM   786  O OE1 . GLU A 1 100 ? 17.411  -5.390  1.636   0.32 38.62 ? 483 GLU A OE1 1 
ATOM   787  O OE2 . GLU A 1 100 ? 16.901  -3.292  1.946   0.78 41.52 ? 483 GLU A OE2 1 
ATOM   788  N N   . CYS A 1 101 ? 11.985  -4.954  3.499   1.00 23.43 ? 484 CYS A N   1 
ATOM   789  C CA  . CYS A 1 101 ? 11.436  -4.717  4.873   1.00 20.19 ? 484 CYS A CA  1 
ATOM   790  C C   . CYS A 1 101 ? 9.948   -5.053  4.924   1.00 22.66 ? 484 CYS A C   1 
ATOM   791  O O   . CYS A 1 101 ? 9.362   -4.934  6.012   1.00 26.41 ? 484 CYS A O   1 
ATOM   792  C CB  . CYS A 1 101 ? 11.674  -3.283  5.332   1.00 22.12 ? 484 CYS A CB  1 
ATOM   793  S SG  . CYS A 1 101 ? 13.428  -2.910  5.561   1.00 30.10 ? 484 CYS A SG  1 
ATOM   794  N N   . SER A 1 102 ? 9.349   -5.371  3.776   1.00 25.47 ? 485 SER A N   1 
ATOM   795  C CA  . SER A 1 102 ? 7.885   -5.588  3.621   1.00 27.13 ? 485 SER A CA  1 
ATOM   796  C C   . SER A 1 102 ? 7.571   -7.061  3.800   1.00 28.87 ? 485 SER A C   1 
ATOM   797  O O   . SER A 1 102 ? 8.151   -7.880  3.042   1.00 28.59 ? 485 SER A O   1 
ATOM   798  C CB  . SER A 1 102 ? 7.384   -5.078  2.284   1.00 37.27 ? 485 SER A CB  1 
ATOM   799  O OG  . SER A 1 102 ? 6.003   -5.403  2.094   1.00 36.78 ? 485 SER A OG  1 
ATOM   800  N N   . ASP A 1 103 ? 6.802   -7.393  4.847   1.00 26.47 ? 486 ASP A N   1 
ATOM   801  C CA  . ASP A 1 103 ? 6.232   -8.748  5.067   1.00 24.54 ? 486 ASP A CA  1 
ATOM   802  C C   . ASP A 1 103 ? 5.124   -8.982  4.046   1.00 25.94 ? 486 ASP A C   1 
ATOM   803  O O   . ASP A 1 103 ? 3.964   -8.528  4.299   1.00 25.45 ? 486 ASP A O   1 
ATOM   804  C CB  . ASP A 1 103 ? 5.693   -8.914  6.489   1.00 25.47 ? 486 ASP A CB  1 
ATOM   805  C CG  . ASP A 1 103 ? 5.060   -10.267 6.721   0.63 23.14 ? 486 ASP A CG  1 
ATOM   806  O OD1 . ASP A 1 103 ? 5.142   -11.107 5.798   0.73 22.17 ? 486 ASP A OD1 1 
ATOM   807  O OD2 . ASP A 1 103 ? 4.470   -10.467 7.812   0.66 21.31 ? 486 ASP A OD2 1 
ATOM   808  N N   . PHE A 1 104 ? 5.419   -9.761  3.007   1.00 27.99 ? 487 PHE A N   1 
ATOM   809  C CA  . PHE A 1 104 ? 4.520   -10.016 1.855   1.00 27.91 ? 487 PHE A CA  1 
ATOM   810  C C   . PHE A 1 104 ? 3.342   -10.908 2.274   1.00 26.98 ? 487 PHE A C   1 
ATOM   811  O O   . PHE A 1 104 ? 2.347   -10.931 1.543   1.00 28.35 ? 487 PHE A O   1 
ATOM   812  C CB  . PHE A 1 104 ? 5.296   -10.627 0.691   1.00 30.91 ? 487 PHE A CB  1 
ATOM   813  C CG  . PHE A 1 104 ? 6.095   -11.849 1.045   1.00 32.99 ? 487 PHE A CG  1 
ATOM   814  C CD1 . PHE A 1 104 ? 5.493   -13.099 1.080   1.00 34.50 ? 487 PHE A CD1 1 
ATOM   815  C CD2 . PHE A 1 104 ? 7.458   -11.753 1.298   1.00 35.48 ? 487 PHE A CD2 1 
ATOM   816  C CE1 . PHE A 1 104 ? 6.241   -14.230 1.363   1.00 38.45 ? 487 PHE A CE1 1 
ATOM   817  C CE2 . PHE A 1 104 ? 8.199   -12.884 1.594   1.00 39.24 ? 487 PHE A CE2 1 
ATOM   818  C CZ  . PHE A 1 104 ? 7.589   -14.118 1.626   1.00 34.18 ? 487 PHE A CZ  1 
ATOM   819  N N   . SER A 1 105 ? 3.371   -11.486 3.478   1.00 24.10 ? 488 SER A N   1 
ATOM   820  C CA  . SER A 1 105 ? 2.201   -12.257 3.984   1.00 25.69 ? 488 SER A CA  1 
ATOM   821  C C   . SER A 1 105 ? 1.125   -11.303 4.530   1.00 24.60 ? 488 SER A C   1 
ATOM   822  O O   . SER A 1 105 ? -0.056  -11.699 4.532   1.00 23.65 ? 488 SER A O   1 
ATOM   823  C CB  . SER A 1 105 ? 2.611   -13.297 5.009   1.00 29.42 ? 488 SER A CB  1 
ATOM   824  O OG  . SER A 1 105 ? 3.857   -13.888 4.661   0.68 27.13 ? 488 SER A OG  1 
ATOM   825  N N   . THR A 1 106 ? 1.511   -10.108 5.022   1.00 20.60 ? 489 THR A N   1 
ATOM   826  C CA  . THR A 1 106 ? 0.597   -9.245  5.835   1.00 20.83 ? 489 THR A CA  1 
ATOM   827  C C   . THR A 1 106 ? 0.542   -7.807  5.302   1.00 17.04 ? 489 THR A C   1 
ATOM   828  O O   . THR A 1 106 ? -0.363  -7.069  5.720   1.00 17.55 ? 489 THR A O   1 
ATOM   829  C CB  . THR A 1 106 ? 1.024   -9.241  7.301   1.00 23.29 ? 489 THR A CB  1 
ATOM   830  O OG1 . THR A 1 106 ? 2.328   -8.653  7.337   1.00 21.99 ? 489 THR A OG1 1 
ATOM   831  C CG2 . THR A 1 106 ? 1.028   -10.630 7.901   1.00 25.69 ? 489 THR A CG2 1 
ATOM   832  N N   . GLY A 1 107 ? 1.443   -7.420  4.391   1.00 16.77 ? 490 GLY A N   1 
ATOM   833  C CA  . GLY A 1 107 ? 1.497   -6.034  3.889   1.00 18.49 ? 490 GLY A CA  1 
ATOM   834  C C   . GLY A 1 107 ? 1.950   -5.066  4.971   1.00 17.74 ? 490 GLY A C   1 
ATOM   835  O O   . GLY A 1 107 ? 1.511   -3.904  4.971   1.00 19.61 ? 490 GLY A O   1 
ATOM   836  N N   . ILE A 1 108 ? 2.772   -5.522  5.895   1.00 15.99 ? 491 ILE A N   1 
ATOM   837  C CA  . ILE A 1 108 ? 3.278   -4.694  7.021   1.00 14.82 ? 491 ILE A CA  1 
ATOM   838  C C   . ILE A 1 108 ? 4.802   -4.653  6.930   1.00 15.44 ? 491 ILE A C   1 
ATOM   839  O O   . ILE A 1 108 ? 5.416   -5.707  6.761   1.00 18.48 ? 491 ILE A O   1 
ATOM   840  C CB  . ILE A 1 108 ? 2.772   -5.228  8.374   1.00 16.31 ? 491 ILE A CB  1 
ATOM   841  C CG1 . ILE A 1 108 ? 1.238   -5.273  8.420   1.00 18.21 ? 491 ILE A CG1 1 
ATOM   842  C CG2 . ILE A 1 108 ? 3.335   -4.448  9.534   1.00 18.35 ? 491 ILE A CG2 1 
ATOM   843  C CD1 . ILE A 1 108 ? 0.671   -5.922  9.664   1.00 19.51 ? 491 ILE A CD1 1 
ATOM   844  N N   . SER A 1 109 ? 5.357   -3.458  6.861   1.00 16.36 ? 492 SER A N   1 
ATOM   845  C CA  . SER A 1 109 ? 6.821   -3.230  6.888   1.00 15.89 ? 492 SER A CA  1 
ATOM   846  C C   . SER A 1 109 ? 7.218   -2.754  8.290   1.00 17.29 ? 492 SER A C   1 
ATOM   847  O O   . SER A 1 109 ? 6.602   -1.834  8.788   1.00 18.66 ? 492 SER A O   1 
ATOM   848  C CB  . SER A 1 109 ? 7.235   -2.222  5.830   1.00 21.28 ? 492 SER A CB  1 
ATOM   849  O OG  . SER A 1 109 ? 6.927   -2.671  4.521   1.00 22.95 ? 492 SER A OG  1 
ATOM   850  N N   . VAL A 1 110 ? 8.306   -3.261  8.817   1.00 16.71 ? 493 VAL A N   1 
ATOM   851  C CA  . VAL A 1 110 ? 9.045   -2.609  9.930   1.00 17.95 ? 493 VAL A CA  1 
ATOM   852  C C   . VAL A 1 110 ? 10.390  -2.138  9.389   1.00 20.55 ? 493 VAL A C   1 
ATOM   853  O O   . VAL A 1 110 ? 11.141  -2.968  8.862   1.00 18.10 ? 493 VAL A O   1 
ATOM   854  C CB  . VAL A 1 110 ? 9.179   -3.543  11.138  1.00 20.11 ? 493 VAL A CB  1 
ATOM   855  C CG1 . VAL A 1 110 ? 10.059  -2.955  12.223  1.00 21.28 ? 493 VAL A CG1 1 
ATOM   856  C CG2 . VAL A 1 110 ? 7.816   -3.911  11.697  1.00 22.12 ? 493 VAL A CG2 1 
ATOM   857  N N   . ILE A 1 111 ? 10.554  -0.821  9.299   1.00 17.24 ? 494 ILE A N   1 
ATOM   858  C CA  . ILE A 1 111 ? 11.675  -0.147  8.604   1.00 20.63 ? 494 ILE A CA  1 
ATOM   859  C C   . ILE A 1 111 ? 12.521  0.577   9.642   1.00 19.54 ? 494 ILE A C   1 
ATOM   860  O O   . ILE A 1 111 ? 12.044  1.500   10.305  1.00 17.84 ? 494 ILE A O   1 
ATOM   861  C CB  . ILE A 1 111 ? 11.160  0.837   7.542   1.00 19.89 ? 494 ILE A CB  1 
ATOM   862  C CG1 . ILE A 1 111 ? 10.082  0.208   6.655   1.00 22.85 ? 494 ILE A CG1 1 
ATOM   863  C CG2 . ILE A 1 111 ? 12.338  1.396   6.743   1.00 19.04 ? 494 ILE A CG2 1 
ATOM   864  C CD1 . ILE A 1 111 ? 9.396   1.178   5.723   1.00 21.67 ? 494 ILE A CD1 1 
ATOM   865  N N   . PRO A 1 112 ? 13.804  0.215   9.754   1.00 20.96 ? 495 PRO A N   1 
ATOM   866  C CA  . PRO A 1 112 ? 14.789  1.069   10.401  1.00 21.56 ? 495 PRO A CA  1 
ATOM   867  C C   . PRO A 1 112 ? 14.760  2.463   9.774   1.00 18.51 ? 495 PRO A C   1 
ATOM   868  O O   . PRO A 1 112 ? 14.799  2.578   8.579   1.00 18.06 ? 495 PRO A O   1 
ATOM   869  C CB  . PRO A 1 112 ? 16.130  0.362   10.144  1.00 20.75 ? 495 PRO A CB  1 
ATOM   870  C CG  . PRO A 1 112 ? 15.757  -1.056  9.763   1.00 22.97 ? 495 PRO A CG  1 
ATOM   871  C CD  . PRO A 1 112 ? 14.404  -0.954  9.107   1.00 23.74 ? 495 PRO A CD  1 
ATOM   872  N N   . ILE A 1 113 ? 14.645  3.484   10.598  1.00 19.82 ? 496 ILE A N   1 
ATOM   873  C CA  . ILE A 1 113 ? 14.559  4.895   10.147  1.00 20.41 ? 496 ILE A CA  1 
ATOM   874  C C   . ILE A 1 113 ? 15.805  5.248   9.319   1.00 20.40 ? 496 ILE A C   1 
ATOM   875  O O   . ILE A 1 113 ? 15.636  5.887   8.283   1.00 20.59 ? 496 ILE A O   1 
ATOM   876  C CB  . ILE A 1 113 ? 14.345  5.814   11.355  1.00 22.16 ? 496 ILE A CB  1 
ATOM   877  C CG1 . ILE A 1 113 ? 12.921  5.640   11.901  1.00 20.85 ? 496 ILE A CG1 1 
ATOM   878  C CG2 . ILE A 1 113 ? 14.651  7.261   11.006  1.00 24.20 ? 496 ILE A CG2 1 
ATOM   879  C CD1 . ILE A 1 113 ? 12.690  6.245   13.274  1.00 23.67 ? 496 ILE A CD1 1 
ATOM   880  N N   . ARG A 1 114 ? 16.934  4.604   9.592   1.00 21.15 ? 497 ARG A N   1 
ATOM   881  C CA  . ARG A 1 114 ? 18.204  4.905   8.876   1.00 25.04 ? 497 ARG A CA  1 
ATOM   882  C C   . ARG A 1 114 ? 18.102  4.424   7.417   1.00 22.38 ? 497 ARG A C   1 
ATOM   883  O O   . ARG A 1 114 ? 18.859  4.924   6.608   1.00 26.79 ? 497 ARG A O   1 
ATOM   884  C CB  . ARG A 1 114 ? 19.409  4.302   9.614   1.00 28.56 ? 497 ARG A CB  1 
ATOM   885  C CG  . ARG A 1 114 ? 19.571  2.806   9.452   1.00 31.60 ? 497 ARG A CG  1 
ATOM   886  C CD  . ARG A 1 114 ? 20.422  2.190   10.561  1.00 35.09 ? 497 ARG A CD  1 
ATOM   887  N NE  . ARG A 1 114 ? 20.140  0.772   10.684  1.00 41.12 ? 497 ARG A NE  1 
ATOM   888  C CZ  . ARG A 1 114 ? 20.349  -0.111  9.716   1.00 50.10 ? 497 ARG A CZ  1 
ATOM   889  N NH1 . ARG A 1 114 ? 20.956  0.261   8.597   1.00 50.82 ? 497 ARG A NH1 1 
ATOM   890  N NH2 . ARG A 1 114 ? 19.944  -1.360  9.864   1.00 45.38 ? 497 ARG A NH2 1 
ATOM   891  N N   . LEU A 1 115 ? 17.125  3.564   7.077   1.00 23.16 ? 498 LEU A N   1 
ATOM   892  C CA  . LEU A 1 115 ? 16.977  3.031   5.692   1.00 22.36 ? 498 LEU A CA  1 
ATOM   893  C C   . LEU A 1 115 ? 16.000  3.900   4.872   1.00 23.36 ? 498 LEU A C   1 
ATOM   894  O O   . LEU A 1 115 ? 15.870  3.665   3.663   1.00 28.62 ? 498 LEU A O   1 
ATOM   895  C CB  . LEU A 1 115 ? 16.503  1.576   5.754   1.00 26.56 ? 498 LEU A CB  1 
ATOM   896  C CG  . LEU A 1 115 ? 17.487  0.565   6.357   1.00 34.93 ? 498 LEU A CG  1 
ATOM   897  C CD1 . LEU A 1 115 ? 16.949  -0.861  6.211   1.00 31.85 ? 498 LEU A CD1 1 
ATOM   898  C CD2 . LEU A 1 115 ? 18.874  0.677   5.726   1.00 30.66 ? 498 LEU A CD2 1 
ATOM   899  N N   . LEU A 1 116 ? 15.332  4.865   5.495   1.00 19.86 ? 499 LEU A N   1 
ATOM   900  C CA  . LEU A 1 116 ? 14.405  5.783   4.765   1.00 21.00 ? 499 LEU A CA  1 
ATOM   901  C C   . LEU A 1 116 ? 15.235  6.790   3.971   1.00 22.10 ? 499 LEU A C   1 
ATOM   902  O O   . LEU A 1 116 ? 16.058  7.492   4.587   1.00 24.80 ? 499 LEU A O   1 
ATOM   903  C CB  . LEU A 1 116 ? 13.480  6.486   5.758   1.00 22.92 ? 499 LEU A CB  1 
ATOM   904  C CG  . LEU A 1 116 ? 12.519  5.583   6.530   1.00 23.92 ? 499 LEU A CG  1 
ATOM   905  C CD1 . LEU A 1 116 ? 11.771  6.384   7.585   1.00 26.14 ? 499 LEU A CD1 1 
ATOM   906  C CD2 . LEU A 1 116 ? 11.533  4.882   5.593   1.00 25.18 ? 499 LEU A CD2 1 
ATOM   907  N N   . THR A 1 117 ? 15.040  6.855   2.656   1.00 23.23 ? 500 THR A N   1 
ATOM   908  C CA  . THR A 1 117 ? 15.642  7.914   1.808   1.00 23.35 ? 500 THR A CA  1 
ATOM   909  C C   . THR A 1 117 ? 15.052  9.278   2.196   1.00 22.86 ? 500 THR A C   1 
ATOM   910  O O   . THR A 1 117 ? 13.965  9.311   2.848   1.00 19.15 ? 500 THR A O   1 
ATOM   911  C CB  . THR A 1 117 ? 15.411  7.652   0.322   1.00 22.68 ? 500 THR A CB  1 
ATOM   912  O OG1 . THR A 1 117 ? 13.999  7.745   0.083   1.00 22.90 ? 500 THR A OG1 1 
ATOM   913  C CG2 . THR A 1 117 ? 15.939  6.305   -0.124  1.00 24.55 ? 500 THR A CG2 1 
ATOM   914  N N   . ASP A 1 118 ? 15.610  10.348  1.658   1.00 24.93 ? 501 ASP A N   1 
ATOM   915  C CA  . ASP A 1 118 ? 15.083  11.723  1.896   1.00 21.62 ? 501 ASP A CA  1 
ATOM   916  C C   . ASP A 1 118 ? 13.676  11.846  1.301   1.00 22.01 ? 501 ASP A C   1 
ATOM   917  O O   . ASP A 1 118 ? 12.780  12.383  2.020   1.00 20.45 ? 501 ASP A O   1 
ATOM   918  C CB  . ASP A 1 118 ? 16.036  12.776  1.363   1.00 24.73 ? 501 ASP A CB  1 
ATOM   919  C CG  . ASP A 1 118 ? 17.300  12.899  2.189   1.00 23.32 ? 501 ASP A CG  1 
ATOM   920  O OD1 . ASP A 1 118 ? 17.268  12.505  3.387   1.00 26.93 ? 501 ASP A OD1 1 
ATOM   921  O OD2 . ASP A 1 118 ? 18.308  13.385  1.633   1.00 24.50 ? 501 ASP A OD2 1 
ATOM   922  N N   . ALA A 1 119 ? 13.460  11.331  0.073   1.00 19.91 ? 502 ALA A N   1 
ATOM   923  C CA  . ALA A 1 119 ? 12.122  11.262  -0.573  1.00 21.98 ? 502 ALA A CA  1 
ATOM   924  C C   . ALA A 1 119 ? 11.152  10.529  0.360   1.00 19.49 ? 502 ALA A C   1 
ATOM   925  O O   . ALA A 1 119 ? 10.067  11.036  0.587   1.00 20.71 ? 502 ALA A O   1 
ATOM   926  C CB  . ALA A 1 119 ? 12.226  10.577  -1.910  1.00 24.34 ? 502 ALA A CB  1 
ATOM   927  N N   . ASP A 1 120 ? 11.530  9.336   0.848   1.00 21.13 ? 503 ASP A N   1 
ATOM   928  C CA  . ASP A 1 120 ? 10.656  8.513   1.741   1.00 21.42 ? 503 ASP A CA  1 
ATOM   929  C C   . ASP A 1 120 ? 10.251  9.339   2.975   1.00 16.20 ? 503 ASP A C   1 
ATOM   930  O O   . ASP A 1 120 ? 9.034   9.386   3.299   1.00 16.01 ? 503 ASP A O   1 
ATOM   931  C CB  . ASP A 1 120 ? 11.345  7.229   2.206   1.00 22.32 ? 503 ASP A CB  1 
ATOM   932  C CG  . ASP A 1 120 ? 11.617  6.208   1.118   0.72 23.62 ? 503 ASP A CG  1 
ATOM   933  O OD1 . ASP A 1 120 ? 10.934  6.255   0.090   0.85 24.67 ? 503 ASP A OD1 1 
ATOM   934  O OD2 . ASP A 1 120 ? 12.562  5.396   1.306   0.75 25.87 ? 503 ASP A OD2 1 
ATOM   935  N N   . ARG A 1 121 ? 11.209  10.044  3.587   1.00 16.44 ? 504 ARG A N   1 
ATOM   936  C CA  . ARG A 1 121 ? 10.992  10.785  4.858   1.00 18.83 ? 504 ARG A CA  1 
ATOM   937  C C   . ARG A 1 121 ? 10.022  11.931  4.569   1.00 17.99 ? 504 ARG A C   1 
ATOM   938  O O   . ARG A 1 121 ? 9.115   12.221  5.419   1.00 18.09 ? 504 ARG A O   1 
ATOM   939  C CB  . ARG A 1 121 ? 12.323  11.330  5.402   1.00 19.03 ? 504 ARG A CB  1 
ATOM   940  C CG  . ARG A 1 121 ? 13.246  10.290  6.013   1.00 18.10 ? 504 ARG A CG  1 
ATOM   941  C CD  . ARG A 1 121 ? 14.525  10.929  6.545   1.00 18.89 ? 504 ARG A CD  1 
ATOM   942  N NE  . ARG A 1 121 ? 14.227  11.932  7.552   1.00 19.58 ? 504 ARG A NE  1 
ATOM   943  C CZ  . ARG A 1 121 ? 14.127  11.677  8.848   1.00 22.50 ? 504 ARG A CZ  1 
ATOM   944  N NH1 . ARG A 1 121 ? 14.440  10.478  9.314   1.00 18.62 ? 504 ARG A NH1 1 
ATOM   945  N NH2 . ARG A 1 121 ? 13.745  12.627  9.678   1.00 25.07 ? 504 ARG A NH2 1 
ATOM   946  N N   . THR A 1 122 ? 10.183  12.557  3.405   1.00 21.02 ? 505 THR A N   1 
ATOM   947  C CA  . THR A 1 122 ? 9.415   13.749  2.989   1.00 18.58 ? 505 THR A CA  1 
ATOM   948  C C   . THR A 1 122 ? 7.988   13.345  2.599   1.00 16.94 ? 505 THR A C   1 
ATOM   949  O O   . THR A 1 122 ? 7.042   13.993  3.047   1.00 17.83 ? 505 THR A O   1 
ATOM   950  C CB  . THR A 1 122 ? 10.096  14.491  1.835   1.00 21.12 ? 505 THR A CB  1 
ATOM   951  O OG1 . THR A 1 122 ? 11.468  14.740  2.179   1.00 21.85 ? 505 THR A OG1 1 
ATOM   952  C CG2 . THR A 1 122 ? 9.372   15.780  1.510   1.00 23.66 ? 505 THR A CG2 1 
ATOM   953  N N   . TRP A 1 123 ? 7.845   12.231  1.907   1.00 17.43 ? 506 TRP A N   1 
ATOM   954  C CA  . TRP A 1 123 ? 6.527   11.675  1.555   1.00 18.48 ? 506 TRP A CA  1 
ATOM   955  C C   . TRP A 1 123 ? 5.780   11.260  2.825   1.00 17.55 ? 506 TRP A C   1 
ATOM   956  O O   . TRP A 1 123 ? 4.551   11.443  2.853   1.00 17.91 ? 506 TRP A O   1 
ATOM   957  C CB  . TRP A 1 123 ? 6.692   10.545  0.553   1.00 20.84 ? 506 TRP A CB  1 
ATOM   958  C CG  . TRP A 1 123 ? 7.208   11.018  -0.768  1.00 19.35 ? 506 TRP A CG  1 
ATOM   959  C CD1 . TRP A 1 123 ? 7.077   12.270  -1.304  1.00 23.17 ? 506 TRP A CD1 1 
ATOM   960  C CD2 . TRP A 1 123 ? 7.957   10.253  -1.720  1.00 19.88 ? 506 TRP A CD2 1 
ATOM   961  N NE1 . TRP A 1 123 ? 7.683   12.329  -2.529  1.00 24.06 ? 506 TRP A NE1 1 
ATOM   962  C CE2 . TRP A 1 123 ? 8.201   11.094  -2.826  1.00 24.92 ? 506 TRP A CE2 1 
ATOM   963  C CE3 . TRP A 1 123 ? 8.450   8.947   -1.748  1.00 25.53 ? 506 TRP A CE3 1 
ATOM   964  C CZ2 . TRP A 1 123 ? 8.934   10.668  -3.932  1.00 26.94 ? 506 TRP A CZ2 1 
ATOM   965  C CZ3 . TRP A 1 123 ? 9.155   8.524   -2.850  1.00 33.00 ? 506 TRP A CZ3 1 
ATOM   966  C CH2 . TRP A 1 123 ? 9.380   9.370   -3.931  1.00 26.81 ? 506 TRP A CH2 1 
ATOM   967  N N   . LEU A 1 124 ? 6.468   10.693  3.815   1.00 17.27 ? 507 LEU A N   1 
ATOM   968  C CA  . LEU A 1 124 ? 5.806   10.213  5.062   1.00 18.74 ? 507 LEU A CA  1 
ATOM   969  C C   . LEU A 1 124 ? 5.119   11.394  5.732   1.00 19.21 ? 507 LEU A C   1 
ATOM   970  O O   . LEU A 1 124 ? 4.058   11.208  6.308   1.00 22.72 ? 507 LEU A O   1 
ATOM   971  C CB  . LEU A 1 124 ? 6.828   9.574   6.002   1.00 21.55 ? 507 LEU A CB  1 
ATOM   972  C CG  . LEU A 1 124 ? 6.955   8.066   5.904   1.00 22.37 ? 507 LEU A CG  1 
ATOM   973  C CD1 . LEU A 1 124 ? 8.127   7.585   6.767   1.00 21.61 ? 507 LEU A CD1 1 
ATOM   974  C CD2 . LEU A 1 124 ? 5.666   7.355   6.299   1.00 25.14 ? 507 LEU A CD2 1 
ATOM   975  N N   . VAL A 1 125 ? 5.798   12.519  5.799   1.00 19.39 ? 508 VAL A N   1 
ATOM   976  C CA  . VAL A 1 125 ? 5.365   13.625  6.683   1.00 20.05 ? 508 VAL A CA  1 
ATOM   977  C C   . VAL A 1 125 ? 4.406   14.535  5.922   1.00 21.39 ? 508 VAL A C   1 
ATOM   978  O O   . VAL A 1 125 ? 3.801   15.414  6.585   1.00 25.89 ? 508 VAL A O   1 
ATOM   979  C CB  . VAL A 1 125 ? 6.566   14.385  7.267   1.00 20.81 ? 508 VAL A CB  1 
ATOM   980  C CG1 . VAL A 1 125 ? 7.458   13.460  8.071   1.00 21.34 ? 508 VAL A CG1 1 
ATOM   981  C CG2 . VAL A 1 125 ? 7.371   15.118  6.199   1.00 23.16 ? 508 VAL A CG2 1 
ATOM   982  N N   . THR A 1 126 ? 4.367   14.460  4.586   1.00 18.86 ? 509 THR A N   1 
ATOM   983  C CA  . THR A 1 126 ? 3.613   15.457  3.758   1.00 21.97 ? 509 THR A CA  1 
ATOM   984  C C   . THR A 1 126 ? 2.424   14.815  3.034   1.00 21.50 ? 509 THR A C   1 
ATOM   985  O O   . THR A 1 126 ? 1.691   15.558  2.318   1.00 21.94 ? 509 THR A O   1 
ATOM   986  C CB  . THR A 1 126 ? 4.506   16.169  2.732   1.00 26.94 ? 509 THR A CB  1 
ATOM   987  O OG1 . THR A 1 126 ? 4.964   15.211  1.772   1.00 26.14 ? 509 THR A OG1 1 
ATOM   988  C CG2 . THR A 1 126 ? 5.661   16.908  3.372   1.00 27.60 ? 509 THR A CG2 1 
ATOM   989  N N   . ALA A 1 127 ? 2.229   13.506  3.164   1.00 18.96 ? 510 ALA A N   1 
ATOM   990  C CA  . ALA A 1 127 ? 1.194   12.786  2.396   1.00 21.00 ? 510 ALA A CA  1 
ATOM   991  C C   . ALA A 1 127 ? -0.191  13.298  2.800   1.00 21.92 ? 510 ALA A C   1 
ATOM   992  O O   . ALA A 1 127 ? -0.474  13.369  4.016   1.00 22.98 ? 510 ALA A O   1 
ATOM   993  C CB  . ALA A 1 127 ? 1.300   11.309  2.638   1.00 20.14 ? 510 ALA A CB  1 
ATOM   994  N N   . GLU A 1 128 ? -1.090  13.375  1.836   1.00 25.71 ? 511 GLU A N   1 
ATOM   995  C CA  . GLU A 1 128 ? -2.526  13.586  2.078   1.00 22.58 ? 511 GLU A CA  1 
ATOM   996  C C   . GLU A 1 128 ? -3.126  12.341  2.745   1.00 25.74 ? 511 GLU A C   1 
ATOM   997  O O   . GLU A 1 128 ? -3.918  12.507  3.684   1.00 21.81 ? 511 GLU A O   1 
ATOM   998  C CB  . GLU A 1 128 ? -3.240  13.909  0.775   1.00 26.48 ? 511 GLU A CB  1 
ATOM   999  C CG  . GLU A 1 128 ? -4.692  14.238  0.991   1.00 31.04 ? 511 GLU A CG  1 
ATOM   1000 C CD  . GLU A 1 128 ? -5.429  14.741  -0.238  1.00 41.19 ? 511 GLU A CD  1 
ATOM   1001 O OE1 . GLU A 1 128 ? -4.885  14.598  -1.364  1.00 39.05 ? 511 GLU A OE1 1 
ATOM   1002 O OE2 . GLU A 1 128 ? -6.532  15.304  -0.063  1.00 38.91 ? 511 GLU A OE2 1 
ATOM   1003 N N   . TYR A 1 129 ? -2.793  11.141  2.251   1.00 19.35 ? 512 TYR A N   1 
ATOM   1004 C CA  . TYR A 1 129 ? -3.317  9.868   2.794   1.00 19.56 ? 512 TYR A CA  1 
ATOM   1005 C C   . TYR A 1 129 ? -2.156  9.066   3.374   1.00 16.84 ? 512 TYR A C   1 
ATOM   1006 O O   . TYR A 1 129 ? -1.105  8.965   2.702   1.00 19.48 ? 512 TYR A O   1 
ATOM   1007 C CB  . TYR A 1 129 ? -4.051  9.079   1.711   1.00 21.20 ? 512 TYR A CB  1 
ATOM   1008 C CG  . TYR A 1 129 ? -5.326  9.729   1.257   1.00 21.84 ? 512 TYR A CG  1 
ATOM   1009 C CD1 . TYR A 1 129 ? -6.493  9.582   1.985   1.00 25.94 ? 512 TYR A CD1 1 
ATOM   1010 C CD2 . TYR A 1 129 ? -5.329  10.603  0.191   1.00 20.55 ? 512 TYR A CD2 1 
ATOM   1011 C CE1 . TYR A 1 129 ? -7.640  10.291  1.659   1.00 27.70 ? 512 TYR A CE1 1 
ATOM   1012 C CE2 . TYR A 1 129 ? -6.487  11.252  -0.199  1.00 23.59 ? 512 TYR A CE2 1 
ATOM   1013 C CZ  . TYR A 1 129 ? -7.624  11.153  0.581   1.00 27.02 ? 512 TYR A CZ  1 
ATOM   1014 O OH  . TYR A 1 129 ? -8.795  11.724  0.160   1.00 29.24 ? 512 TYR A OH  1 
ATOM   1015 N N   . GLY A 1 130 ? -2.333  8.565   4.600   1.00 17.56 ? 513 GLY A N   1 
ATOM   1016 C CA  . GLY A 1 130 ? -1.305  7.818   5.356   1.00 18.00 ? 513 GLY A CA  1 
ATOM   1017 C C   . GLY A 1 130 ? -0.205  8.746   5.849   1.00 18.05 ? 513 GLY A C   1 
ATOM   1018 O O   . GLY A 1 130 ? -0.456  9.958   5.967   1.00 18.14 ? 513 GLY A O   1 
ATOM   1019 N N   . GLY A 1 131 ? 0.972   8.210   6.125   1.00 16.87 ? 514 GLY A N   1 
ATOM   1020 C CA  . GLY A 1 131 ? 2.067   8.979   6.736   1.00 15.99 ? 514 GLY A CA  1 
ATOM   1021 C C   . GLY A 1 131 ? 1.711   9.500   8.125   1.00 17.66 ? 514 GLY A C   1 
ATOM   1022 O O   . GLY A 1 131 ? 0.705   9.061   8.682   1.00 16.94 ? 514 GLY A O   1 
ATOM   1023 N N   . THR A 1 132 ? 2.422   10.535  8.588   1.00 16.21 ? 515 THR A N   1 
ATOM   1024 C CA  . THR A 1 132 ? 2.370   11.044  9.984   1.00 16.36 ? 515 THR A CA  1 
ATOM   1025 C C   . THR A 1 132 ? 1.266   12.111  10.163  1.00 19.37 ? 515 THR A C   1 
ATOM   1026 O O   . THR A 1 132 ? 0.999   12.467  11.303  1.00 24.88 ? 515 THR A O   1 
ATOM   1027 C CB  . THR A 1 132 ? 3.721   11.650  10.383  1.00 16.27 ? 515 THR A CB  1 
ATOM   1028 O OG1 . THR A 1 132 ? 3.917   12.775  9.536   1.00 14.73 ? 515 THR A OG1 1 
ATOM   1029 C CG2 . THR A 1 132 ? 4.879   10.681  10.249  1.00 19.01 ? 515 THR A CG2 1 
ATOM   1030 N N   . GLY A 1 133 ? 0.697   12.634  9.070   1.00 18.12 ? 516 GLY A N   1 
ATOM   1031 C CA  . GLY A 1 133 ? -0.252  13.752  9.110   1.00 19.81 ? 516 GLY A CA  1 
ATOM   1032 C C   . GLY A 1 133 ? 0.434   15.042  9.504   1.00 21.88 ? 516 GLY A C   1 
ATOM   1033 O O   . GLY A 1 133 ? -0.195  15.860  10.224  1.00 22.53 ? 516 GLY A O   1 
ATOM   1034 N N   . GLY A 1 134 ? 1.694   15.210  9.096   1.00 16.95 ? 517 GLY A N   1 
ATOM   1035 C CA  . GLY A 1 134 ? 2.418   16.484  9.200   1.00 17.02 ? 517 GLY A CA  1 
ATOM   1036 C C   . GLY A 1 134 ? 3.359   16.515  10.395  1.00 18.25 ? 517 GLY A C   1 
ATOM   1037 O O   . GLY A 1 134 ? 3.910   17.566  10.661  1.00 20.10 ? 517 GLY A O   1 
ATOM   1038 N N   . LEU A 1 135 ? 3.463   15.423  11.151  1.00 17.51 ? 518 LEU A N   1 
ATOM   1039 C CA  . LEU A 1 135 ? 4.387   15.322  12.307  1.00 21.04 ? 518 LEU A CA  1 
ATOM   1040 C C   . LEU A 1 135 ? 5.713   14.726  11.860  1.00 20.71 ? 518 LEU A C   1 
ATOM   1041 O O   . LEU A 1 135 ? 5.791   14.006  10.871  1.00 21.02 ? 518 LEU A O   1 
ATOM   1042 C CB  . LEU A 1 135 ? 3.749   14.496  13.423  1.00 21.41 ? 518 LEU A CB  1 
ATOM   1043 C CG  . LEU A 1 135 ? 2.554   15.158  14.109  1.00 28.33 ? 518 LEU A CG  1 
ATOM   1044 C CD1 . LEU A 1 135 ? 1.739   14.143  14.894  1.00 33.38 ? 518 LEU A CD1 1 
ATOM   1045 C CD2 . LEU A 1 135 ? 3.016   16.295  15.016  1.00 29.78 ? 518 LEU A CD2 1 
ATOM   1046 N N   . PRO A 1 136 ? 6.808   15.026  12.584  1.00 19.51 ? 519 PRO A N   1 
ATOM   1047 C CA  . PRO A 1 136 ? 8.099   14.416  12.306  1.00 15.80 ? 519 PRO A CA  1 
ATOM   1048 C C   . PRO A 1 136 ? 8.070   12.893  12.471  1.00 18.01 ? 519 PRO A C   1 
ATOM   1049 O O   . PRO A 1 136 ? 7.311   12.396  13.277  1.00 18.48 ? 519 PRO A O   1 
ATOM   1050 C CB  . PRO A 1 136 ? 9.035   15.054  13.342  1.00 17.11 ? 519 PRO A CB  1 
ATOM   1051 C CG  . PRO A 1 136 ? 8.368   16.377  13.658  1.00 17.59 ? 519 PRO A CG  1 
ATOM   1052 C CD  . PRO A 1 136 ? 6.885   16.065  13.612  1.00 18.38 ? 519 PRO A CD  1 
ATOM   1053 N N   . ILE A 1 137 ? 8.952   12.227  11.768  1.00 18.54 ? 520 ILE A N   1 
ATOM   1054 C CA  . ILE A 1 137 ? 9.242   10.776  11.952  1.00 19.71 ? 520 ILE A CA  1 
ATOM   1055 C C   . ILE A 1 137 ? 9.996   10.581  13.261  1.00 21.73 ? 520 ILE A C   1 
ATOM   1056 O O   . ILE A 1 137 ? 11.093  11.188  13.425  1.00 20.93 ? 520 ILE A O   1 
ATOM   1057 C CB  . ILE A 1 137 ? 10.015  10.246  10.750  1.00 21.40 ? 520 ILE A CB  1 
ATOM   1058 C CG1 . ILE A 1 137 ? 9.251   10.542  9.461   1.00 20.41 ? 520 ILE A CG1 1 
ATOM   1059 C CG2 . ILE A 1 137 ? 10.326  8.759   10.919  1.00 23.61 ? 520 ILE A CG2 1 
ATOM   1060 C CD1 . ILE A 1 137 ? 10.104  10.549  8.220   1.00 22.91 ? 520 ILE A CD1 1 
ATOM   1061 N N   . THR A 1 138 ? 9.431   9.798   14.178  1.00 18.43 ? 521 THR A N   1 
ATOM   1062 C CA  . THR A 1 138 ? 10.130  9.355   15.403  1.00 21.96 ? 521 THR A CA  1 
ATOM   1063 C C   . THR A 1 138 ? 9.981   7.845   15.520  1.00 18.82 ? 521 THR A C   1 
ATOM   1064 O O   . THR A 1 138 ? 9.046   7.260   14.957  1.00 20.89 ? 521 THR A O   1 
ATOM   1065 C CB  . THR A 1 138 ? 9.617   10.092  16.645  1.00 26.55 ? 521 THR A CB  1 
ATOM   1066 O OG1 . THR A 1 138 ? 8.212   9.885   16.705  1.00 26.75 ? 521 THR A OG1 1 
ATOM   1067 C CG2 . THR A 1 138 ? 9.911   11.584  16.621  1.00 33.49 ? 521 THR A CG2 1 
ATOM   1068 N N   . PRO A 1 139 ? 10.911  7.190   16.230  1.00 18.96 ? 522 PRO A N   1 
ATOM   1069 C CA  . PRO A 1 139 ? 10.872  5.748   16.395  1.00 21.46 ? 522 PRO A CA  1 
ATOM   1070 C C   . PRO A 1 139 ? 9.654   5.280   17.208  1.00 21.85 ? 522 PRO A C   1 
ATOM   1071 O O   . PRO A 1 139 ? 9.114   6.041   17.951  1.00 20.82 ? 522 PRO A O   1 
ATOM   1072 C CB  . PRO A 1 139 ? 12.180  5.395   17.125  1.00 22.88 ? 522 PRO A CB  1 
ATOM   1073 C CG  . PRO A 1 139 ? 13.038  6.674   17.089  1.00 22.05 ? 522 PRO A CG  1 
ATOM   1074 C CD  . PRO A 1 139 ? 12.082  7.813   16.865  1.00 20.32 ? 522 PRO A CD  1 
ATOM   1075 N N   . GLY A 1 140 ? 9.198   4.050   16.964  1.00 21.32 ? 523 GLY A N   1 
ATOM   1076 C CA  . GLY A 1 140 ? 8.146   3.407   17.767  1.00 23.27 ? 523 GLY A CA  1 
ATOM   1077 C C   . GLY A 1 140 ? 6.777   3.927   17.432  1.00 21.84 ? 523 GLY A C   1 
ATOM   1078 O O   . GLY A 1 140 ? 5.918   3.922   18.326  1.00 26.44 ? 523 GLY A O   1 
ATOM   1079 N N   . ILE A 1 141 ? 6.533   4.256   16.164  1.00 22.18 ? 524 ILE A N   1 
ATOM   1080 C CA  . ILE A 1 141 ? 5.191   4.650   15.666  1.00 22.01 ? 524 ILE A CA  1 
ATOM   1081 C C   . ILE A 1 141 ? 4.785   3.738   14.502  1.00 18.80 ? 524 ILE A C   1 
ATOM   1082 O O   . ILE A 1 141 ? 5.658   3.345   13.707  1.00 18.71 ? 524 ILE A O   1 
ATOM   1083 C CB  . ILE A 1 141 ? 5.139   6.127   15.258  1.00 24.99 ? 524 ILE A CB  1 
ATOM   1084 C CG1 . ILE A 1 141 ? 5.963   6.408   13.996  1.00 24.97 ? 524 ILE A CG1 1 
ATOM   1085 C CG2 . ILE A 1 141 ? 5.539   7.022   16.429  1.00 24.78 ? 524 ILE A CG2 1 
ATOM   1086 C CD1 . ILE A 1 141 ? 6.050   7.890   13.642  1.00 30.22 ? 524 ILE A CD1 1 
ATOM   1087 N N   . ALA A 1 142 ? 3.495   3.531   14.373  1.00 18.27 ? 525 ALA A N   1 
ATOM   1088 C CA  . ALA A 1 142 ? 2.838   2.737   13.322  1.00 20.41 ? 525 ALA A CA  1 
ATOM   1089 C C   . ALA A 1 142 ? 1.918   3.662   12.553  1.00 20.15 ? 525 ALA A C   1 
ATOM   1090 O O   . ALA A 1 142 ? 1.167   4.412   13.206  1.00 20.51 ? 525 ALA A O   1 
ATOM   1091 C CB  . ALA A 1 142 ? 2.055   1.604   13.925  1.00 20.84 ? 525 ALA A CB  1 
ATOM   1092 N N   . LEU A 1 143 ? 2.034   3.655   11.234  1.00 18.20 ? 526 LEU A N   1 
ATOM   1093 C CA  . LEU A 1 143 ? 1.219   4.483   10.338  1.00 16.55 ? 526 LEU A CA  1 
ATOM   1094 C C   . LEU A 1 143 ? 0.883   3.691   9.066   1.00 16.72 ? 526 LEU A C   1 
ATOM   1095 O O   . LEU A 1 143 ? 1.367   2.530   8.923   1.00 16.95 ? 526 LEU A O   1 
ATOM   1096 C CB  . LEU A 1 143 ? 1.978   5.755   10.029  1.00 20.49 ? 526 LEU A CB  1 
ATOM   1097 C CG  . LEU A 1 143 ? 3.429   5.565   9.677   1.00 22.89 ? 526 LEU A CG  1 
ATOM   1098 C CD1 . LEU A 1 143 ? 3.556   5.229   8.206   1.00 25.11 ? 526 LEU A CD1 1 
ATOM   1099 C CD2 . LEU A 1 143 ? 4.253   6.790   10.039  1.00 24.72 ? 526 LEU A CD2 1 
ATOM   1100 N N   . ASP A 1 144 ? 0.027   4.272   8.230   1.00 16.99 ? 527 ASP A N   1 
ATOM   1101 C CA  . ASP A 1 144 ? -0.390  3.709   6.927   1.00 16.54 ? 527 ASP A CA  1 
ATOM   1102 C C   . ASP A 1 144 ? 0.571   4.223   5.845   1.00 17.12 ? 527 ASP A C   1 
ATOM   1103 O O   . ASP A 1 144 ? 1.135   5.325   6.018   1.00 17.34 ? 527 ASP A O   1 
ATOM   1104 C CB  . ASP A 1 144 ? -1.868  4.016   6.649   1.00 18.02 ? 527 ASP A CB  1 
ATOM   1105 C CG  . ASP A 1 144 ? -2.815  3.331   7.623   1.00 20.09 ? 527 ASP A CG  1 
ATOM   1106 O OD1 . ASP A 1 144 ? -2.458  2.240   8.122   1.00 20.07 ? 527 ASP A OD1 1 
ATOM   1107 O OD2 . ASP A 1 144 ? -3.834  3.933   7.959   1.00 22.56 ? 527 ASP A OD2 1 
ATOM   1108 N N   . GLU A 1 145 ? 0.758   3.436   4.786   1.00 15.32 ? 528 GLU A N   1 
ATOM   1109 C CA  . GLU A 1 145 ? 1.523   3.812   3.577   1.00 18.34 ? 528 GLU A CA  1 
ATOM   1110 C C   . GLU A 1 145 ? 1.200   5.252   3.218   1.00 17.54 ? 528 GLU A C   1 
ATOM   1111 O O   . GLU A 1 145 ? 0.045   5.589   3.049   1.00 16.84 ? 528 GLU A O   1 
ATOM   1112 C CB  . GLU A 1 145 ? 1.155   2.903   2.414   1.00 21.82 ? 528 GLU A CB  1 
ATOM   1113 C CG  . GLU A 1 145 ? 1.970   3.142   1.166   1.00 25.37 ? 528 GLU A CG  1 
ATOM   1114 C CD  . GLU A 1 145 ? 1.527   2.288   -0.002  1.00 27.34 ? 528 GLU A CD  1 
ATOM   1115 O OE1 . GLU A 1 145 ? 0.893   1.285   0.248   1.00 27.15 ? 528 GLU A OE1 1 
ATOM   1116 O OE2 . GLU A 1 145 ? 1.803   2.660   -1.163  1.00 32.71 ? 528 GLU A OE2 1 
ATOM   1117 N N   . PRO A 1 146 ? 2.198   6.123   3.028   1.00 17.52 ? 529 PRO A N   1 
ATOM   1118 C CA  . PRO A 1 146 ? 1.933   7.441   2.458   1.00 17.30 ? 529 PRO A CA  1 
ATOM   1119 C C   . PRO A 1 146 ? 1.756   7.383   0.935   1.00 19.29 ? 529 PRO A C   1 
ATOM   1120 O O   . PRO A 1 146 ? 2.343   6.527   0.299   1.00 20.81 ? 529 PRO A O   1 
ATOM   1121 C CB  . PRO A 1 146 ? 3.201   8.235   2.826   1.00 16.13 ? 529 PRO A CB  1 
ATOM   1122 C CG  . PRO A 1 146 ? 4.289   7.179   2.884   1.00 17.15 ? 529 PRO A CG  1 
ATOM   1123 C CD  . PRO A 1 146 ? 3.597   5.931   3.397   1.00 17.89 ? 529 PRO A CD  1 
ATOM   1124 N N   . ASP A 1 147 ? 1.111   8.392   0.374   1.00 19.03 ? 530 ASP A N   1 
ATOM   1125 C CA  . ASP A 1 147 ? 1.254   8.763   -1.052  1.00 22.22 ? 530 ASP A CA  1 
ATOM   1126 C C   . ASP A 1 147 ? 2.740   8.965   -1.367  1.00 24.41 ? 530 ASP A C   1 
ATOM   1127 O O   . ASP A 1 147 ? 3.465   9.528   -0.503  1.00 22.99 ? 530 ASP A O   1 
ATOM   1128 C CB  . ASP A 1 147 ? 0.412   10.008  -1.345  1.00 26.07 ? 530 ASP A CB  1 
ATOM   1129 C CG  . ASP A 1 147 ? -1.057  9.780   -1.058  1.00 29.79 ? 530 ASP A CG  1 
ATOM   1130 O OD1 . ASP A 1 147 ? -1.510  8.612   -1.238  1.00 26.56 ? 530 ASP A OD1 1 
ATOM   1131 O OD2 . ASP A 1 147 ? -1.706  10.711  -0.570  1.00 30.14 ? 530 ASP A OD2 1 
ATOM   1132 N N   . ILE A 1 148 ? 3.200   8.490   -2.530  1.00 21.51 ? 531 ILE A N   1 
ATOM   1133 C CA  . ILE A 1 148 ? 4.625   8.620   -2.953  1.00 24.08 ? 531 ILE A CA  1 
ATOM   1134 C C   . ILE A 1 148 ? 4.713   9.210   -4.370  1.00 25.69 ? 531 ILE A C   1 
ATOM   1135 O O   . ILE A 1 148 ? 3.651   9.576   -4.951  1.00 24.66 ? 531 ILE A O   1 
ATOM   1136 C CB  . ILE A 1 148 ? 5.373   7.277   -2.839  1.00 31.03 ? 531 ILE A CB  1 
ATOM   1137 C CG1 . ILE A 1 148 ? 4.858   6.241   -3.838  1.00 33.86 ? 531 ILE A CG1 1 
ATOM   1138 C CG2 . ILE A 1 148 ? 5.334   6.756   -1.409  1.00 31.30 ? 531 ILE A CG2 1 
ATOM   1139 C CD1 . ILE A 1 148 ? 5.910   5.239   -4.274  1.00 39.63 ? 531 ILE A CD1 1 
ATOM   1140 N N   . GLU A 1 149 ? 5.950   9.440   -4.826  1.00 32.74 ? 532 GLU A N   1 
ATOM   1141 C CA  . GLU A 1 149 ? 6.301   9.724   -6.242  1.00 35.32 ? 532 GLU A CA  1 
ATOM   1142 C C   . GLU A 1 149 ? 5.753   11.092  -6.628  1.00 39.51 ? 532 GLU A C   1 
ATOM   1143 O O   . GLU A 1 149 ? 5.367   11.257  -7.795  1.00 44.74 ? 532 GLU A O   1 
ATOM   1144 C CB  . GLU A 1 149 ? 5.739   8.647   -7.168  1.00 36.14 ? 532 GLU A CB  1 
ATOM   1145 C CG  . GLU A 1 149 ? 6.525   7.352   -7.153  1.00 33.77 ? 532 GLU A CG  1 
ATOM   1146 C CD  . GLU A 1 149 ? 6.013   6.333   -8.146  0.51 28.56 ? 532 GLU A CD  1 
ATOM   1147 O OE1 . GLU A 1 149 ? 6.586   5.254   -8.218  0.48 31.93 ? 532 GLU A OE1 1 
ATOM   1148 O OE2 . GLU A 1 149 ? 5.077   6.666   -8.881  0.45 26.09 ? 532 GLU A OE2 1 
ATOM   1149 N N   . ILE A 1 150 ? 5.710   12.022  -5.669  1.00 32.64 ? 533 ILE A N   1 
ATOM   1150 C CA  . ILE A 1 150 ? 5.352   13.450  -5.891  1.00 32.19 ? 533 ILE A CA  1 
ATOM   1151 C C   . ILE A 1 150 ? 6.602   14.296  -5.634  1.00 29.25 ? 533 ILE A C   1 
ATOM   1152 O O   . ILE A 1 150 ? 7.551   13.760  -5.065  1.00 26.56 ? 533 ILE A O   1 
ATOM   1153 C CB  . ILE A 1 150 ? 4.179   13.858  -4.982  1.00 27.86 ? 533 ILE A CB  1 
ATOM   1154 C CG1 . ILE A 1 150 ? 4.468   13.549  -3.510  1.00 32.80 ? 533 ILE A CG1 1 
ATOM   1155 C CG2 . ILE A 1 150 ? 2.898   13.189  -5.457  1.00 31.13 ? 533 ILE A CG2 1 
ATOM   1156 C CD1 . ILE A 1 150 ? 3.489   14.158  -2.534  1.00 36.91 ? 533 ILE A CD1 1 
ATOM   1157 N N   . GLY A 1 151 ? 6.627   15.536  -6.119  1.00 31.40 ? 534 GLY A N   1 
ATOM   1158 C CA  . GLY A 1 151 ? 7.674   16.521  -5.767  1.00 26.41 ? 534 GLY A CA  1 
ATOM   1159 C C   . GLY A 1 151 ? 7.965   16.514  -4.273  1.00 28.98 ? 534 GLY A C   1 
ATOM   1160 O O   . GLY A 1 151 ? 7.013   16.276  -3.471  1.00 32.33 ? 534 GLY A O   1 
ATOM   1161 N N   . LEU A 1 152 ? 9.200   16.857  -3.890  1.00 20.47 ? 535 LEU A N   1 
ATOM   1162 C CA  . LEU A 1 152 ? 9.571   17.109  -2.472  1.00 23.23 ? 535 LEU A CA  1 
ATOM   1163 C C   . LEU A 1 152 ? 9.246   18.558  -2.152  1.00 25.51 ? 535 LEU A C   1 
ATOM   1164 O O   . LEU A 1 152 ? 10.014  19.436  -2.559  1.00 23.95 ? 535 LEU A O   1 
ATOM   1165 C CB  . LEU A 1 152 ? 11.060  16.827  -2.253  1.00 20.96 ? 535 LEU A CB  1 
ATOM   1166 C CG  . LEU A 1 152 ? 11.509  15.369  -2.457  1.00 24.64 ? 535 LEU A CG  1 
ATOM   1167 C CD1 . LEU A 1 152 ? 12.857  15.141  -1.807  1.00 26.12 ? 535 LEU A CD1 1 
ATOM   1168 C CD2 . LEU A 1 152 ? 10.496  14.397  -1.919  1.00 28.99 ? 535 LEU A CD2 1 
ATOM   1169 N N   . GLY A 1 153 ? 8.169   18.787  -1.420  1.00 24.47 ? 536 GLY A N   1 
ATOM   1170 C CA  . GLY A 1 153 ? 7.633   20.142  -1.220  1.00 27.18 ? 536 GLY A CA  1 
ATOM   1171 C C   . GLY A 1 153 ? 6.712   20.209  -0.033  1.00 30.38 ? 536 GLY A C   1 
ATOM   1172 O O   . GLY A 1 153 ? 6.078   19.181  0.284   1.00 29.11 ? 536 GLY A O   1 
ATOM   1173 N N   . ILE A 1 154 ? 6.524   21.415  0.496   1.00 30.42 ? 537 ILE A N   1 
ATOM   1174 C CA  . ILE A 1 154 ? 5.698   21.675  1.706   1.00 34.83 ? 537 ILE A CA  1 
ATOM   1175 C C   . ILE A 1 154 ? 4.809   22.893  1.436   1.00 37.08 ? 537 ILE A C   1 
ATOM   1176 O O   . ILE A 1 154 ? 4.007   23.228  2.329   1.00 35.95 ? 537 ILE A O   1 
ATOM   1177 C CB  . ILE A 1 154 ? 6.593   21.872  2.951   1.00 33.52 ? 537 ILE A CB  1 
ATOM   1178 C CG1 . ILE A 1 154 ? 7.580   23.030  2.766   1.00 35.28 ? 537 ILE A CG1 1 
ATOM   1179 C CG2 . ILE A 1 154 ? 7.305   20.562  3.316   1.00 30.32 ? 537 ILE A CG2 1 
ATOM   1180 C CD1 . ILE A 1 154 ? 8.219   23.507  4.044   1.00 37.43 ? 537 ILE A CD1 1 
ATOM   1181 N N   . SER A 1 155 ? 4.871   23.440  0.206   1.00 43.95 ? 538 SER A N   1 
ATOM   1182 C CA  . SER A 1 155 ? 4.198   24.708  -0.211  1.00 46.42 ? 538 SER A CA  1 
ATOM   1183 C C   . SER A 1 155 ? 2.852   24.417  -0.880  1.00 51.36 ? 538 SER A C   1 
ATOM   1184 O O   . SER A 1 155 ? 2.056   25.367  -0.995  1.00 55.59 ? 538 SER A O   1 
ATOM   1185 C CB  . SER A 1 155 ? 5.068   25.516  -1.130  1.00 44.45 ? 538 SER A CB  1 
ATOM   1186 O OG  . SER A 1 155 ? 6.233   25.955  -0.465  1.00 39.58 ? 538 SER A OG  1 
ATOM   1187 N N   . SER A 1 156 ? 2.703   23.232  -1.487  1.00 49.92 ? 539 SER A N   1 
ATOM   1188 C CA  . SER A 1 156 ? 1.699   22.932  -2.549  1.00 54.59 ? 539 SER A CA  1 
ATOM   1189 C C   . SER A 1 156 ? 0.618   21.980  -2.016  1.00 53.93 ? 539 SER A C   1 
ATOM   1190 O O   . SER A 1 156 ? 0.921   20.945  -1.422  1.00 61.75 ? 539 SER A O   1 
ATOM   1191 C CB  . SER A 1 156 ? 2.372   22.365  -3.769  1.00 59.11 ? 539 SER A CB  1 
ATOM   1192 O OG  . SER A 1 156 ? 3.445   23.199  -4.192  1.00 44.15 ? 539 SER A OG  1 
HETATM 1193 O O   . HOH B 2 .   ? -3.975  -16.887 -15.571 1.00 44.09 ? 601 HOH A O   1 
HETATM 1194 O O   . HOH B 2 .   ? -9.474  -14.794 1.669   1.00 36.62 ? 602 HOH A O   1 
HETATM 1195 O O   . HOH B 2 .   ? 11.323  1.799   17.288  1.00 26.29 ? 603 HOH A O   1 
HETATM 1196 O O   . HOH B 2 .   ? 4.007   -12.399 9.190   1.00 33.16 ? 604 HOH A O   1 
HETATM 1197 O O   . HOH B 2 .   ? 3.670   -1.587  20.446  1.00 41.29 ? 605 HOH A O   1 
HETATM 1198 O O   . HOH B 2 .   ? -20.570 -5.877  -0.646  1.00 50.77 ? 606 HOH A O   1 
HETATM 1199 O O   . HOH B 2 .   ? -5.942  6.348   4.622   1.00 29.99 ? 607 HOH A O   1 
HETATM 1200 O O   . HOH B 2 .   ? -1.067  12.439  12.728  1.00 33.23 ? 608 HOH A O   1 
HETATM 1201 O O   . HOH B 2 .   ? -1.053  6.919   8.672   1.00 13.97 ? 609 HOH A O   1 
HETATM 1202 O O   . HOH B 2 .   ? -18.719 0.509   -10.866 1.00 33.86 ? 610 HOH A O   1 
HETATM 1203 O O   . HOH B 2 .   ? 0.148   -1.004  14.714  1.00 27.31 ? 611 HOH A O   1 
HETATM 1204 O O   . HOH B 2 .   ? -13.462 -8.970  3.193   1.00 26.08 ? 612 HOH A O   1 
HETATM 1205 O O   . HOH B 2 .   ? -7.558  -13.628 -21.635 1.00 29.97 ? 613 HOH A O   1 
HETATM 1206 O O   . HOH B 2 .   ? -5.754  4.159   6.165   1.00 19.35 ? 614 HOH A O   1 
HETATM 1207 O O   . HOH B 2 .   ? -16.415 2.747   -3.006  1.00 35.94 ? 615 HOH A O   1 
HETATM 1208 O O   . HOH B 2 .   ? 16.292  8.428   7.934   1.00 26.13 ? 616 HOH A O   1 
HETATM 1209 O O   . HOH B 2 .   ? 13.846  -2.777  12.819  1.00 30.21 ? 617 HOH A O   1 
HETATM 1210 O O   . HOH B 2 .   ? 17.595  9.650   4.624   1.00 29.70 ? 618 HOH A O   1 
HETATM 1211 O O   . HOH B 2 .   ? 12.765  3.300   -0.311  1.00 40.19 ? 619 HOH A O   1 
HETATM 1212 O O   . HOH B 2 .   ? -6.051  -8.904  4.020   1.00 34.03 ? 620 HOH A O   1 
HETATM 1213 O O   . HOH B 2 .   ? 4.380   -2.259  3.775   1.00 34.53 ? 621 HOH A O   1 
HETATM 1214 O O   . HOH B 2 .   ? -12.827 -7.856  -17.516 1.00 19.77 ? 622 HOH A O   1 
HETATM 1215 O O   . HOH B 2 .   ? -16.489 -7.178  -5.279  1.00 22.67 ? 623 HOH A O   1 
HETATM 1216 O O   . HOH B 2 .   ? -7.570  -6.343  -22.387 1.00 30.57 ? 624 HOH A O   1 
HETATM 1217 O O   . HOH B 2 .   ? 1.319   1.742   -4.558  1.00 27.38 ? 625 HOH A O   1 
HETATM 1218 O O   . HOH B 2 .   ? -15.422 0.809   -13.201 1.00 22.56 ? 626 HOH A O   1 
HETATM 1219 O O   . HOH B 2 .   ? -18.977 -1.892  -6.766  1.00 25.55 ? 627 HOH A O   1 
HETATM 1220 O O   . HOH B 2 .   ? 9.070   4.590   -0.936  1.00 34.29 ? 628 HOH A O   1 
HETATM 1221 O O   . HOH B 2 .   ? -10.287 2.948   0.468   1.00 18.10 ? 629 HOH A O   1 
HETATM 1222 O O   . HOH B 2 .   ? 4.353   -10.305 -22.224 1.00 26.96 ? 630 HOH A O   1 
HETATM 1223 O O   . HOH B 2 .   ? 4.100   -8.031  -24.224 1.00 32.52 ? 631 HOH A O   1 
HETATM 1224 O O   . HOH B 2 .   ? 8.698   -1.358  2.913   1.00 22.38 ? 632 HOH A O   1 
HETATM 1225 O O   . HOH B 2 .   ? -11.536 -19.435 -14.795 1.00 30.12 ? 633 HOH A O   1 
HETATM 1226 O O   . HOH B 2 .   ? -3.909  -14.631 -3.349  1.00 35.98 ? 634 HOH A O   1 
HETATM 1227 O O   . HOH B 2 .   ? 8.061   8.572   19.119  1.00 40.12 ? 635 HOH A O   1 
HETATM 1228 O O   . HOH B 2 .   ? -3.542  -2.878  -20.458 1.00 35.52 ? 636 HOH A O   1 
HETATM 1229 O O   . HOH B 2 .   ? 4.600   -1.181  -6.120  1.00 33.59 ? 637 HOH A O   1 
HETATM 1230 O O   . HOH B 2 .   ? 10.845  17.500  -6.005  1.00 25.27 ? 638 HOH A O   1 
HETATM 1231 O O   . HOH B 2 .   ? -1.909  14.863  12.148  1.00 33.10 ? 639 HOH A O   1 
HETATM 1232 O O   . HOH B 2 .   ? 4.440   -10.500 -11.654 1.00 22.50 ? 640 HOH A O   1 
HETATM 1233 O O   . HOH B 2 .   ? -1.605  1.412   -8.529  1.00 24.65 ? 641 HOH A O   1 
HETATM 1234 O O   . HOH B 2 .   ? -7.296  -4.455  11.085  1.00 20.28 ? 642 HOH A O   1 
HETATM 1235 O O   . HOH B 2 .   ? -2.249  -10.593 -19.548 1.00 20.83 ? 643 HOH A O   1 
HETATM 1236 O O   . HOH B 2 .   ? -11.348 -15.091 -2.573  1.00 29.29 ? 644 HOH A O   1 
HETATM 1237 O O   . HOH B 2 .   ? 17.323  3.266   12.327  1.00 23.59 ? 645 HOH A O   1 
HETATM 1238 O O   . HOH B 2 .   ? 13.768  3.517   19.381  1.00 29.29 ? 646 HOH A O   1 
HETATM 1239 O O   . HOH B 2 .   ? 2.411   -12.005 -12.818 1.00 18.48 ? 647 HOH A O   1 
HETATM 1240 O O   . HOH B 2 .   ? 4.568   -3.467  -14.000 1.00 36.18 ? 648 HOH A O   1 
HETATM 1241 O O   . HOH B 2 .   ? -5.131  10.485  -4.488  1.00 39.03 ? 649 HOH A O   1 
HETATM 1242 O O   . HOH B 2 .   ? -11.645 -15.417 -21.429 1.00 35.93 ? 650 HOH A O   1 
HETATM 1243 O O   . HOH B 2 .   ? 3.365   -0.130  0.951   1.00 27.26 ? 651 HOH A O   1 
HETATM 1244 O O   . HOH B 2 .   ? 1.262   12.778  6.213   1.00 30.29 ? 652 HOH A O   1 
HETATM 1245 O O   . HOH B 2 .   ? -5.249  -6.275  -24.149 1.00 25.51 ? 653 HOH A O   1 
HETATM 1246 O O   . HOH B 2 .   ? 4.454   -4.195  17.408  1.00 34.64 ? 654 HOH A O   1 
HETATM 1247 O O   . HOH B 2 .   ? -4.850  8.414   5.994   1.00 28.36 ? 655 HOH A O   1 
HETATM 1248 O O   . HOH B 2 .   ? 12.738  6.412   -2.188  1.00 41.76 ? 656 HOH A O   1 
HETATM 1249 O O   . HOH B 2 .   ? -5.398  2.242   -15.322 1.00 37.40 ? 657 HOH A O   1 
HETATM 1250 O O   . HOH B 2 .   ? 0.293   -13.527 -12.342 1.00 22.12 ? 658 HOH A O   1 
HETATM 1251 O O   . HOH B 2 .   ? -7.911  -2.608  -18.878 1.00 23.05 ? 659 HOH A O   1 
HETATM 1252 O O   . HOH B 2 .   ? 12.702  13.786  12.157  1.00 36.43 ? 660 HOH A O   1 
HETATM 1253 O O   . HOH B 2 .   ? -9.449  -6.403  -24.813 1.00 32.80 ? 661 HOH A O   1 
HETATM 1254 O O   . HOH B 2 .   ? -0.394  -11.512 0.631   1.00 23.35 ? 662 HOH A O   1 
HETATM 1255 O O   . HOH B 2 .   ? -4.400  0.062   -16.163 1.00 24.92 ? 663 HOH A O   1 
HETATM 1256 O O   . HOH B 2 .   ? 13.786  10.722  12.181  1.00 37.39 ? 664 HOH A O   1 
HETATM 1257 O O   . HOH B 2 .   ? -0.275  -15.456 -14.020 1.00 30.78 ? 665 HOH A O   1 
HETATM 1258 O O   . HOH B 2 .   ? -6.798  -20.035 -13.476 1.00 38.17 ? 666 HOH A O   1 
HETATM 1259 O O   . HOH B 2 .   ? -5.678  4.727   -11.271 1.00 28.99 ? 667 HOH A O   1 
HETATM 1260 O O   . HOH B 2 .   ? 10.776  13.890  10.057  1.00 19.27 ? 668 HOH A O   1 
HETATM 1261 O O   . HOH B 2 .   ? -0.010  19.964  -4.114  1.00 37.37 ? 669 HOH A O   1 
HETATM 1262 O O   . HOH B 2 .   ? -14.128 -6.403  -19.614 1.00 23.80 ? 670 HOH A O   1 
HETATM 1263 O O   . HOH B 2 .   ? -7.990  2.304   7.595   1.00 22.78 ? 671 HOH A O   1 
HETATM 1264 O O   . HOH B 2 .   ? 15.628  10.627  -2.010  1.00 24.57 ? 672 HOH A O   1 
HETATM 1265 O O   . HOH B 2 .   ? -4.144  -13.038 -22.027 1.00 26.53 ? 673 HOH A O   1 
HETATM 1266 O O   . HOH B 2 .   ? 0.335   -17.576 -6.524  1.00 24.14 ? 674 HOH A O   1 
HETATM 1267 O O   . HOH B 2 .   ? 10.765  14.035  7.371   1.00 29.66 ? 675 HOH A O   1 
HETATM 1268 O O   . HOH B 2 .   ? -10.268 -10.859 -25.014 1.00 55.76 ? 676 HOH A O   1 
HETATM 1269 O O   . HOH B 2 .   ? -5.273  -19.986 -8.545  1.00 30.86 ? 677 HOH A O   1 
HETATM 1270 O O   . HOH B 2 .   ? -12.806 4.083   1.647   1.00 21.00 ? 678 HOH A O   1 
HETATM 1271 O O   . HOH B 2 .   ? 9.439   25.791  0.100   1.00 33.66 ? 679 HOH A O   1 
HETATM 1272 O O   . HOH B 2 .   ? 11.071  2.661   19.558  1.00 33.39 ? 680 HOH A O   1 
HETATM 1273 O O   . HOH B 2 .   ? -20.247 -4.444  -6.526  1.00 30.36 ? 681 HOH A O   1 
HETATM 1274 O O   . HOH B 2 .   ? 16.398  -2.876  13.711  1.00 40.92 ? 682 HOH A O   1 
HETATM 1275 O O   . HOH B 2 .   ? -5.532  -1.327  -18.270 1.00 34.51 ? 683 HOH A O   1 
HETATM 1276 O O   . HOH B 2 .   ? -6.857  -8.099  -25.743 1.00 22.54 ? 684 HOH A O   1 
HETATM 1277 O O   . HOH B 2 .   ? -15.946 -6.952  3.532   1.00 35.66 ? 685 HOH A O   1 
# 
loop_
_pdbx_poly_seq_scheme.asym_id 
_pdbx_poly_seq_scheme.entity_id 
_pdbx_poly_seq_scheme.seq_id 
_pdbx_poly_seq_scheme.mon_id 
_pdbx_poly_seq_scheme.ndb_seq_num 
_pdbx_poly_seq_scheme.pdb_seq_num 
_pdbx_poly_seq_scheme.auth_seq_num 
_pdbx_poly_seq_scheme.pdb_mon_id 
_pdbx_poly_seq_scheme.auth_mon_id 
_pdbx_poly_seq_scheme.pdb_strand_id 
_pdbx_poly_seq_scheme.pdb_ins_code 
_pdbx_poly_seq_scheme.hetero 
A 1 1   GLY 1   384 ?   ?   ?   A . n 
A 1 2   PRO 2   385 ?   ?   ?   A . n 
A 1 3   GLY 3   386 ?   ?   ?   A . n 
A 1 4   THR 4   387 ?   ?   ?   A . n 
A 1 5   ARG 5   388 388 ARG ARG A . n 
A 1 6   ARG 6   389 389 ARG ARG A . n 
A 1 7   PHE 7   390 390 PHE PHE A . n 
A 1 8   GLU 8   391 391 GLU GLU A . n 
A 1 9   ARG 9   392 392 ARG ARG A . n 
A 1 10  ASP 10  393 393 ASP ASP A . n 
A 1 11  PRO 11  394 394 PRO PRO A . n 
A 1 12  THR 12  395 395 THR THR A . n 
A 1 13  ILE 13  396 396 ILE ILE A . n 
A 1 14  PRO 14  397 397 PRO PRO A . n 
A 1 15  PRO 15  398 398 PRO PRO A . n 
A 1 16  ASP 16  399 399 ASP ASP A . n 
A 1 17  SER 17  400 400 SER SER A . n 
A 1 18  ILE 18  401 401 ILE ILE A . n 
A 1 19  LYS 19  402 402 LYS LYS A . n 
A 1 20  VAL 20  403 403 VAL VAL A . n 
A 1 21  TYR 21  404 404 TYR TYR A . n 
A 1 22  SER 22  405 405 SER SER A . n 
A 1 23  ARG 23  406 406 ARG ARG A . n 
A 1 24  THR 24  407 407 THR THR A . n 
A 1 25  LEU 25  408 408 LEU LEU A . n 
A 1 26  PHE 26  409 409 PHE PHE A . n 
A 1 27  LEU 27  410 410 LEU LEU A . n 
A 1 28  GLY 28  411 411 GLY GLY A . n 
A 1 29  GLY 29  412 412 GLY GLY A . n 
A 1 30  ILE 30  413 413 ILE ILE A . n 
A 1 31  THR 31  414 414 THR THR A . n 
A 1 32  ARG 32  415 415 ARG ARG A . n 
A 1 33  SER 33  416 416 SER SER A . n 
A 1 34  VAL 34  417 417 VAL VAL A . n 
A 1 35  ARG 35  418 418 ARG ARG A . n 
A 1 36  GLU 36  419 419 GLU GLU A . n 
A 1 37  PRO 37  420 420 PRO PRO A . n 
A 1 38  VAL 38  421 421 VAL VAL A . n 
A 1 39  LEU 39  422 422 LEU LEU A . n 
A 1 40  ARG 40  423 423 ARG ARG A . n 
A 1 41  SER 41  424 424 SER SER A . n 
A 1 42  MET 42  425 425 MET MET A . n 
A 1 43  PHE 43  426 426 PHE PHE A . n 
A 1 44  GLU 44  427 427 GLU GLU A . n 
A 1 45  ARG 45  428 428 ARG ARG A . n 
A 1 46  PHE 46  429 429 PHE PHE A . n 
A 1 47  GLY 47  430 430 GLY GLY A . n 
A 1 48  SER 48  431 431 SER SER A . n 
A 1 49  VAL 49  432 432 VAL VAL A . n 
A 1 50  GLN 50  433 433 GLN GLN A . n 
A 1 51  SER 51  434 434 SER SER A . n 
A 1 52  LEU 52  435 435 LEU LEU A . n 
A 1 53  ILE 53  436 436 ILE ILE A . n 
A 1 54  LEU 54  437 437 LEU LEU A . n 
A 1 55  ASN 55  438 438 ASN ASN A . n 
A 1 56  HIS 56  439 439 HIS HIS A . n 
A 1 57  ASN 57  440 440 ASN ASN A . n 
A 1 58  TYR 58  441 441 TYR TYR A . n 
A 1 59  ARG 59  442 442 ARG ARG A . n 
A 1 60  HIS 60  443 443 HIS HIS A . n 
A 1 61  GLY 61  444 444 GLY GLY A . n 
A 1 62  PHE 62  445 445 PHE PHE A . n 
A 1 63  LEU 63  446 446 LEU LEU A . n 
A 1 64  LYS 64  447 447 LYS LYS A . n 
A 1 65  MET 65  448 448 MET MET A . n 
A 1 66  PHE 66  449 449 PHE PHE A . n 
A 1 67  ARG 67  450 450 ARG ARG A . n 
A 1 68  ARG 68  451 451 ARG ARG A . n 
A 1 69  ASP 69  452 452 ASP ASP A . n 
A 1 70  ALA 70  453 453 ALA ALA A . n 
A 1 71  ALA 71  454 454 ALA ALA A . n 
A 1 72  GLU 72  455 455 GLU GLU A . n 
A 1 73  LYS 73  456 456 LYS LYS A . n 
A 1 74  ALA 74  457 457 ALA ALA A . n 
A 1 75  GLN 75  458 458 GLN GLN A . n 
A 1 76  VAL 76  459 459 VAL VAL A . n 
A 1 77  ALA 77  460 460 ALA ALA A . n 
A 1 78  MET 78  461 461 MET MET A . n 
A 1 79  GLU 79  462 462 GLU GLU A . n 
A 1 80  ASN 80  463 463 ASN ASN A . n 
A 1 81  VAL 81  464 464 VAL VAL A . n 
A 1 82  PRO 82  465 465 PRO PRO A . n 
A 1 83  PHE 83  466 466 PHE PHE A . n 
A 1 84  ALA 84  467 467 ALA ALA A . n 
A 1 85  ASP 85  468 468 ASP ASP A . n 
A 1 86  THR 86  469 469 THR THR A . n 
A 1 87  THR 87  470 470 THR THR A . n 
A 1 88  ILE 88  471 471 ILE ILE A . n 
A 1 89  ARG 89  472 472 ARG ARG A . n 
A 1 90  THR 90  473 473 THR THR A . n 
A 1 91  LYS 91  474 474 LYS LYS A . n 
A 1 92  TRP 92  475 475 TRP TRP A . n 
A 1 93  GLY 93  476 476 GLY GLY A . n 
A 1 94  VAL 94  477 477 VAL VAL A . n 
A 1 95  GLY 95  478 478 GLY GLY A . n 
A 1 96  PHE 96  479 479 PHE PHE A . n 
A 1 97  GLY 97  480 480 GLY GLY A . n 
A 1 98  PRO 98  481 481 PRO PRO A . n 
A 1 99  ARG 99  482 482 ARG ARG A . n 
A 1 100 GLU 100 483 483 GLU GLU A . n 
A 1 101 CYS 101 484 484 CYS CYS A . n 
A 1 102 SER 102 485 485 SER SER A . n 
A 1 103 ASP 103 486 486 ASP ASP A . n 
A 1 104 PHE 104 487 487 PHE PHE A . n 
A 1 105 SER 105 488 488 SER SER A . n 
A 1 106 THR 106 489 489 THR THR A . n 
A 1 107 GLY 107 490 490 GLY GLY A . n 
A 1 108 ILE 108 491 491 ILE ILE A . n 
A 1 109 SER 109 492 492 SER SER A . n 
A 1 110 VAL 110 493 493 VAL VAL A . n 
A 1 111 ILE 111 494 494 ILE ILE A . n 
A 1 112 PRO 112 495 495 PRO PRO A . n 
A 1 113 ILE 113 496 496 ILE ILE A . n 
A 1 114 ARG 114 497 497 ARG ARG A . n 
A 1 115 LEU 115 498 498 LEU LEU A . n 
A 1 116 LEU 116 499 499 LEU LEU A . n 
A 1 117 THR 117 500 500 THR THR A . n 
A 1 118 ASP 118 501 501 ASP ASP A . n 
A 1 119 ALA 119 502 502 ALA ALA A . n 
A 1 120 ASP 120 503 503 ASP ASP A . n 
A 1 121 ARG 121 504 504 ARG ARG A . n 
A 1 122 THR 122 505 505 THR THR A . n 
A 1 123 TRP 123 506 506 TRP TRP A . n 
A 1 124 LEU 124 507 507 LEU LEU A . n 
A 1 125 VAL 125 508 508 VAL VAL A . n 
A 1 126 THR 126 509 509 THR THR A . n 
A 1 127 ALA 127 510 510 ALA ALA A . n 
A 1 128 GLU 128 511 511 GLU GLU A . n 
A 1 129 TYR 129 512 512 TYR TYR A . n 
A 1 130 GLY 130 513 513 GLY GLY A . n 
A 1 131 GLY 131 514 514 GLY GLY A . n 
A 1 132 THR 132 515 515 THR THR A . n 
A 1 133 GLY 133 516 516 GLY GLY A . n 
A 1 134 GLY 134 517 517 GLY GLY A . n 
A 1 135 LEU 135 518 518 LEU LEU A . n 
A 1 136 PRO 136 519 519 PRO PRO A . n 
A 1 137 ILE 137 520 520 ILE ILE A . n 
A 1 138 THR 138 521 521 THR THR A . n 
A 1 139 PRO 139 522 522 PRO PRO A . n 
A 1 140 GLY 140 523 523 GLY GLY A . n 
A 1 141 ILE 141 524 524 ILE ILE A . n 
A 1 142 ALA 142 525 525 ALA ALA A . n 
A 1 143 LEU 143 526 526 LEU LEU A . n 
A 1 144 ASP 144 527 527 ASP ASP A . n 
A 1 145 GLU 145 528 528 GLU GLU A . n 
A 1 146 PRO 146 529 529 PRO PRO A . n 
A 1 147 ASP 147 530 530 ASP ASP A . n 
A 1 148 ILE 148 531 531 ILE ILE A . n 
A 1 149 GLU 149 532 532 GLU GLU A . n 
A 1 150 ILE 150 533 533 ILE ILE A . n 
A 1 151 GLY 151 534 534 GLY GLY A . n 
A 1 152 LEU 152 535 535 LEU LEU A . n 
A 1 153 GLY 153 536 536 GLY GLY A . n 
A 1 154 ILE 154 537 537 ILE ILE A . n 
A 1 155 SER 155 538 538 SER SER A . n 
A 1 156 SER 156 539 539 SER SER A . n 
A 1 157 LYS 157 540 ?   ?   ?   A . n 
# 
_pdbx_contact_author.id                 2 
_pdbx_contact_author.email              armin.wagner@diamond.ac.uk 
_pdbx_contact_author.name_first         Armin 
_pdbx_contact_author.name_last          Wagner 
_pdbx_contact_author.name_mi            E 
_pdbx_contact_author.role               'principal investigator/group leader' 
_pdbx_contact_author.identifier_ORCID   0000-0001-8995-7324 
# 
loop_
_pdbx_nonpoly_scheme.asym_id 
_pdbx_nonpoly_scheme.entity_id 
_pdbx_nonpoly_scheme.mon_id 
_pdbx_nonpoly_scheme.ndb_seq_num 
_pdbx_nonpoly_scheme.pdb_seq_num 
_pdbx_nonpoly_scheme.auth_seq_num 
_pdbx_nonpoly_scheme.pdb_mon_id 
_pdbx_nonpoly_scheme.auth_mon_id 
_pdbx_nonpoly_scheme.pdb_strand_id 
_pdbx_nonpoly_scheme.pdb_ins_code 
B 2 HOH 1  601 628 HOH HOH A . 
B 2 HOH 2  602 592 HOH HOH A . 
B 2 HOH 3  603 625 HOH HOH A . 
B 2 HOH 4  604 604 HOH HOH A . 
B 2 HOH 5  605 606 HOH HOH A . 
B 2 HOH 6  606 615 HOH HOH A . 
B 2 HOH 7  607 594 HOH HOH A . 
B 2 HOH 8  608 630 HOH HOH A . 
B 2 HOH 9  609 551 HOH HOH A . 
B 2 HOH 10 610 618 HOH HOH A . 
B 2 HOH 11 611 565 HOH HOH A . 
B 2 HOH 12 612 562 HOH HOH A . 
B 2 HOH 13 613 571 HOH HOH A . 
B 2 HOH 14 614 569 HOH HOH A . 
B 2 HOH 15 615 617 HOH HOH A . 
B 2 HOH 16 616 567 HOH HOH A . 
B 2 HOH 17 617 631 HOH HOH A . 
B 2 HOH 18 618 602 HOH HOH A . 
B 2 HOH 19 619 633 HOH HOH A . 
B 2 HOH 20 620 614 HOH HOH A . 
B 2 HOH 21 621 579 HOH HOH A . 
B 2 HOH 22 622 559 HOH HOH A . 
B 2 HOH 23 623 570 HOH HOH A . 
B 2 HOH 24 624 558 HOH HOH A . 
B 2 HOH 25 625 611 HOH HOH A . 
B 2 HOH 26 626 564 HOH HOH A . 
B 2 HOH 27 627 582 HOH HOH A . 
B 2 HOH 28 628 597 HOH HOH A . 
B 2 HOH 29 629 556 HOH HOH A . 
B 2 HOH 30 630 613 HOH HOH A . 
B 2 HOH 31 631 578 HOH HOH A . 
B 2 HOH 32 632 554 HOH HOH A . 
B 2 HOH 33 633 573 HOH HOH A . 
B 2 HOH 34 634 620 HOH HOH A . 
B 2 HOH 35 635 627 HOH HOH A . 
B 2 HOH 36 636 587 HOH HOH A . 
B 2 HOH 37 637 622 HOH HOH A . 
B 2 HOH 38 638 580 HOH HOH A . 
B 2 HOH 39 639 607 HOH HOH A . 
B 2 HOH 40 640 557 HOH HOH A . 
B 2 HOH 41 641 584 HOH HOH A . 
B 2 HOH 42 642 552 HOH HOH A . 
B 2 HOH 43 643 577 HOH HOH A . 
B 2 HOH 44 644 560 HOH HOH A . 
B 2 HOH 45 645 574 HOH HOH A . 
B 2 HOH 46 646 583 HOH HOH A . 
B 2 HOH 47 647 561 HOH HOH A . 
B 2 HOH 48 648 624 HOH HOH A . 
B 2 HOH 49 649 596 HOH HOH A . 
B 2 HOH 50 650 609 HOH HOH A . 
B 2 HOH 51 651 575 HOH HOH A . 
B 2 HOH 52 652 612 HOH HOH A . 
B 2 HOH 53 653 568 HOH HOH A . 
B 2 HOH 54 654 605 HOH HOH A . 
B 2 HOH 55 655 595 HOH HOH A . 
B 2 HOH 56 656 598 HOH HOH A . 
B 2 HOH 57 657 586 HOH HOH A . 
B 2 HOH 58 658 616 HOH HOH A . 
B 2 HOH 59 659 550 HOH HOH A . 
B 2 HOH 60 660 629 HOH HOH A . 
B 2 HOH 61 661 589 HOH HOH A . 
B 2 HOH 62 662 572 HOH HOH A . 
B 2 HOH 63 663 563 HOH HOH A . 
B 2 HOH 64 664 603 HOH HOH A . 
B 2 HOH 65 665 566 HOH HOH A . 
B 2 HOH 66 666 610 HOH HOH A . 
B 2 HOH 67 667 555 HOH HOH A . 
B 2 HOH 68 668 553 HOH HOH A . 
B 2 HOH 69 669 634 HOH HOH A . 
B 2 HOH 70 670 608 HOH HOH A . 
B 2 HOH 71 671 581 HOH HOH A . 
B 2 HOH 72 672 601 HOH HOH A . 
B 2 HOH 73 673 593 HOH HOH A . 
B 2 HOH 74 674 600 HOH HOH A . 
B 2 HOH 75 675 588 HOH HOH A . 
B 2 HOH 76 676 576 HOH HOH A . 
B 2 HOH 77 677 599 HOH HOH A . 
B 2 HOH 78 678 585 HOH HOH A . 
B 2 HOH 79 679 623 HOH HOH A . 
B 2 HOH 80 680 626 HOH HOH A . 
B 2 HOH 81 681 619 HOH HOH A . 
B 2 HOH 82 682 632 HOH HOH A . 
B 2 HOH 83 683 621 HOH HOH A . 
B 2 HOH 84 684 590 HOH HOH A . 
B 2 HOH 85 685 591 HOH HOH A . 
# 
_pdbx_struct_assembly.id                   1 
_pdbx_struct_assembly.details              author_and_software_defined_assembly 
_pdbx_struct_assembly.method_details       PISA 
_pdbx_struct_assembly.oligomeric_details   monomeric 
_pdbx_struct_assembly.oligomeric_count     1 
# 
_pdbx_struct_assembly_gen.assembly_id       1 
_pdbx_struct_assembly_gen.oper_expression   1 
_pdbx_struct_assembly_gen.asym_id_list      A,B 
# 
loop_
_pdbx_struct_assembly_prop.biol_id 
_pdbx_struct_assembly_prop.type 
_pdbx_struct_assembly_prop.value 
_pdbx_struct_assembly_prop.details 
1 'ABSA (A^2)' 0    ? 
1 MORE         0    ? 
1 'SSA (A^2)'  8300 ? 
# 
_pdbx_struct_oper_list.id                   1 
_pdbx_struct_oper_list.type                 'identity operation' 
_pdbx_struct_oper_list.name                 1_555 
_pdbx_struct_oper_list.symmetry_operation   x,y,z 
_pdbx_struct_oper_list.matrix[1][1]         1.0000000000 
_pdbx_struct_oper_list.matrix[1][2]         0.0000000000 
_pdbx_struct_oper_list.matrix[1][3]         0.0000000000 
_pdbx_struct_oper_list.vector[1]            0.0000000000 
_pdbx_struct_oper_list.matrix[2][1]         0.0000000000 
_pdbx_struct_oper_list.matrix[2][2]         1.0000000000 
_pdbx_struct_oper_list.matrix[2][3]         0.0000000000 
_pdbx_struct_oper_list.vector[2]            0.0000000000 
_pdbx_struct_oper_list.matrix[3][1]         0.0000000000 
_pdbx_struct_oper_list.matrix[3][2]         0.0000000000 
_pdbx_struct_oper_list.matrix[3][3]         1.0000000000 
_pdbx_struct_oper_list.vector[3]            0.0000000000 
# 
_pdbx_audit_revision_history.ordinal             1 
_pdbx_audit_revision_history.data_content_type   'Structure model' 
_pdbx_audit_revision_history.major_revision      1 
_pdbx_audit_revision_history.minor_revision      0 
_pdbx_audit_revision_history.revision_date       2023-10-25 
# 
_pdbx_audit_revision_details.ordinal             1 
_pdbx_audit_revision_details.revision_ordinal    1 
_pdbx_audit_revision_details.data_content_type   'Structure model' 
_pdbx_audit_revision_details.provider            repository 
_pdbx_audit_revision_details.type                'Initial release' 
_pdbx_audit_revision_details.description         ? 
_pdbx_audit_revision_details.details             ? 
# 
loop_
_software.citation_id 
_software.classification 
_software.compiler_name 
_software.compiler_version 
_software.contact_author 
_software.contact_author_email 
_software.date 
_software.description 
_software.dependencies 
_software.hardware 
_software.language 
_software.location 
_software.mods 
_software.name 
_software.os 
_software.os_version 
_software.type 
_software.version 
_software.pdbx_ordinal 
? refinement       ? ? ? ? ? ? ? ? ? ? ? REFMAC  ? ? ? 5.8.0238 1 
? 'data reduction' ? ? ? ? ? ? ? ? ? ? ? XDS     ? ? ? .        2 
? 'data scaling'   ? ? ? ? ? ? ? ? ? ? ? Aimless ? ? ? .        3 
? phasing          ? ? ? ? ? ? ? ? ? ? ? HKL2Map ? ? ? .        4 
# 
_pdbx_validate_close_contact.id               1 
_pdbx_validate_close_contact.PDB_model_num    1 
_pdbx_validate_close_contact.auth_atom_id_1   NH2 
_pdbx_validate_close_contact.auth_asym_id_1   A 
_pdbx_validate_close_contact.auth_comp_id_1   ARG 
_pdbx_validate_close_contact.auth_seq_id_1    442 
_pdbx_validate_close_contact.PDB_ins_code_1   ? 
_pdbx_validate_close_contact.label_alt_id_1   ? 
_pdbx_validate_close_contact.auth_atom_id_2   O 
_pdbx_validate_close_contact.auth_asym_id_2   A 
_pdbx_validate_close_contact.auth_comp_id_2   HOH 
_pdbx_validate_close_contact.auth_seq_id_2    601 
_pdbx_validate_close_contact.PDB_ins_code_2   ? 
_pdbx_validate_close_contact.label_alt_id_2   ? 
_pdbx_validate_close_contact.dist             2.06 
# 
loop_
_pdbx_validate_torsion.id 
_pdbx_validate_torsion.PDB_model_num 
_pdbx_validate_torsion.auth_comp_id 
_pdbx_validate_torsion.auth_asym_id 
_pdbx_validate_torsion.auth_seq_id 
_pdbx_validate_torsion.PDB_ins_code 
_pdbx_validate_torsion.label_alt_id 
_pdbx_validate_torsion.phi 
_pdbx_validate_torsion.psi 
1 1 PHE A 466 ? ? -161.61 115.19  
2 1 ALA A 467 ? ? 53.90   -116.36 
# 
loop_
_pdbx_unobs_or_zero_occ_residues.id 
_pdbx_unobs_or_zero_occ_residues.PDB_model_num 
_pdbx_unobs_or_zero_occ_residues.polymer_flag 
_pdbx_unobs_or_zero_occ_residues.occupancy_flag 
_pdbx_unobs_or_zero_occ_residues.auth_asym_id 
_pdbx_unobs_or_zero_occ_residues.auth_comp_id 
_pdbx_unobs_or_zero_occ_residues.auth_seq_id 
_pdbx_unobs_or_zero_occ_residues.PDB_ins_code 
_pdbx_unobs_or_zero_occ_residues.label_asym_id 
_pdbx_unobs_or_zero_occ_residues.label_comp_id 
_pdbx_unobs_or_zero_occ_residues.label_seq_id 
1 1 Y 1 A GLY 384 ? A GLY 1   
2 1 Y 1 A PRO 385 ? A PRO 2   
3 1 Y 1 A GLY 386 ? A GLY 3   
4 1 Y 1 A THR 387 ? A THR 4   
5 1 Y 1 A LYS 540 ? A LYS 157 
# 
loop_
_chem_comp_atom.comp_id 
_chem_comp_atom.atom_id 
_chem_comp_atom.type_symbol 
_chem_comp_atom.pdbx_aromatic_flag 
_chem_comp_atom.pdbx_stereo_config 
_chem_comp_atom.pdbx_ordinal 
ALA N    N N N 1   
ALA CA   C N S 2   
ALA C    C N N 3   
ALA O    O N N 4   
ALA CB   C N N 5   
ALA OXT  O N N 6   
ALA H    H N N 7   
ALA H2   H N N 8   
ALA HA   H N N 9   
ALA HB1  H N N 10  
ALA HB2  H N N 11  
ALA HB3  H N N 12  
ALA HXT  H N N 13  
ARG N    N N N 14  
ARG CA   C N S 15  
ARG C    C N N 16  
ARG O    O N N 17  
ARG CB   C N N 18  
ARG CG   C N N 19  
ARG CD   C N N 20  
ARG NE   N N N 21  
ARG CZ   C N N 22  
ARG NH1  N N N 23  
ARG NH2  N N N 24  
ARG OXT  O N N 25  
ARG H    H N N 26  
ARG H2   H N N 27  
ARG HA   H N N 28  
ARG HB2  H N N 29  
ARG HB3  H N N 30  
ARG HG2  H N N 31  
ARG HG3  H N N 32  
ARG HD2  H N N 33  
ARG HD3  H N N 34  
ARG HE   H N N 35  
ARG HH11 H N N 36  
ARG HH12 H N N 37  
ARG HH21 H N N 38  
ARG HH22 H N N 39  
ARG HXT  H N N 40  
ASN N    N N N 41  
ASN CA   C N S 42  
ASN C    C N N 43  
ASN O    O N N 44  
ASN CB   C N N 45  
ASN CG   C N N 46  
ASN OD1  O N N 47  
ASN ND2  N N N 48  
ASN OXT  O N N 49  
ASN H    H N N 50  
ASN H2   H N N 51  
ASN HA   H N N 52  
ASN HB2  H N N 53  
ASN HB3  H N N 54  
ASN HD21 H N N 55  
ASN HD22 H N N 56  
ASN HXT  H N N 57  
ASP N    N N N 58  
ASP CA   C N S 59  
ASP C    C N N 60  
ASP O    O N N 61  
ASP CB   C N N 62  
ASP CG   C N N 63  
ASP OD1  O N N 64  
ASP OD2  O N N 65  
ASP OXT  O N N 66  
ASP H    H N N 67  
ASP H2   H N N 68  
ASP HA   H N N 69  
ASP HB2  H N N 70  
ASP HB3  H N N 71  
ASP HD2  H N N 72  
ASP HXT  H N N 73  
CYS N    N N N 74  
CYS CA   C N R 75  
CYS C    C N N 76  
CYS O    O N N 77  
CYS CB   C N N 78  
CYS SG   S N N 79  
CYS OXT  O N N 80  
CYS H    H N N 81  
CYS H2   H N N 82  
CYS HA   H N N 83  
CYS HB2  H N N 84  
CYS HB3  H N N 85  
CYS HG   H N N 86  
CYS HXT  H N N 87  
GLN N    N N N 88  
GLN CA   C N S 89  
GLN C    C N N 90  
GLN O    O N N 91  
GLN CB   C N N 92  
GLN CG   C N N 93  
GLN CD   C N N 94  
GLN OE1  O N N 95  
GLN NE2  N N N 96  
GLN OXT  O N N 97  
GLN H    H N N 98  
GLN H2   H N N 99  
GLN HA   H N N 100 
GLN HB2  H N N 101 
GLN HB3  H N N 102 
GLN HG2  H N N 103 
GLN HG3  H N N 104 
GLN HE21 H N N 105 
GLN HE22 H N N 106 
GLN HXT  H N N 107 
GLU N    N N N 108 
GLU CA   C N S 109 
GLU C    C N N 110 
GLU O    O N N 111 
GLU CB   C N N 112 
GLU CG   C N N 113 
GLU CD   C N N 114 
GLU OE1  O N N 115 
GLU OE2  O N N 116 
GLU OXT  O N N 117 
GLU H    H N N 118 
GLU H2   H N N 119 
GLU HA   H N N 120 
GLU HB2  H N N 121 
GLU HB3  H N N 122 
GLU HG2  H N N 123 
GLU HG3  H N N 124 
GLU HE2  H N N 125 
GLU HXT  H N N 126 
GLY N    N N N 127 
GLY CA   C N N 128 
GLY C    C N N 129 
GLY O    O N N 130 
GLY OXT  O N N 131 
GLY H    H N N 132 
GLY H2   H N N 133 
GLY HA2  H N N 134 
GLY HA3  H N N 135 
GLY HXT  H N N 136 
HIS N    N N N 137 
HIS CA   C N S 138 
HIS C    C N N 139 
HIS O    O N N 140 
HIS CB   C N N 141 
HIS CG   C Y N 142 
HIS ND1  N Y N 143 
HIS CD2  C Y N 144 
HIS CE1  C Y N 145 
HIS NE2  N Y N 146 
HIS OXT  O N N 147 
HIS H    H N N 148 
HIS H2   H N N 149 
HIS HA   H N N 150 
HIS HB2  H N N 151 
HIS HB3  H N N 152 
HIS HD1  H N N 153 
HIS HD2  H N N 154 
HIS HE1  H N N 155 
HIS HE2  H N N 156 
HIS HXT  H N N 157 
HOH O    O N N 158 
HOH H1   H N N 159 
HOH H2   H N N 160 
ILE N    N N N 161 
ILE CA   C N S 162 
ILE C    C N N 163 
ILE O    O N N 164 
ILE CB   C N S 165 
ILE CG1  C N N 166 
ILE CG2  C N N 167 
ILE CD1  C N N 168 
ILE OXT  O N N 169 
ILE H    H N N 170 
ILE H2   H N N 171 
ILE HA   H N N 172 
ILE HB   H N N 173 
ILE HG12 H N N 174 
ILE HG13 H N N 175 
ILE HG21 H N N 176 
ILE HG22 H N N 177 
ILE HG23 H N N 178 
ILE HD11 H N N 179 
ILE HD12 H N N 180 
ILE HD13 H N N 181 
ILE HXT  H N N 182 
LEU N    N N N 183 
LEU CA   C N S 184 
LEU C    C N N 185 
LEU O    O N N 186 
LEU CB   C N N 187 
LEU CG   C N N 188 
LEU CD1  C N N 189 
LEU CD2  C N N 190 
LEU OXT  O N N 191 
LEU H    H N N 192 
LEU H2   H N N 193 
LEU HA   H N N 194 
LEU HB2  H N N 195 
LEU HB3  H N N 196 
LEU HG   H N N 197 
LEU HD11 H N N 198 
LEU HD12 H N N 199 
LEU HD13 H N N 200 
LEU HD21 H N N 201 
LEU HD22 H N N 202 
LEU HD23 H N N 203 
LEU HXT  H N N 204 
LYS N    N N N 205 
LYS CA   C N S 206 
LYS C    C N N 207 
LYS O    O N N 208 
LYS CB   C N N 209 
LYS CG   C N N 210 
LYS CD   C N N 211 
LYS CE   C N N 212 
LYS NZ   N N N 213 
LYS OXT  O N N 214 
LYS H    H N N 215 
LYS H2   H N N 216 
LYS HA   H N N 217 
LYS HB2  H N N 218 
LYS HB3  H N N 219 
LYS HG2  H N N 220 
LYS HG3  H N N 221 
LYS HD2  H N N 222 
LYS HD3  H N N 223 
LYS HE2  H N N 224 
LYS HE3  H N N 225 
LYS HZ1  H N N 226 
LYS HZ2  H N N 227 
LYS HZ3  H N N 228 
LYS HXT  H N N 229 
MET N    N N N 230 
MET CA   C N S 231 
MET C    C N N 232 
MET O    O N N 233 
MET CB   C N N 234 
MET CG   C N N 235 
MET SD   S N N 236 
MET CE   C N N 237 
MET OXT  O N N 238 
MET H    H N N 239 
MET H2   H N N 240 
MET HA   H N N 241 
MET HB2  H N N 242 
MET HB3  H N N 243 
MET HG2  H N N 244 
MET HG3  H N N 245 
MET HE1  H N N 246 
MET HE2  H N N 247 
MET HE3  H N N 248 
MET HXT  H N N 249 
PHE N    N N N 250 
PHE CA   C N S 251 
PHE C    C N N 252 
PHE O    O N N 253 
PHE CB   C N N 254 
PHE CG   C Y N 255 
PHE CD1  C Y N 256 
PHE CD2  C Y N 257 
PHE CE1  C Y N 258 
PHE CE2  C Y N 259 
PHE CZ   C Y N 260 
PHE OXT  O N N 261 
PHE H    H N N 262 
PHE H2   H N N 263 
PHE HA   H N N 264 
PHE HB2  H N N 265 
PHE HB3  H N N 266 
PHE HD1  H N N 267 
PHE HD2  H N N 268 
PHE HE1  H N N 269 
PHE HE2  H N N 270 
PHE HZ   H N N 271 
PHE HXT  H N N 272 
PRO N    N N N 273 
PRO CA   C N S 274 
PRO C    C N N 275 
PRO O    O N N 276 
PRO CB   C N N 277 
PRO CG   C N N 278 
PRO CD   C N N 279 
PRO OXT  O N N 280 
PRO H    H N N 281 
PRO HA   H N N 282 
PRO HB2  H N N 283 
PRO HB3  H N N 284 
PRO HG2  H N N 285 
PRO HG3  H N N 286 
PRO HD2  H N N 287 
PRO HD3  H N N 288 
PRO HXT  H N N 289 
SER N    N N N 290 
SER CA   C N S 291 
SER C    C N N 292 
SER O    O N N 293 
SER CB   C N N 294 
SER OG   O N N 295 
SER OXT  O N N 296 
SER H    H N N 297 
SER H2   H N N 298 
SER HA   H N N 299 
SER HB2  H N N 300 
SER HB3  H N N 301 
SER HG   H N N 302 
SER HXT  H N N 303 
THR N    N N N 304 
THR CA   C N S 305 
THR C    C N N 306 
THR O    O N N 307 
THR CB   C N R 308 
THR OG1  O N N 309 
THR CG2  C N N 310 
THR OXT  O N N 311 
THR H    H N N 312 
THR H2   H N N 313 
THR HA   H N N 314 
THR HB   H N N 315 
THR HG1  H N N 316 
THR HG21 H N N 317 
THR HG22 H N N 318 
THR HG23 H N N 319 
THR HXT  H N N 320 
TRP N    N N N 321 
TRP CA   C N S 322 
TRP C    C N N 323 
TRP O    O N N 324 
TRP CB   C N N 325 
TRP CG   C Y N 326 
TRP CD1  C Y N 327 
TRP CD2  C Y N 328 
TRP NE1  N Y N 329 
TRP CE2  C Y N 330 
TRP CE3  C Y N 331 
TRP CZ2  C Y N 332 
TRP CZ3  C Y N 333 
TRP CH2  C Y N 334 
TRP OXT  O N N 335 
TRP H    H N N 336 
TRP H2   H N N 337 
TRP HA   H N N 338 
TRP HB2  H N N 339 
TRP HB3  H N N 340 
TRP HD1  H N N 341 
TRP HE1  H N N 342 
TRP HE3  H N N 343 
TRP HZ2  H N N 344 
TRP HZ3  H N N 345 
TRP HH2  H N N 346 
TRP HXT  H N N 347 
TYR N    N N N 348 
TYR CA   C N S 349 
TYR C    C N N 350 
TYR O    O N N 351 
TYR CB   C N N 352 
TYR CG   C Y N 353 
TYR CD1  C Y N 354 
TYR CD2  C Y N 355 
TYR CE1  C Y N 356 
TYR CE2  C Y N 357 
TYR CZ   C Y N 358 
TYR OH   O N N 359 
TYR OXT  O N N 360 
TYR H    H N N 361 
TYR H2   H N N 362 
TYR HA   H N N 363 
TYR HB2  H N N 364 
TYR HB3  H N N 365 
TYR HD1  H N N 366 
TYR HD2  H N N 367 
TYR HE1  H N N 368 
TYR HE2  H N N 369 
TYR HH   H N N 370 
TYR HXT  H N N 371 
VAL N    N N N 372 
VAL CA   C N S 373 
VAL C    C N N 374 
VAL O    O N N 375 
VAL CB   C N N 376 
VAL CG1  C N N 377 
VAL CG2  C N N 378 
VAL OXT  O N N 379 
VAL H    H N N 380 
VAL H2   H N N 381 
VAL HA   H N N 382 
VAL HB   H N N 383 
VAL HG11 H N N 384 
VAL HG12 H N N 385 
VAL HG13 H N N 386 
VAL HG21 H N N 387 
VAL HG22 H N N 388 
VAL HG23 H N N 389 
VAL HXT  H N N 390 
# 
loop_
_chem_comp_bond.comp_id 
_chem_comp_bond.atom_id_1 
_chem_comp_bond.atom_id_2 
_chem_comp_bond.value_order 
_chem_comp_bond.pdbx_aromatic_flag 
_chem_comp_bond.pdbx_stereo_config 
_chem_comp_bond.pdbx_ordinal 
ALA N   CA   sing N N 1   
ALA N   H    sing N N 2   
ALA N   H2   sing N N 3   
ALA CA  C    sing N N 4   
ALA CA  CB   sing N N 5   
ALA CA  HA   sing N N 6   
ALA C   O    doub N N 7   
ALA C   OXT  sing N N 8   
ALA CB  HB1  sing N N 9   
ALA CB  HB2  sing N N 10  
ALA CB  HB3  sing N N 11  
ALA OXT HXT  sing N N 12  
ARG N   CA   sing N N 13  
ARG N   H    sing N N 14  
ARG N   H2   sing N N 15  
ARG CA  C    sing N N 16  
ARG CA  CB   sing N N 17  
ARG CA  HA   sing N N 18  
ARG C   O    doub N N 19  
ARG C   OXT  sing N N 20  
ARG CB  CG   sing N N 21  
ARG CB  HB2  sing N N 22  
ARG CB  HB3  sing N N 23  
ARG CG  CD   sing N N 24  
ARG CG  HG2  sing N N 25  
ARG CG  HG3  sing N N 26  
ARG CD  NE   sing N N 27  
ARG CD  HD2  sing N N 28  
ARG CD  HD3  sing N N 29  
ARG NE  CZ   sing N N 30  
ARG NE  HE   sing N N 31  
ARG CZ  NH1  sing N N 32  
ARG CZ  NH2  doub N N 33  
ARG NH1 HH11 sing N N 34  
ARG NH1 HH12 sing N N 35  
ARG NH2 HH21 sing N N 36  
ARG NH2 HH22 sing N N 37  
ARG OXT HXT  sing N N 38  
ASN N   CA   sing N N 39  
ASN N   H    sing N N 40  
ASN N   H2   sing N N 41  
ASN CA  C    sing N N 42  
ASN CA  CB   sing N N 43  
ASN CA  HA   sing N N 44  
ASN C   O    doub N N 45  
ASN C   OXT  sing N N 46  
ASN CB  CG   sing N N 47  
ASN CB  HB2  sing N N 48  
ASN CB  HB3  sing N N 49  
ASN CG  OD1  doub N N 50  
ASN CG  ND2  sing N N 51  
ASN ND2 HD21 sing N N 52  
ASN ND2 HD22 sing N N 53  
ASN OXT HXT  sing N N 54  
ASP N   CA   sing N N 55  
ASP N   H    sing N N 56  
ASP N   H2   sing N N 57  
ASP CA  C    sing N N 58  
ASP CA  CB   sing N N 59  
ASP CA  HA   sing N N 60  
ASP C   O    doub N N 61  
ASP C   OXT  sing N N 62  
ASP CB  CG   sing N N 63  
ASP CB  HB2  sing N N 64  
ASP CB  HB3  sing N N 65  
ASP CG  OD1  doub N N 66  
ASP CG  OD2  sing N N 67  
ASP OD2 HD2  sing N N 68  
ASP OXT HXT  sing N N 69  
CYS N   CA   sing N N 70  
CYS N   H    sing N N 71  
CYS N   H2   sing N N 72  
CYS CA  C    sing N N 73  
CYS CA  CB   sing N N 74  
CYS CA  HA   sing N N 75  
CYS C   O    doub N N 76  
CYS C   OXT  sing N N 77  
CYS CB  SG   sing N N 78  
CYS CB  HB2  sing N N 79  
CYS CB  HB3  sing N N 80  
CYS SG  HG   sing N N 81  
CYS OXT HXT  sing N N 82  
GLN N   CA   sing N N 83  
GLN N   H    sing N N 84  
GLN N   H2   sing N N 85  
GLN CA  C    sing N N 86  
GLN CA  CB   sing N N 87  
GLN CA  HA   sing N N 88  
GLN C   O    doub N N 89  
GLN C   OXT  sing N N 90  
GLN CB  CG   sing N N 91  
GLN CB  HB2  sing N N 92  
GLN CB  HB3  sing N N 93  
GLN CG  CD   sing N N 94  
GLN CG  HG2  sing N N 95  
GLN CG  HG3  sing N N 96  
GLN CD  OE1  doub N N 97  
GLN CD  NE2  sing N N 98  
GLN NE2 HE21 sing N N 99  
GLN NE2 HE22 sing N N 100 
GLN OXT HXT  sing N N 101 
GLU N   CA   sing N N 102 
GLU N   H    sing N N 103 
GLU N   H2   sing N N 104 
GLU CA  C    sing N N 105 
GLU CA  CB   sing N N 106 
GLU CA  HA   sing N N 107 
GLU C   O    doub N N 108 
GLU C   OXT  sing N N 109 
GLU CB  CG   sing N N 110 
GLU CB  HB2  sing N N 111 
GLU CB  HB3  sing N N 112 
GLU CG  CD   sing N N 113 
GLU CG  HG2  sing N N 114 
GLU CG  HG3  sing N N 115 
GLU CD  OE1  doub N N 116 
GLU CD  OE2  sing N N 117 
GLU OE2 HE2  sing N N 118 
GLU OXT HXT  sing N N 119 
GLY N   CA   sing N N 120 
GLY N   H    sing N N 121 
GLY N   H2   sing N N 122 
GLY CA  C    sing N N 123 
GLY CA  HA2  sing N N 124 
GLY CA  HA3  sing N N 125 
GLY C   O    doub N N 126 
GLY C   OXT  sing N N 127 
GLY OXT HXT  sing N N 128 
HIS N   CA   sing N N 129 
HIS N   H    sing N N 130 
HIS N   H2   sing N N 131 
HIS CA  C    sing N N 132 
HIS CA  CB   sing N N 133 
HIS CA  HA   sing N N 134 
HIS C   O    doub N N 135 
HIS C   OXT  sing N N 136 
HIS CB  CG   sing N N 137 
HIS CB  HB2  sing N N 138 
HIS CB  HB3  sing N N 139 
HIS CG  ND1  sing Y N 140 
HIS CG  CD2  doub Y N 141 
HIS ND1 CE1  doub Y N 142 
HIS ND1 HD1  sing N N 143 
HIS CD2 NE2  sing Y N 144 
HIS CD2 HD2  sing N N 145 
HIS CE1 NE2  sing Y N 146 
HIS CE1 HE1  sing N N 147 
HIS NE2 HE2  sing N N 148 
HIS OXT HXT  sing N N 149 
HOH O   H1   sing N N 150 
HOH O   H2   sing N N 151 
ILE N   CA   sing N N 152 
ILE N   H    sing N N 153 
ILE N   H2   sing N N 154 
ILE CA  C    sing N N 155 
ILE CA  CB   sing N N 156 
ILE CA  HA   sing N N 157 
ILE C   O    doub N N 158 
ILE C   OXT  sing N N 159 
ILE CB  CG1  sing N N 160 
ILE CB  CG2  sing N N 161 
ILE CB  HB   sing N N 162 
ILE CG1 CD1  sing N N 163 
ILE CG1 HG12 sing N N 164 
ILE CG1 HG13 sing N N 165 
ILE CG2 HG21 sing N N 166 
ILE CG2 HG22 sing N N 167 
ILE CG2 HG23 sing N N 168 
ILE CD1 HD11 sing N N 169 
ILE CD1 HD12 sing N N 170 
ILE CD1 HD13 sing N N 171 
ILE OXT HXT  sing N N 172 
LEU N   CA   sing N N 173 
LEU N   H    sing N N 174 
LEU N   H2   sing N N 175 
LEU CA  C    sing N N 176 
LEU CA  CB   sing N N 177 
LEU CA  HA   sing N N 178 
LEU C   O    doub N N 179 
LEU C   OXT  sing N N 180 
LEU CB  CG   sing N N 181 
LEU CB  HB2  sing N N 182 
LEU CB  HB3  sing N N 183 
LEU CG  CD1  sing N N 184 
LEU CG  CD2  sing N N 185 
LEU CG  HG   sing N N 186 
LEU CD1 HD11 sing N N 187 
LEU CD1 HD12 sing N N 188 
LEU CD1 HD13 sing N N 189 
LEU CD2 HD21 sing N N 190 
LEU CD2 HD22 sing N N 191 
LEU CD2 HD23 sing N N 192 
LEU OXT HXT  sing N N 193 
LYS N   CA   sing N N 194 
LYS N   H    sing N N 195 
LYS N   H2   sing N N 196 
LYS CA  C    sing N N 197 
LYS CA  CB   sing N N 198 
LYS CA  HA   sing N N 199 
LYS C   O    doub N N 200 
LYS C   OXT  sing N N 201 
LYS CB  CG   sing N N 202 
LYS CB  HB2  sing N N 203 
LYS CB  HB3  sing N N 204 
LYS CG  CD   sing N N 205 
LYS CG  HG2  sing N N 206 
LYS CG  HG3  sing N N 207 
LYS CD  CE   sing N N 208 
LYS CD  HD2  sing N N 209 
LYS CD  HD3  sing N N 210 
LYS CE  NZ   sing N N 211 
LYS CE  HE2  sing N N 212 
LYS CE  HE3  sing N N 213 
LYS NZ  HZ1  sing N N 214 
LYS NZ  HZ2  sing N N 215 
LYS NZ  HZ3  sing N N 216 
LYS OXT HXT  sing N N 217 
MET N   CA   sing N N 218 
MET N   H    sing N N 219 
MET N   H2   sing N N 220 
MET CA  C    sing N N 221 
MET CA  CB   sing N N 222 
MET CA  HA   sing N N 223 
MET C   O    doub N N 224 
MET C   OXT  sing N N 225 
MET CB  CG   sing N N 226 
MET CB  HB2  sing N N 227 
MET CB  HB3  sing N N 228 
MET CG  SD   sing N N 229 
MET CG  HG2  sing N N 230 
MET CG  HG3  sing N N 231 
MET SD  CE   sing N N 232 
MET CE  HE1  sing N N 233 
MET CE  HE2  sing N N 234 
MET CE  HE3  sing N N 235 
MET OXT HXT  sing N N 236 
PHE N   CA   sing N N 237 
PHE N   H    sing N N 238 
PHE N   H2   sing N N 239 
PHE CA  C    sing N N 240 
PHE CA  CB   sing N N 241 
PHE CA  HA   sing N N 242 
PHE C   O    doub N N 243 
PHE C   OXT  sing N N 244 
PHE CB  CG   sing N N 245 
PHE CB  HB2  sing N N 246 
PHE CB  HB3  sing N N 247 
PHE CG  CD1  doub Y N 248 
PHE CG  CD2  sing Y N 249 
PHE CD1 CE1  sing Y N 250 
PHE CD1 HD1  sing N N 251 
PHE CD2 CE2  doub Y N 252 
PHE CD2 HD2  sing N N 253 
PHE CE1 CZ   doub Y N 254 
PHE CE1 HE1  sing N N 255 
PHE CE2 CZ   sing Y N 256 
PHE CE2 HE2  sing N N 257 
PHE CZ  HZ   sing N N 258 
PHE OXT HXT  sing N N 259 
PRO N   CA   sing N N 260 
PRO N   CD   sing N N 261 
PRO N   H    sing N N 262 
PRO CA  C    sing N N 263 
PRO CA  CB   sing N N 264 
PRO CA  HA   sing N N 265 
PRO C   O    doub N N 266 
PRO C   OXT  sing N N 267 
PRO CB  CG   sing N N 268 
PRO CB  HB2  sing N N 269 
PRO CB  HB3  sing N N 270 
PRO CG  CD   sing N N 271 
PRO CG  HG2  sing N N 272 
PRO CG  HG3  sing N N 273 
PRO CD  HD2  sing N N 274 
PRO CD  HD3  sing N N 275 
PRO OXT HXT  sing N N 276 
SER N   CA   sing N N 277 
SER N   H    sing N N 278 
SER N   H2   sing N N 279 
SER CA  C    sing N N 280 
SER CA  CB   sing N N 281 
SER CA  HA   sing N N 282 
SER C   O    doub N N 283 
SER C   OXT  sing N N 284 
SER CB  OG   sing N N 285 
SER CB  HB2  sing N N 286 
SER CB  HB3  sing N N 287 
SER OG  HG   sing N N 288 
SER OXT HXT  sing N N 289 
THR N   CA   sing N N 290 
THR N   H    sing N N 291 
THR N   H2   sing N N 292 
THR CA  C    sing N N 293 
THR CA  CB   sing N N 294 
THR CA  HA   sing N N 295 
THR C   O    doub N N 296 
THR C   OXT  sing N N 297 
THR CB  OG1  sing N N 298 
THR CB  CG2  sing N N 299 
THR CB  HB   sing N N 300 
THR OG1 HG1  sing N N 301 
THR CG2 HG21 sing N N 302 
THR CG2 HG22 sing N N 303 
THR CG2 HG23 sing N N 304 
THR OXT HXT  sing N N 305 
TRP N   CA   sing N N 306 
TRP N   H    sing N N 307 
TRP N   H2   sing N N 308 
TRP CA  C    sing N N 309 
TRP CA  CB   sing N N 310 
TRP CA  HA   sing N N 311 
TRP C   O    doub N N 312 
TRP C   OXT  sing N N 313 
TRP CB  CG   sing N N 314 
TRP CB  HB2  sing N N 315 
TRP CB  HB3  sing N N 316 
TRP CG  CD1  doub Y N 317 
TRP CG  CD2  sing Y N 318 
TRP CD1 NE1  sing Y N 319 
TRP CD1 HD1  sing N N 320 
TRP CD2 CE2  doub Y N 321 
TRP CD2 CE3  sing Y N 322 
TRP NE1 CE2  sing Y N 323 
TRP NE1 HE1  sing N N 324 
TRP CE2 CZ2  sing Y N 325 
TRP CE3 CZ3  doub Y N 326 
TRP CE3 HE3  sing N N 327 
TRP CZ2 CH2  doub Y N 328 
TRP CZ2 HZ2  sing N N 329 
TRP CZ3 CH2  sing Y N 330 
TRP CZ3 HZ3  sing N N 331 
TRP CH2 HH2  sing N N 332 
TRP OXT HXT  sing N N 333 
TYR N   CA   sing N N 334 
TYR N   H    sing N N 335 
TYR N   H2   sing N N 336 
TYR CA  C    sing N N 337 
TYR CA  CB   sing N N 338 
TYR CA  HA   sing N N 339 
TYR C   O    doub N N 340 
TYR C   OXT  sing N N 341 
TYR CB  CG   sing N N 342 
TYR CB  HB2  sing N N 343 
TYR CB  HB3  sing N N 344 
TYR CG  CD1  doub Y N 345 
TYR CG  CD2  sing Y N 346 
TYR CD1 CE1  sing Y N 347 
TYR CD1 HD1  sing N N 348 
TYR CD2 CE2  doub Y N 349 
TYR CD2 HD2  sing N N 350 
TYR CE1 CZ   doub Y N 351 
TYR CE1 HE1  sing N N 352 
TYR CE2 CZ   sing Y N 353 
TYR CE2 HE2  sing N N 354 
TYR CZ  OH   sing N N 355 
TYR OH  HH   sing N N 356 
TYR OXT HXT  sing N N 357 
VAL N   CA   sing N N 358 
VAL N   H    sing N N 359 
VAL N   H2   sing N N 360 
VAL CA  C    sing N N 361 
VAL CA  CB   sing N N 362 
VAL CA  HA   sing N N 363 
VAL C   O    doub N N 364 
VAL C   OXT  sing N N 365 
VAL CB  CG1  sing N N 366 
VAL CB  CG2  sing N N 367 
VAL CB  HB   sing N N 368 
VAL CG1 HG11 sing N N 369 
VAL CG1 HG12 sing N N 370 
VAL CG1 HG13 sing N N 371 
VAL CG2 HG21 sing N N 372 
VAL CG2 HG22 sing N N 373 
VAL CG2 HG23 sing N N 374 
VAL OXT HXT  sing N N 375 
# 
_pdbx_audit_support.funding_organization   'Diamond Light Source' 
_pdbx_audit_support.country                'United Kingdom' 
_pdbx_audit_support.grant_number           ? 
_pdbx_audit_support.ordinal                1 
# 
_pdbx_entity_nonpoly.entity_id   2 
_pdbx_entity_nonpoly.name        water 
_pdbx_entity_nonpoly.comp_id     HOH 
# 
_pdbx_struct_assembly_auth_evidence.id                     1 
_pdbx_struct_assembly_auth_evidence.assembly_id            1 
_pdbx_struct_assembly_auth_evidence.experimental_support   'gel filtration' 
_pdbx_struct_assembly_auth_evidence.details                ? 
# 
